data_1XTQ
# 
_entry.id   1XTQ 
# 
_audit_conform.dict_name       mmcif_pdbx.dic 
_audit_conform.dict_version    5.380 
_audit_conform.dict_location   http://mmcif.pdb.org/dictionaries/ascii/mmcif_pdbx.dic 
# 
loop_
_database_2.database_id 
_database_2.database_code 
_database_2.pdbx_database_accession 
_database_2.pdbx_DOI 
PDB   1XTQ         pdb_00001xtq 10.2210/pdb1xtq/pdb 
RCSB  RCSB030758   ?            ?                   
WWPDB D_1000030758 ?            ?                   
# 
loop_
_pdbx_database_related.db_name 
_pdbx_database_related.db_id 
_pdbx_database_related.details 
_pdbx_database_related.content_type 
PDB 1XTR 'the same protein in complex with GppNHp' unspecified 
PDB 1XTS 'the same protein in complex with GTP'    unspecified 
# 
_pdbx_database_status.status_code                     REL 
_pdbx_database_status.entry_id                        1XTQ 
_pdbx_database_status.recvd_initial_deposition_date   2004-10-24 
_pdbx_database_status.deposit_site                    RCSB 
_pdbx_database_status.process_site                    PDBJ 
_pdbx_database_status.status_code_sf                  REL 
_pdbx_database_status.status_code_mr                  ? 
_pdbx_database_status.SG_entry                        ? 
_pdbx_database_status.pdb_format_compatible           Y 
_pdbx_database_status.status_code_cs                  ? 
_pdbx_database_status.methods_development_category    ? 
_pdbx_database_status.status_code_nmr_data            ? 
# 
loop_
_audit_author.name 
_audit_author.pdbx_ordinal 
'Yu, Y.'   1 
'Ding, J.' 2 
# 
_citation.id                        primary 
_citation.title                     'Structural Basis for the Unique Biological Function of Small GTPase RHEB' 
_citation.journal_abbrev            J.Biol.Chem. 
_citation.journal_volume            280 
_citation.page_first                17093 
_citation.page_last                 17100 
_citation.year                      2005 
_citation.journal_id_ASTM           JBCHA3 
_citation.country                   US 
_citation.journal_id_ISSN           0021-9258 
_citation.journal_id_CSD            0071 
_citation.book_publisher            ? 
_citation.pdbx_database_id_PubMed   15728574 
_citation.pdbx_database_id_DOI      10.1074/jbc.M501253200 
# 
loop_
_citation_author.citation_id 
_citation_author.name 
_citation_author.ordinal 
_citation_author.identifier_ORCID 
primary 'Yu, Y.'     1 ? 
primary 'Li, S.'     2 ? 
primary 'Xu, X.'     3 ? 
primary 'Li, Y.'     4 ? 
primary 'Guan, K.'   5 ? 
primary 'Arnold, E.' 6 ? 
primary 'Ding, J.'   7 ? 
# 
_cell.entry_id           1XTQ 
_cell.length_a           44.480 
_cell.length_b           52.260 
_cell.length_c           70.570 
_cell.angle_alpha        90.00 
_cell.angle_beta         90.00 
_cell.angle_gamma        90.00 
_cell.Z_PDB              4 
_cell.pdbx_unique_axis   ? 
# 
_symmetry.entry_id                         1XTQ 
_symmetry.space_group_name_H-M             'P 21 21 21' 
_symmetry.pdbx_full_space_group_name_H-M   ? 
_symmetry.cell_setting                     ? 
_symmetry.Int_Tables_number                19 
_symmetry.space_group_name_Hall            ? 
# 
loop_
_entity.id 
_entity.type 
_entity.src_method 
_entity.pdbx_description 
_entity.formula_weight 
_entity.pdbx_number_of_molecules 
_entity.pdbx_ec 
_entity.pdbx_mutation 
_entity.pdbx_fragment 
_entity.details 
1 polymer     man 'GTP-binding protein Rheb' 20148.965 1   ? ? 'GTPase domain' ? 
2 non-polymer syn 'MAGNESIUM ION'            24.305    1   ? ? ?               ? 
3 non-polymer syn "GUANOSINE-5'-DIPHOSPHATE" 443.201   1   ? ? ?               ? 
4 water       nat water                      18.015    164 ? ? ?               ? 
# 
_entity_name_com.entity_id   1 
_entity_name_com.name        'Ras homolog enriched in brain' 
# 
_entity_poly.entity_id                      1 
_entity_poly.type                           'polypeptide(L)' 
_entity_poly.nstd_linkage                   no 
_entity_poly.nstd_monomer                   no 
_entity_poly.pdbx_seq_one_letter_code       
;MPQSKSRKIAILGYRSVGKSSLTIQFVEGQFVDSYDPTIENTFTKLITVNGQEYHLQLVDTAGQDEYSIFPQTYSIDING
YILVYSVTSIKSFEVIKVIHGKLLDMVGKVQIPIMLVGNKKDLHMERVISYEEGKALAESWNAAFLESSAKENQTAVDVF
RRIILEAEKLEHHHHHH
;
_entity_poly.pdbx_seq_one_letter_code_can   
;MPQSKSRKIAILGYRSVGKSSLTIQFVEGQFVDSYDPTIENTFTKLITVNGQEYHLQLVDTAGQDEYSIFPQTYSIDING
YILVYSVTSIKSFEVIKVIHGKLLDMVGKVQIPIMLVGNKKDLHMERVISYEEGKALAESWNAAFLESSAKENQTAVDVF
RRIILEAEKLEHHHHHH
;
_entity_poly.pdbx_strand_id                 A 
_entity_poly.pdbx_target_identifier         ? 
# 
loop_
_entity_poly_seq.entity_id 
_entity_poly_seq.num 
_entity_poly_seq.mon_id 
_entity_poly_seq.hetero 
1 1   MET n 
1 2   PRO n 
1 3   GLN n 
1 4   SER n 
1 5   LYS n 
1 6   SER n 
1 7   ARG n 
1 8   LYS n 
1 9   ILE n 
1 10  ALA n 
1 11  ILE n 
1 12  LEU n 
1 13  GLY n 
1 14  TYR n 
1 15  ARG n 
1 16  SER n 
1 17  VAL n 
1 18  GLY n 
1 19  LYS n 
1 20  SER n 
1 21  SER n 
1 22  LEU n 
1 23  THR n 
1 24  ILE n 
1 25  GLN n 
1 26  PHE n 
1 27  VAL n 
1 28  GLU n 
1 29  GLY n 
1 30  GLN n 
1 31  PHE n 
1 32  VAL n 
1 33  ASP n 
1 34  SER n 
1 35  TYR n 
1 36  ASP n 
1 37  PRO n 
1 38  THR n 
1 39  ILE n 
1 40  GLU n 
1 41  ASN n 
1 42  THR n 
1 43  PHE n 
1 44  THR n 
1 45  LYS n 
1 46  LEU n 
1 47  ILE n 
1 48  THR n 
1 49  VAL n 
1 50  ASN n 
1 51  GLY n 
1 52  GLN n 
1 53  GLU n 
1 54  TYR n 
1 55  HIS n 
1 56  LEU n 
1 57  GLN n 
1 58  LEU n 
1 59  VAL n 
1 60  ASP n 
1 61  THR n 
1 62  ALA n 
1 63  GLY n 
1 64  GLN n 
1 65  ASP n 
1 66  GLU n 
1 67  TYR n 
1 68  SER n 
1 69  ILE n 
1 70  PHE n 
1 71  PRO n 
1 72  GLN n 
1 73  THR n 
1 74  TYR n 
1 75  SER n 
1 76  ILE n 
1 77  ASP n 
1 78  ILE n 
1 79  ASN n 
1 80  GLY n 
1 81  TYR n 
1 82  ILE n 
1 83  LEU n 
1 84  VAL n 
1 85  TYR n 
1 86  SER n 
1 87  VAL n 
1 88  THR n 
1 89  SER n 
1 90  ILE n 
1 91  LYS n 
1 92  SER n 
1 93  PHE n 
1 94  GLU n 
1 95  VAL n 
1 96  ILE n 
1 97  LYS n 
1 98  VAL n 
1 99  ILE n 
1 100 HIS n 
1 101 GLY n 
1 102 LYS n 
1 103 LEU n 
1 104 LEU n 
1 105 ASP n 
1 106 MET n 
1 107 VAL n 
1 108 GLY n 
1 109 LYS n 
1 110 VAL n 
1 111 GLN n 
1 112 ILE n 
1 113 PRO n 
1 114 ILE n 
1 115 MET n 
1 116 LEU n 
1 117 VAL n 
1 118 GLY n 
1 119 ASN n 
1 120 LYS n 
1 121 LYS n 
1 122 ASP n 
1 123 LEU n 
1 124 HIS n 
1 125 MET n 
1 126 GLU n 
1 127 ARG n 
1 128 VAL n 
1 129 ILE n 
1 130 SER n 
1 131 TYR n 
1 132 GLU n 
1 133 GLU n 
1 134 GLY n 
1 135 LYS n 
1 136 ALA n 
1 137 LEU n 
1 138 ALA n 
1 139 GLU n 
1 140 SER n 
1 141 TRP n 
1 142 ASN n 
1 143 ALA n 
1 144 ALA n 
1 145 PHE n 
1 146 LEU n 
1 147 GLU n 
1 148 SER n 
1 149 SER n 
1 150 ALA n 
1 151 LYS n 
1 152 GLU n 
1 153 ASN n 
1 154 GLN n 
1 155 THR n 
1 156 ALA n 
1 157 VAL n 
1 158 ASP n 
1 159 VAL n 
1 160 PHE n 
1 161 ARG n 
1 162 ARG n 
1 163 ILE n 
1 164 ILE n 
1 165 LEU n 
1 166 GLU n 
1 167 ALA n 
1 168 GLU n 
1 169 LYS n 
1 170 LEU n 
1 171 GLU n 
1 172 HIS n 
1 173 HIS n 
1 174 HIS n 
1 175 HIS n 
1 176 HIS n 
1 177 HIS n 
# 
_entity_src_gen.entity_id                          1 
_entity_src_gen.pdbx_src_id                        1 
_entity_src_gen.pdbx_alt_source_flag               sample 
_entity_src_gen.pdbx_seq_type                      ? 
_entity_src_gen.pdbx_beg_seq_num                   ? 
_entity_src_gen.pdbx_end_seq_num                   ? 
_entity_src_gen.gene_src_common_name               human 
_entity_src_gen.gene_src_genus                     Homo 
_entity_src_gen.pdbx_gene_src_gene                 Rheb 
_entity_src_gen.gene_src_species                   ? 
_entity_src_gen.gene_src_strain                    ? 
_entity_src_gen.gene_src_tissue                    ? 
_entity_src_gen.gene_src_tissue_fraction           ? 
_entity_src_gen.gene_src_details                   ? 
_entity_src_gen.pdbx_gene_src_fragment             ? 
_entity_src_gen.pdbx_gene_src_scientific_name      'Homo sapiens' 
_entity_src_gen.pdbx_gene_src_ncbi_taxonomy_id     9606 
_entity_src_gen.pdbx_gene_src_variant              ? 
_entity_src_gen.pdbx_gene_src_cell_line            ? 
_entity_src_gen.pdbx_gene_src_atcc                 ? 
_entity_src_gen.pdbx_gene_src_organ                ? 
_entity_src_gen.pdbx_gene_src_organelle            ? 
_entity_src_gen.pdbx_gene_src_cell                 ? 
_entity_src_gen.pdbx_gene_src_cellular_location    ? 
_entity_src_gen.host_org_common_name               ? 
_entity_src_gen.pdbx_host_org_scientific_name      'Escherichia coli BL21(DE3)' 
_entity_src_gen.pdbx_host_org_ncbi_taxonomy_id     469008 
_entity_src_gen.host_org_genus                     Escherichia 
_entity_src_gen.pdbx_host_org_gene                 ? 
_entity_src_gen.pdbx_host_org_organ                ? 
_entity_src_gen.host_org_species                   'Escherichia coli' 
_entity_src_gen.pdbx_host_org_tissue               ? 
_entity_src_gen.pdbx_host_org_tissue_fraction      ? 
_entity_src_gen.pdbx_host_org_strain               'BL21(DE3)' 
_entity_src_gen.pdbx_host_org_variant              ? 
_entity_src_gen.pdbx_host_org_cell_line            ? 
_entity_src_gen.pdbx_host_org_atcc                 ? 
_entity_src_gen.pdbx_host_org_culture_collection   ? 
_entity_src_gen.pdbx_host_org_cell                 ? 
_entity_src_gen.pdbx_host_org_organelle            ? 
_entity_src_gen.pdbx_host_org_cellular_location    ? 
_entity_src_gen.pdbx_host_org_vector_type          plasmid 
_entity_src_gen.pdbx_host_org_vector               ? 
_entity_src_gen.host_org_details                   ? 
_entity_src_gen.expression_system_id               ? 
_entity_src_gen.plasmid_name                       'pET22b(+)' 
_entity_src_gen.plasmid_details                    ? 
_entity_src_gen.pdbx_description                   ? 
# 
_struct_ref.id                         1 
_struct_ref.db_name                    UNP 
_struct_ref.db_code                    RHEB_HUMAN 
_struct_ref.pdbx_db_accession          Q15382 
_struct_ref.entity_id                  1 
_struct_ref.pdbx_seq_one_letter_code   
;MPQSKSRKIAILGYRSVGKSSLTIQFVEGQFVDSYDPTIENTFTKLITVNGQEYHLQLVDTAGQDEYSIFPQTYSIDING
YILVYSVTSIKSFEVIKVIHGKLLDMVGKVQIPIMLVGNKKDLHMERVISYEEGKALAESWNAAFLESSAKENQTAVDVF
RRIILEAEK
;
_struct_ref.pdbx_align_begin           1 
_struct_ref.pdbx_db_isoform            ? 
# 
_struct_ref_seq.align_id                      1 
_struct_ref_seq.ref_id                        1 
_struct_ref_seq.pdbx_PDB_id_code              1XTQ 
_struct_ref_seq.pdbx_strand_id                A 
_struct_ref_seq.seq_align_beg                 1 
_struct_ref_seq.pdbx_seq_align_beg_ins_code   ? 
_struct_ref_seq.seq_align_end                 169 
_struct_ref_seq.pdbx_seq_align_end_ins_code   ? 
_struct_ref_seq.pdbx_db_accession             Q15382 
_struct_ref_seq.db_align_beg                  1 
_struct_ref_seq.pdbx_db_align_beg_ins_code    ? 
_struct_ref_seq.db_align_end                  169 
_struct_ref_seq.pdbx_db_align_end_ins_code    ? 
_struct_ref_seq.pdbx_auth_seq_align_beg       1 
_struct_ref_seq.pdbx_auth_seq_align_end       169 
# 
loop_
_struct_ref_seq_dif.align_id 
_struct_ref_seq_dif.pdbx_pdb_id_code 
_struct_ref_seq_dif.mon_id 
_struct_ref_seq_dif.pdbx_pdb_strand_id 
_struct_ref_seq_dif.seq_num 
_struct_ref_seq_dif.pdbx_pdb_ins_code 
_struct_ref_seq_dif.pdbx_seq_db_name 
_struct_ref_seq_dif.pdbx_seq_db_accession_code 
_struct_ref_seq_dif.db_mon_id 
_struct_ref_seq_dif.pdbx_seq_db_seq_num 
_struct_ref_seq_dif.details 
_struct_ref_seq_dif.pdbx_auth_seq_num 
_struct_ref_seq_dif.pdbx_ordinal 
1 1XTQ LEU A 170 ? UNP Q15382 ? ? 'expression tag' 170 1 
1 1XTQ GLU A 171 ? UNP Q15382 ? ? 'expression tag' 171 2 
1 1XTQ HIS A 172 ? UNP Q15382 ? ? 'expression tag' 172 3 
1 1XTQ HIS A 173 ? UNP Q15382 ? ? 'expression tag' 173 4 
1 1XTQ HIS A 174 ? UNP Q15382 ? ? 'expression tag' 174 5 
1 1XTQ HIS A 175 ? UNP Q15382 ? ? 'expression tag' 175 6 
1 1XTQ HIS A 176 ? UNP Q15382 ? ? 'expression tag' 176 7 
1 1XTQ HIS A 177 ? UNP Q15382 ? ? 'expression tag' 177 8 
# 
loop_
_chem_comp.id 
_chem_comp.type 
_chem_comp.mon_nstd_flag 
_chem_comp.name 
_chem_comp.pdbx_synonyms 
_chem_comp.formula 
_chem_comp.formula_weight 
ALA 'L-peptide linking' y ALANINE                    ? 'C3 H7 N O2'        89.093  
ARG 'L-peptide linking' y ARGININE                   ? 'C6 H15 N4 O2 1'    175.209 
ASN 'L-peptide linking' y ASPARAGINE                 ? 'C4 H8 N2 O3'       132.118 
ASP 'L-peptide linking' y 'ASPARTIC ACID'            ? 'C4 H7 N O4'        133.103 
GDP 'RNA linking'       n "GUANOSINE-5'-DIPHOSPHATE" ? 'C10 H15 N5 O11 P2' 443.201 
GLN 'L-peptide linking' y GLUTAMINE                  ? 'C5 H10 N2 O3'      146.144 
GLU 'L-peptide linking' y 'GLUTAMIC ACID'            ? 'C5 H9 N O4'        147.129 
GLY 'peptide linking'   y GLYCINE                    ? 'C2 H5 N O2'        75.067  
HIS 'L-peptide linking' y HISTIDINE                  ? 'C6 H10 N3 O2 1'    156.162 
HOH non-polymer         . WATER                      ? 'H2 O'              18.015  
ILE 'L-peptide linking' y ISOLEUCINE                 ? 'C6 H13 N O2'       131.173 
LEU 'L-peptide linking' y LEUCINE                    ? 'C6 H13 N O2'       131.173 
LYS 'L-peptide linking' y LYSINE                     ? 'C6 H15 N2 O2 1'    147.195 
MET 'L-peptide linking' y METHIONINE                 ? 'C5 H11 N O2 S'     149.211 
MG  non-polymer         . 'MAGNESIUM ION'            ? 'Mg 2'              24.305  
PHE 'L-peptide linking' y PHENYLALANINE              ? 'C9 H11 N O2'       165.189 
PRO 'L-peptide linking' y PROLINE                    ? 'C5 H9 N O2'        115.130 
SER 'L-peptide linking' y SERINE                     ? 'C3 H7 N O3'        105.093 
THR 'L-peptide linking' y THREONINE                  ? 'C4 H9 N O3'        119.119 
TRP 'L-peptide linking' y TRYPTOPHAN                 ? 'C11 H12 N2 O2'     204.225 
TYR 'L-peptide linking' y TYROSINE                   ? 'C9 H11 N O3'       181.189 
VAL 'L-peptide linking' y VALINE                     ? 'C5 H11 N O2'       117.146 
# 
_exptl.entry_id          1XTQ 
_exptl.method            'X-RAY DIFFRACTION' 
_exptl.crystals_number   1 
# 
_exptl_crystal.id                    1 
_exptl_crystal.density_meas          ? 
_exptl_crystal.density_Matthews      2.1 
_exptl_crystal.density_percent_sol   40.1 
_exptl_crystal.description           ? 
_exptl_crystal.F_000                 ? 
_exptl_crystal.preparation           ? 
# 
_exptl_crystal_grow.crystal_id      1 
_exptl_crystal_grow.method          'VAPOR DIFFUSION, HANGING DROP' 
_exptl_crystal_grow.temp            277 
_exptl_crystal_grow.temp_details    ? 
_exptl_crystal_grow.pH              4.6 
_exptl_crystal_grow.pdbx_details    
'potassium dihydrogenphosphate, PEG 8000, pH 4.6, VAPOR DIFFUSION, HANGING DROP, temperature 277K' 
_exptl_crystal_grow.pdbx_pH_range   . 
# 
_diffrn.id                     1 
_diffrn.ambient_temp           100 
_diffrn.ambient_temp_details   ? 
_diffrn.crystal_id             1 
# 
_diffrn_detector.diffrn_id              1 
_diffrn_detector.detector               'IMAGE PLATE' 
_diffrn_detector.type                   'RIGAKU RAXIS IV' 
_diffrn_detector.pdbx_collection_date   2004-01-30 
_diffrn_detector.details                'osmic mirrors' 
# 
_diffrn_radiation.diffrn_id                        1 
_diffrn_radiation.wavelength_id                    1 
_diffrn_radiation.pdbx_monochromatic_or_laue_m_l   M 
_diffrn_radiation.monochromator                    'Ni filter' 
_diffrn_radiation.pdbx_diffrn_protocol             'SINGLE WAVELENGTH' 
_diffrn_radiation.pdbx_scattering_type             x-ray 
# 
_diffrn_radiation_wavelength.id           1 
_diffrn_radiation_wavelength.wavelength   1.5418 
_diffrn_radiation_wavelength.wt           1.0 
# 
_diffrn_source.diffrn_id                   1 
_diffrn_source.source                      'ROTATING ANODE' 
_diffrn_source.type                        RIGAKU 
_diffrn_source.pdbx_synchrotron_site       ? 
_diffrn_source.pdbx_synchrotron_beamline   ? 
_diffrn_source.pdbx_wavelength             ? 
_diffrn_source.pdbx_wavelength_list        1.5418 
# 
_reflns.entry_id                     1XTQ 
_reflns.observed_criterion_sigma_F   0.0 
_reflns.observed_criterion_sigma_I   0.0 
_reflns.d_resolution_high            2.0 
_reflns.d_resolution_low             14.8 
_reflns.number_all                   11457 
_reflns.number_obs                   11457 
_reflns.percent_possible_obs         98.9 
_reflns.pdbx_Rmerge_I_obs            0.029 
_reflns.pdbx_Rsym_value              ? 
_reflns.pdbx_netI_over_sigmaI        18.6 
_reflns.B_iso_Wilson_estimate        20.1 
_reflns.pdbx_redundancy              2.6 
_reflns.R_free_details               ? 
_reflns.limit_h_max                  ? 
_reflns.limit_h_min                  ? 
_reflns.limit_k_max                  ? 
_reflns.limit_k_min                  ? 
_reflns.limit_l_max                  ? 
_reflns.limit_l_min                  ? 
_reflns.observed_criterion_F_max     ? 
_reflns.observed_criterion_F_min     ? 
_reflns.pdbx_chi_squared             ? 
_reflns.pdbx_scaling_rejects         ? 
_reflns.pdbx_diffrn_id               1 
_reflns.pdbx_ordinal                 1 
# 
_reflns_shell.d_res_high             2.00 
_reflns_shell.d_res_low              2.07 
_reflns_shell.percent_possible_all   98.7 
_reflns_shell.Rmerge_I_obs           0.122 
_reflns_shell.pdbx_Rsym_value        ? 
_reflns_shell.meanI_over_sigI_obs    4.9 
_reflns_shell.pdbx_redundancy        2.5 
_reflns_shell.percent_possible_obs   ? 
_reflns_shell.number_unique_all      1126 
_reflns_shell.number_measured_all    ? 
_reflns_shell.number_measured_obs    ? 
_reflns_shell.number_unique_obs      ? 
_reflns_shell.pdbx_chi_squared       ? 
_reflns_shell.pdbx_diffrn_id         ? 
_reflns_shell.pdbx_ordinal           1 
# 
_refine.entry_id                                 1XTQ 
_refine.ls_d_res_high                            2.00 
_refine.ls_d_res_low                             14.8 
_refine.pdbx_ls_sigma_F                          0.0 
_refine.pdbx_ls_sigma_I                          0.0 
_refine.ls_number_reflns_all                     11436 
_refine.ls_number_reflns_obs                     11436 
_refine.ls_number_reflns_R_free                  575 
_refine.ls_percent_reflns_obs                    98.8 
_refine.ls_R_factor_all                          ? 
_refine.ls_R_factor_obs                          ? 
_refine.ls_R_factor_R_work                       0.219 
_refine.ls_R_factor_R_free                       0.257 
_refine.ls_redundancy_reflns_obs                 ? 
_refine.pdbx_data_cutoff_high_absF               ? 
_refine.pdbx_data_cutoff_low_absF                ? 
_refine.ls_number_parameters                     ? 
_refine.ls_number_restraints                     ? 
_refine.ls_percent_reflns_R_free                 ? 
_refine.ls_R_factor_R_free_error                 ? 
_refine.ls_R_factor_R_free_error_details         ? 
_refine.pdbx_method_to_determine_struct          'MOLECULAR REPLACEMENT' 
_refine.pdbx_starting_model                      'PDB entries 1KAO, 1GUA' 
_refine.pdbx_ls_cross_valid_method               THROUGHOUT 
_refine.pdbx_R_Free_selection_details            random 
_refine.pdbx_stereochem_target_val_spec_case     ? 
_refine.pdbx_stereochemistry_target_values       'Engh & Huber' 
_refine.solvent_model_details                    ? 
_refine.solvent_model_param_bsol                 ? 
_refine.solvent_model_param_ksol                 ? 
_refine.occupancy_max                            ? 
_refine.occupancy_min                            ? 
_refine.pdbx_isotropic_thermal_model             isotropic 
_refine.B_iso_mean                               30.2 
_refine.aniso_B[1][1]                            ? 
_refine.aniso_B[1][2]                            ? 
_refine.aniso_B[1][3]                            ? 
_refine.aniso_B[2][2]                            ? 
_refine.aniso_B[2][3]                            ? 
_refine.aniso_B[3][3]                            ? 
_refine.details                                  'Used weighted full matrix least squares procedure.' 
_refine.B_iso_min                                ? 
_refine.B_iso_max                                ? 
_refine.correlation_coeff_Fo_to_Fc               ? 
_refine.correlation_coeff_Fo_to_Fc_free          ? 
_refine.pdbx_solvent_vdw_probe_radii             ? 
_refine.pdbx_solvent_ion_probe_radii             ? 
_refine.pdbx_solvent_shrinkage_radii             ? 
_refine.overall_SU_R_Cruickshank_DPI             ? 
_refine.overall_SU_R_free                        ? 
_refine.overall_SU_B                             ? 
_refine.overall_SU_ML                            ? 
_refine.pdbx_overall_ESU_R                       ? 
_refine.pdbx_overall_ESU_R_Free                  ? 
_refine.pdbx_data_cutoff_high_rms_absF           ? 
_refine.ls_wR_factor_R_free                      ? 
_refine.ls_wR_factor_R_work                      ? 
_refine.overall_FOM_free_R_set                   ? 
_refine.overall_FOM_work_R_set                   ? 
_refine.pdbx_refine_id                           'X-RAY DIFFRACTION' 
_refine.pdbx_diffrn_id                           1 
_refine.pdbx_TLS_residual_ADP_flag               ? 
_refine.pdbx_overall_phase_error                 ? 
_refine.pdbx_overall_SU_R_free_Cruickshank_DPI   ? 
_refine.pdbx_overall_SU_R_Blow_DPI               ? 
_refine.pdbx_overall_SU_R_free_Blow_DPI          ? 
# 
_refine_analyze.entry_id                        1XTQ 
_refine_analyze.Luzzati_coordinate_error_obs    0.25 
_refine_analyze.Luzzati_sigma_a_obs             0.22 
_refine_analyze.Luzzati_d_res_low_obs           6.00 
_refine_analyze.Luzzati_coordinate_error_free   0.32 
_refine_analyze.Luzzati_sigma_a_free            0.26 
_refine_analyze.Luzzati_d_res_low_free          ? 
_refine_analyze.number_disordered_residues      ? 
_refine_analyze.occupancy_sum_non_hydrogen      ? 
_refine_analyze.occupancy_sum_hydrogen          ? 
_refine_analyze.pdbx_Luzzati_d_res_high_obs     ? 
_refine_analyze.pdbx_refine_id                  'X-RAY DIFFRACTION' 
# 
_refine_hist.pdbx_refine_id                   'X-RAY DIFFRACTION' 
_refine_hist.cycle_id                         LAST 
_refine_hist.pdbx_number_atoms_protein        1344 
_refine_hist.pdbx_number_atoms_nucleic_acid   0 
_refine_hist.pdbx_number_atoms_ligand         29 
_refine_hist.number_atoms_solvent             164 
_refine_hist.number_atoms_total               1537 
_refine_hist.d_res_high                       2.00 
_refine_hist.d_res_low                        14.8 
# 
loop_
_refine_ls_restr.type 
_refine_ls_restr.dev_ideal 
_refine_ls_restr.dev_ideal_target 
_refine_ls_restr.weight 
_refine_ls_restr.number 
_refine_ls_restr.pdbx_refine_id 
_refine_ls_restr.pdbx_restraint_function 
c_improper_angle_d 0.75  ? ? ? 'X-RAY DIFFRACTION' ? 
c_dihedral_angle_d 22.6  ? ? ? 'X-RAY DIFFRACTION' ? 
c_bond_d           0.005 ? ? ? 'X-RAY DIFFRACTION' ? 
c_angle_deg        1.2   ? ? ? 'X-RAY DIFFRACTION' ? 
# 
loop_
_refine_ls_shell.pdbx_total_number_of_bins_used 
_refine_ls_shell.d_res_high 
_refine_ls_shell.d_res_low 
_refine_ls_shell.number_reflns_R_work 
_refine_ls_shell.R_factor_R_work 
_refine_ls_shell.percent_reflns_obs 
_refine_ls_shell.R_factor_R_free 
_refine_ls_shell.R_factor_R_free_error 
_refine_ls_shell.percent_reflns_R_free 
_refine_ls_shell.number_reflns_R_free 
_refine_ls_shell.number_reflns_obs 
_refine_ls_shell.redundancy_reflns_obs 
_refine_ls_shell.number_reflns_all 
_refine_ls_shell.pdbx_refine_id 
_refine_ls_shell.R_factor_all 
6 2.00 2.12  . 0.2945 . 0.3842 . . 85  1864 . . 'X-RAY DIFFRACTION' . 
6 2.12 2.29  . 0.2472 . 0.3032 . . 102 1896 . . 'X-RAY DIFFRACTION' . 
6 2.29 2.52  . 0.2374 . 0.3144 . . 84  1903 . . 'X-RAY DIFFRACTION' . 
6 2.52 2.88  . 0.2344 . 0.3043 . . 105 1901 . . 'X-RAY DIFFRACTION' . 
6 2.88 3.62  . 0.2157 . 0.2337 . . 105 1939 . . 'X-RAY DIFFRACTION' . 
6 3.62 14.80 . 0.1806 . 0.1937 . . 94  1932 . . 'X-RAY DIFFRACTION' . 
# 
_struct.entry_id                  1XTQ 
_struct.title                     'Structure of small GTPase human Rheb in complex with GDP' 
_struct.pdbx_model_details        ? 
_struct.pdbx_CASP_flag            ? 
_struct.pdbx_model_type_details   ? 
# 
_struct_keywords.entry_id        1XTQ 
_struct_keywords.pdbx_keywords   'SIGNALING PROTEIN' 
_struct_keywords.text            'beta saddle, P-loop, SIGNALING PROTEIN' 
# 
loop_
_struct_asym.id 
_struct_asym.pdbx_blank_PDB_chainid_flag 
_struct_asym.pdbx_modified 
_struct_asym.entity_id 
_struct_asym.details 
A N N 1 ? 
B N N 2 ? 
C N N 3 ? 
D N N 4 ? 
# 
_struct_biol.id                    1 
_struct_biol.pdbx_parent_biol_id   ? 
_struct_biol.details               ? 
# 
loop_
_struct_conf.conf_type_id 
_struct_conf.id 
_struct_conf.pdbx_PDB_helix_id 
_struct_conf.beg_label_comp_id 
_struct_conf.beg_label_asym_id 
_struct_conf.beg_label_seq_id 
_struct_conf.pdbx_beg_PDB_ins_code 
_struct_conf.end_label_comp_id 
_struct_conf.end_label_asym_id 
_struct_conf.end_label_seq_id 
_struct_conf.pdbx_end_PDB_ins_code 
_struct_conf.beg_auth_comp_id 
_struct_conf.beg_auth_asym_id 
_struct_conf.beg_auth_seq_id 
_struct_conf.end_auth_comp_id 
_struct_conf.end_auth_asym_id 
_struct_conf.end_auth_seq_id 
_struct_conf.pdbx_PDB_helix_class 
_struct_conf.details 
_struct_conf.pdbx_PDB_helix_length 
HELX_P HELX_P1 1 GLY A 18  ? GLY A 29  ? GLY A 18  GLY A 29  1 ? 12 
HELX_P HELX_P2 2 PRO A 71  ? SER A 75  ? PRO A 71  SER A 75  5 ? 5  
HELX_P HELX_P3 3 SER A 89  ? GLY A 108 ? SER A 89  GLY A 108 1 ? 20 
HELX_P HELX_P4 4 LEU A 123 ? ARG A 127 ? LEU A 123 ARG A 127 5 ? 5  
HELX_P HELX_P5 5 SER A 130 ? ASN A 142 ? SER A 130 ASN A 142 1 ? 13 
HELX_P HELX_P6 6 GLU A 152 ? GLU A 171 ? GLU A 152 GLU A 171 1 ? 20 
# 
_struct_conf_type.id          HELX_P 
_struct_conf_type.criteria    ? 
_struct_conf_type.reference   ? 
# 
loop_
_struct_conn.id 
_struct_conn.conn_type_id 
_struct_conn.pdbx_leaving_atom_flag 
_struct_conn.pdbx_PDB_id 
_struct_conn.ptnr1_label_asym_id 
_struct_conn.ptnr1_label_comp_id 
_struct_conn.ptnr1_label_seq_id 
_struct_conn.ptnr1_label_atom_id 
_struct_conn.pdbx_ptnr1_label_alt_id 
_struct_conn.pdbx_ptnr1_PDB_ins_code 
_struct_conn.pdbx_ptnr1_standard_comp_id 
_struct_conn.ptnr1_symmetry 
_struct_conn.ptnr2_label_asym_id 
_struct_conn.ptnr2_label_comp_id 
_struct_conn.ptnr2_label_seq_id 
_struct_conn.ptnr2_label_atom_id 
_struct_conn.pdbx_ptnr2_label_alt_id 
_struct_conn.pdbx_ptnr2_PDB_ins_code 
_struct_conn.ptnr1_auth_asym_id 
_struct_conn.ptnr1_auth_comp_id 
_struct_conn.ptnr1_auth_seq_id 
_struct_conn.ptnr2_auth_asym_id 
_struct_conn.ptnr2_auth_comp_id 
_struct_conn.ptnr2_auth_seq_id 
_struct_conn.ptnr2_symmetry 
_struct_conn.pdbx_ptnr3_label_atom_id 
_struct_conn.pdbx_ptnr3_label_seq_id 
_struct_conn.pdbx_ptnr3_label_comp_id 
_struct_conn.pdbx_ptnr3_label_asym_id 
_struct_conn.pdbx_ptnr3_label_alt_id 
_struct_conn.pdbx_ptnr3_PDB_ins_code 
_struct_conn.details 
_struct_conn.pdbx_dist_value 
_struct_conn.pdbx_value_order 
_struct_conn.pdbx_role 
metalc1 metalc ? ? A SER 20 OG  ? ? ? 1_555 B MG  . MG ? ? A SER 20  A MG  202 1_555 ? ? ? ? ? ? ? 2.347 ? ? 
metalc2 metalc ? ? C GDP .  O3B ? ? ? 1_555 B MG  . MG ? ? A GDP 201 A MG  202 1_555 ? ? ? ? ? ? ? 2.417 ? ? 
metalc3 metalc ? ? B MG  .  MG  ? ? ? 1_555 D HOH . O  ? ? A MG  202 A HOH 203 1_555 ? ? ? ? ? ? ? 2.381 ? ? 
metalc4 metalc ? ? B MG  .  MG  ? ? ? 1_555 D HOH . O  ? ? A MG  202 A HOH 204 1_555 ? ? ? ? ? ? ? 2.362 ? ? 
metalc5 metalc ? ? B MG  .  MG  ? ? ? 1_555 D HOH . O  ? ? A MG  202 A HOH 205 1_555 ? ? ? ? ? ? ? 2.362 ? ? 
metalc6 metalc ? ? B MG  .  MG  ? ? ? 1_555 D HOH . O  ? ? A MG  202 A HOH 206 1_555 ? ? ? ? ? ? ? 2.422 ? ? 
# 
_struct_conn_type.id          metalc 
_struct_conn_type.criteria    ? 
_struct_conn_type.reference   ? 
# 
_struct_sheet.id               A 
_struct_sheet.type             ? 
_struct_sheet.number_strands   6 
_struct_sheet.details          ? 
# 
loop_
_struct_sheet_order.sheet_id 
_struct_sheet_order.range_id_1 
_struct_sheet_order.range_id_2 
_struct_sheet_order.offset 
_struct_sheet_order.sense 
A 1 2 ? anti-parallel 
A 2 3 ? parallel      
A 3 4 ? parallel      
A 4 5 ? parallel      
A 5 6 ? parallel      
# 
loop_
_struct_sheet_range.sheet_id 
_struct_sheet_range.id 
_struct_sheet_range.beg_label_comp_id 
_struct_sheet_range.beg_label_asym_id 
_struct_sheet_range.beg_label_seq_id 
_struct_sheet_range.pdbx_beg_PDB_ins_code 
_struct_sheet_range.end_label_comp_id 
_struct_sheet_range.end_label_asym_id 
_struct_sheet_range.end_label_seq_id 
_struct_sheet_range.pdbx_end_PDB_ins_code 
_struct_sheet_range.beg_auth_comp_id 
_struct_sheet_range.beg_auth_asym_id 
_struct_sheet_range.beg_auth_seq_id 
_struct_sheet_range.end_auth_comp_id 
_struct_sheet_range.end_auth_asym_id 
_struct_sheet_range.end_auth_seq_id 
A 1 ASN A 41  ? VAL A 49  ? ASN A 41  VAL A 49  
A 2 GLN A 52  ? ASP A 60  ? GLN A 52  ASP A 60  
A 3 LYS A 5   ? GLY A 13  ? LYS A 5   GLY A 13  
A 4 GLY A 80  ? SER A 86  ? GLY A 80  SER A 86  
A 5 ILE A 114 ? ASN A 119 ? ILE A 114 ASN A 119 
A 6 ALA A 144 ? GLU A 147 ? ALA A 144 GLU A 147 
# 
loop_
_pdbx_struct_sheet_hbond.sheet_id 
_pdbx_struct_sheet_hbond.range_id_1 
_pdbx_struct_sheet_hbond.range_id_2 
_pdbx_struct_sheet_hbond.range_1_label_atom_id 
_pdbx_struct_sheet_hbond.range_1_label_comp_id 
_pdbx_struct_sheet_hbond.range_1_label_asym_id 
_pdbx_struct_sheet_hbond.range_1_label_seq_id 
_pdbx_struct_sheet_hbond.range_1_PDB_ins_code 
_pdbx_struct_sheet_hbond.range_1_auth_atom_id 
_pdbx_struct_sheet_hbond.range_1_auth_comp_id 
_pdbx_struct_sheet_hbond.range_1_auth_asym_id 
_pdbx_struct_sheet_hbond.range_1_auth_seq_id 
_pdbx_struct_sheet_hbond.range_2_label_atom_id 
_pdbx_struct_sheet_hbond.range_2_label_comp_id 
_pdbx_struct_sheet_hbond.range_2_label_asym_id 
_pdbx_struct_sheet_hbond.range_2_label_seq_id 
_pdbx_struct_sheet_hbond.range_2_PDB_ins_code 
_pdbx_struct_sheet_hbond.range_2_auth_atom_id 
_pdbx_struct_sheet_hbond.range_2_auth_comp_id 
_pdbx_struct_sheet_hbond.range_2_auth_asym_id 
_pdbx_struct_sheet_hbond.range_2_auth_seq_id 
A 1 2 N LYS A 45  ? N LYS A 45  O LEU A 56  ? O LEU A 56  
A 2 3 O VAL A 59  ? O VAL A 59  N ILE A 9   ? N ILE A 9   
A 3 4 N LEU A 12  ? N LEU A 12  O ILE A 82  ? O ILE A 82  
A 4 5 N LEU A 83  ? N LEU A 83  O VAL A 117 ? O VAL A 117 
A 5 6 N LEU A 116 ? N LEU A 116 O ALA A 144 ? O ALA A 144 
# 
loop_
_struct_site.id 
_struct_site.pdbx_evidence_code 
_struct_site.pdbx_auth_asym_id 
_struct_site.pdbx_auth_comp_id 
_struct_site.pdbx_auth_seq_id 
_struct_site.pdbx_auth_ins_code 
_struct_site.pdbx_num_residues 
_struct_site.details 
AC1 Software A MG  202 ? 6  'BINDING SITE FOR RESIDUE MG A 202'  
AC2 Software A GDP 201 ? 23 'BINDING SITE FOR RESIDUE GDP A 201' 
# 
loop_
_struct_site_gen.id 
_struct_site_gen.site_id 
_struct_site_gen.pdbx_num_res 
_struct_site_gen.label_comp_id 
_struct_site_gen.label_asym_id 
_struct_site_gen.label_seq_id 
_struct_site_gen.pdbx_auth_ins_code 
_struct_site_gen.auth_comp_id 
_struct_site_gen.auth_asym_id 
_struct_site_gen.auth_seq_id 
_struct_site_gen.label_atom_id 
_struct_site_gen.label_alt_id 
_struct_site_gen.symmetry 
_struct_site_gen.details 
1  AC1 6  SER A 20  ? SER A 20  . ? 1_555 ? 
2  AC1 6  GDP C .   ? GDP A 201 . ? 1_555 ? 
3  AC1 6  HOH D .   ? HOH A 203 . ? 1_555 ? 
4  AC1 6  HOH D .   ? HOH A 204 . ? 1_555 ? 
5  AC1 6  HOH D .   ? HOH A 205 . ? 1_555 ? 
6  AC1 6  HOH D .   ? HOH A 206 . ? 1_555 ? 
7  AC2 23 SER A 16  ? SER A 16  . ? 1_555 ? 
8  AC2 23 VAL A 17  ? VAL A 17  . ? 1_555 ? 
9  AC2 23 GLY A 18  ? GLY A 18  . ? 1_555 ? 
10 AC2 23 LYS A 19  ? LYS A 19  . ? 1_555 ? 
11 AC2 23 SER A 20  ? SER A 20  . ? 1_555 ? 
12 AC2 23 SER A 21  ? SER A 21  . ? 1_555 ? 
13 AC2 23 PHE A 31  ? PHE A 31  . ? 1_555 ? 
14 AC2 23 ASN A 119 ? ASN A 119 . ? 1_555 ? 
15 AC2 23 LYS A 120 ? LYS A 120 . ? 1_555 ? 
16 AC2 23 ASP A 122 ? ASP A 122 . ? 1_555 ? 
17 AC2 23 LEU A 123 ? LEU A 123 . ? 1_555 ? 
18 AC2 23 SER A 149 ? SER A 149 . ? 1_555 ? 
19 AC2 23 ALA A 150 ? ALA A 150 . ? 1_555 ? 
20 AC2 23 LYS A 151 ? LYS A 151 . ? 1_555 ? 
21 AC2 23 MG  B .   ? MG  A 202 . ? 1_555 ? 
22 AC2 23 HOH D .   ? HOH A 203 . ? 1_555 ? 
23 AC2 23 HOH D .   ? HOH A 204 . ? 1_555 ? 
24 AC2 23 HOH D .   ? HOH A 208 . ? 1_555 ? 
25 AC2 23 HOH D .   ? HOH A 268 . ? 1_555 ? 
26 AC2 23 HOH D .   ? HOH A 325 . ? 1_555 ? 
27 AC2 23 HOH D .   ? HOH A 331 . ? 1_555 ? 
28 AC2 23 HOH D .   ? HOH A 343 . ? 1_555 ? 
29 AC2 23 HOH D .   ? HOH A 355 . ? 1_555 ? 
# 
_atom_sites.entry_id                    1XTQ 
_atom_sites.fract_transf_matrix[1][1]   -0.01446657 
_atom_sites.fract_transf_matrix[1][2]   0.01384787 
_atom_sites.fract_transf_matrix[1][3]   -0.01021741 
_atom_sites.fract_transf_matrix[2][1]   0.00478961 
_atom_sites.fract_transf_matrix[2][2]   0.01397603 
_atom_sites.fract_transf_matrix[2][3]   0.01216053 
_atom_sites.fract_transf_matrix[3][1]   0.01025040 
_atom_sites.fract_transf_matrix[3][2]   0.00418268 
_atom_sites.fract_transf_matrix[3][3]   -0.00884440 
_atom_sites.fract_transf_vector[1]      -0.211093 
_atom_sites.fract_transf_vector[2]      0.331446 
_atom_sites.fract_transf_vector[3]      0.694526 
# 
loop_
_atom_type.symbol 
C  
MG 
N  
O  
P  
S  
# 
loop_
_atom_site.group_PDB 
_atom_site.id 
_atom_site.type_symbol 
_atom_site.label_atom_id 
_atom_site.label_alt_id 
_atom_site.label_comp_id 
_atom_site.label_asym_id 
_atom_site.label_entity_id 
_atom_site.label_seq_id 
_atom_site.pdbx_PDB_ins_code 
_atom_site.Cartn_x 
_atom_site.Cartn_y 
_atom_site.Cartn_z 
_atom_site.occupancy 
_atom_site.B_iso_or_equiv 
_atom_site.pdbx_formal_charge 
_atom_site.auth_seq_id 
_atom_site.auth_comp_id 
_atom_site.auth_asym_id 
_atom_site.auth_atom_id 
_atom_site.pdbx_PDB_model_num 
ATOM   1    N  N     . GLN A 1 3   ? 10.300  16.906  -18.135 1.00 50.35 ? 3   GLN A N     1 
ATOM   2    C  CA    . GLN A 1 3   ? 9.076   16.184  -18.588 1.00 49.24 ? 3   GLN A CA    1 
ATOM   3    C  C     . GLN A 1 3   ? 8.774   14.972  -17.708 1.00 48.34 ? 3   GLN A C     1 
ATOM   4    O  O     . GLN A 1 3   ? 8.030   14.075  -18.108 1.00 49.00 ? 3   GLN A O     1 
ATOM   5    C  CB    . GLN A 1 3   ? 9.241   15.737  -20.043 1.00 51.26 ? 3   GLN A CB    1 
ATOM   6    C  CG    . GLN A 1 3   ? 10.406  14.783  -20.282 1.00 54.19 ? 3   GLN A CG    1 
ATOM   7    C  CD    . GLN A 1 3   ? 10.522  14.354  -21.737 1.00 55.97 ? 3   GLN A CD    1 
ATOM   8    O  OE1   . GLN A 1 3   ? 9.584   13.795  -22.311 1.00 56.46 ? 3   GLN A OE1   1 
ATOM   9    N  NE2   . GLN A 1 3   ? 11.678  14.614  -22.340 1.00 57.42 ? 3   GLN A NE2   1 
ATOM   10   N  N     . SER A 1 4   ? 9.356   14.946  -16.512 1.00 46.02 ? 4   SER A N     1 
ATOM   11   C  CA    . SER A 1 4   ? 9.134   13.847  -15.578 1.00 43.51 ? 4   SER A CA    1 
ATOM   12   C  C     . SER A 1 4   ? 8.029   14.247  -14.613 1.00 41.80 ? 4   SER A C     1 
ATOM   13   O  O     . SER A 1 4   ? 7.608   15.404  -14.586 1.00 42.32 ? 4   SER A O     1 
ATOM   14   C  CB    . SER A 1 4   ? 10.408  13.544  -14.790 1.00 43.61 ? 4   SER A CB    1 
ATOM   15   O  OG    . SER A 1 4   ? 10.723  14.615  -13.920 1.00 44.73 ? 4   SER A OG    1 
ATOM   16   N  N     . LYS A 1 5   ? 7.564   13.297  -13.812 1.00 39.40 ? 5   LYS A N     1 
ATOM   17   C  CA    . LYS A 1 5   ? 6.501   13.579  -12.860 1.00 37.20 ? 5   LYS A CA    1 
ATOM   18   C  C     . LYS A 1 5   ? 6.804   12.923  -11.513 1.00 35.69 ? 5   LYS A C     1 
ATOM   19   O  O     . LYS A 1 5   ? 6.971   11.706  -11.426 1.00 33.30 ? 5   LYS A O     1 
ATOM   20   C  CB    . LYS A 1 5   ? 5.172   13.066  -13.419 1.00 38.66 ? 5   LYS A CB    1 
ATOM   21   C  CG    . LYS A 1 5   ? 3.957   13.874  -13.000 1.00 40.78 ? 5   LYS A CG    1 
ATOM   22   C  CD    . LYS A 1 5   ? 2.737   13.488  -13.824 1.00 42.91 ? 5   LYS A CD    1 
ATOM   23   C  CE    . LYS A 1 5   ? 2.983   13.697  -15.315 1.00 42.33 ? 5   LYS A CE    1 
ATOM   24   N  NZ    . LYS A 1 5   ? 1.782   13.369  -16.129 1.00 43.26 ? 5   LYS A NZ    1 
ATOM   25   N  N     . SER A 1 6   ? 6.886   13.739  -10.467 1.00 33.56 ? 6   SER A N     1 
ATOM   26   C  CA    . SER A 1 6   ? 7.171   13.228  -9.133  1.00 32.34 ? 6   SER A CA    1 
ATOM   27   C  C     . SER A 1 6   ? 5.876   13.015  -8.363  1.00 30.01 ? 6   SER A C     1 
ATOM   28   O  O     . SER A 1 6   ? 4.971   13.847  -8.396  1.00 29.18 ? 6   SER A O     1 
ATOM   29   C  CB    . SER A 1 6   ? 8.073   14.200  -8.365  1.00 33.58 ? 6   SER A CB    1 
ATOM   30   O  OG    . SER A 1 6   ? 7.381   15.392  -8.049  1.00 37.77 ? 6   SER A OG    1 
ATOM   31   N  N     . ARG A 1 7   ? 5.795   11.883  -7.679  1.00 28.44 ? 7   ARG A N     1 
ATOM   32   C  CA    . ARG A 1 7   ? 4.623   11.536  -6.897  1.00 27.27 ? 7   ARG A CA    1 
ATOM   33   C  C     . ARG A 1 7   ? 5.086   10.919  -5.586  1.00 25.68 ? 7   ARG A C     1 
ATOM   34   O  O     . ARG A 1 7   ? 6.107   10.239  -5.544  1.00 26.12 ? 7   ARG A O     1 
ATOM   35   C  CB    . ARG A 1 7   ? 3.754   10.543  -7.675  1.00 28.70 ? 7   ARG A CB    1 
ATOM   36   C  CG    . ARG A 1 7   ? 3.098   11.133  -8.930  1.00 30.80 ? 7   ARG A CG    1 
ATOM   37   C  CD    . ARG A 1 7   ? 2.011   12.138  -8.562  1.00 33.96 ? 7   ARG A CD    1 
ATOM   38   N  NE    . ARG A 1 7   ? 1.295   12.675  -9.720  1.00 37.29 ? 7   ARG A NE    1 
ATOM   39   C  CZ    . ARG A 1 7   ? 1.722   13.685  -10.478 1.00 38.73 ? 7   ARG A CZ    1 
ATOM   40   N  NH1   . ARG A 1 7   ? 2.876   14.288  -10.214 1.00 38.13 ? 7   ARG A NH1   1 
ATOM   41   N  NH2   . ARG A 1 7   ? 0.981   14.105  -11.495 1.00 39.59 ? 7   ARG A NH2   1 
ATOM   42   N  N     . LYS A 1 8   ? 4.346   11.176  -4.515  1.00 24.67 ? 8   LYS A N     1 
ATOM   43   C  CA    . LYS A 1 8   ? 4.688   10.631  -3.206  1.00 24.38 ? 8   LYS A CA    1 
ATOM   44   C  C     . LYS A 1 8   ? 3.579   9.655   -2.808  1.00 22.69 ? 8   LYS A C     1 
ATOM   45   O  O     . LYS A 1 8   ? 2.405   10.018  -2.778  1.00 21.42 ? 8   LYS A O     1 
ATOM   46   C  CB    . LYS A 1 8   ? 4.808   11.760  -2.179  1.00 23.87 ? 8   LYS A CB    1 
ATOM   47   C  CG    . LYS A 1 8   ? 5.406   11.344  -0.847  1.00 27.20 ? 8   LYS A CG    1 
ATOM   48   C  CD    . LYS A 1 8   ? 5.641   12.556  0.050   1.00 29.87 ? 8   LYS A CD    1 
ATOM   49   C  CE    . LYS A 1 8   ? 6.572   12.219  1.210   1.00 32.47 ? 8   LYS A CE    1 
ATOM   50   N  NZ    . LYS A 1 8   ? 6.778   13.381  2.135   1.00 34.27 ? 8   LYS A NZ    1 
ATOM   51   N  N     . ILE A 1 9   ? 3.964   8.419   -2.511  1.00 21.64 ? 9   ILE A N     1 
ATOM   52   C  CA    . ILE A 1 9   ? 3.011   7.373   -2.144  1.00 21.01 ? 9   ILE A CA    1 
ATOM   53   C  C     . ILE A 1 9   ? 3.286   6.857   -0.737  1.00 20.89 ? 9   ILE A C     1 
ATOM   54   O  O     . ILE A 1 9   ? 4.421   6.497   -0.421  1.00 22.30 ? 9   ILE A O     1 
ATOM   55   C  CB    . ILE A 1 9   ? 3.127   6.184   -3.114  1.00 21.25 ? 9   ILE A CB    1 
ATOM   56   C  CG1   . ILE A 1 9   ? 2.828   6.647   -4.541  1.00 19.23 ? 9   ILE A CG1   1 
ATOM   57   C  CG2   . ILE A 1 9   ? 2.185   5.061   -2.683  1.00 21.48 ? 9   ILE A CG2   1 
ATOM   58   C  CD1   . ILE A 1 9   ? 3.453   5.763   -5.601  1.00 22.82 ? 9   ILE A CD1   1 
ATOM   59   N  N     . ALA A 1 10  ? 2.253   6.822   0.103   1.00 16.95 ? 10  ALA A N     1 
ATOM   60   C  CA    . ALA A 1 10  ? 2.410   6.325   1.465   1.00 17.37 ? 10  ALA A CA    1 
ATOM   61   C  C     . ALA A 1 10  ? 1.867   4.900   1.560   1.00 18.37 ? 10  ALA A C     1 
ATOM   62   O  O     . ALA A 1 10  ? 0.764   4.611   1.085   1.00 17.83 ? 10  ALA A O     1 
ATOM   63   C  CB    . ALA A 1 10  ? 1.674   7.236   2.449   1.00 14.93 ? 10  ALA A CB    1 
ATOM   64   N  N     . ILE A 1 11  ? 2.645   4.010   2.172   1.00 18.42 ? 11  ILE A N     1 
ATOM   65   C  CA    . ILE A 1 11  ? 2.236   2.619   2.338   1.00 16.93 ? 11  ILE A CA    1 
ATOM   66   C  C     . ILE A 1 11  ? 1.817   2.443   3.791   1.00 18.49 ? 11  ILE A C     1 
ATOM   67   O  O     . ILE A 1 11  ? 2.628   2.622   4.709   1.00 15.43 ? 11  ILE A O     1 
ATOM   68   C  CB    . ILE A 1 11  ? 3.387   1.639   2.020   1.00 17.13 ? 11  ILE A CB    1 
ATOM   69   C  CG1   . ILE A 1 11  ? 3.867   1.822   0.577   1.00 18.93 ? 11  ILE A CG1   1 
ATOM   70   C  CG2   . ILE A 1 11  ? 2.924   0.211   2.215   1.00 16.91 ? 11  ILE A CG2   1 
ATOM   71   C  CD1   . ILE A 1 11  ? 4.857   2.946   0.381   1.00 19.10 ? 11  ILE A CD1   1 
ATOM   72   N  N     . LEU A 1 12  ? 0.547   2.087   3.987   1.00 16.98 ? 12  LEU A N     1 
ATOM   73   C  CA    . LEU A 1 12  ? -0.028  1.904   5.313   1.00 14.78 ? 12  LEU A CA    1 
ATOM   74   C  C     . LEU A 1 12  ? -0.423  0.455   5.565   1.00 14.39 ? 12  LEU A C     1 
ATOM   75   O  O     . LEU A 1 12  ? -0.500  -0.344  4.633   1.00 12.23 ? 12  LEU A O     1 
ATOM   76   C  CB    . LEU A 1 12  ? -1.274  2.778   5.461   1.00 16.82 ? 12  LEU A CB    1 
ATOM   77   C  CG    . LEU A 1 12  ? -1.123  4.274   5.181   1.00 21.00 ? 12  LEU A CG    1 
ATOM   78   C  CD1   . LEU A 1 12  ? -2.476  4.955   5.351   1.00 22.85 ? 12  LEU A CD1   1 
ATOM   79   C  CD2   . LEU A 1 12  ? -0.091  4.875   6.125   1.00 20.83 ? 12  LEU A CD2   1 
ATOM   80   N  N     . GLY A 1 13  ? -0.683  0.127   6.829   1.00 13.97 ? 13  GLY A N     1 
ATOM   81   C  CA    . GLY A 1 13  ? -1.088  -1.227  7.160   1.00 14.21 ? 13  GLY A CA    1 
ATOM   82   C  C     . GLY A 1 13  ? -0.673  -1.688  8.544   1.00 15.99 ? 13  GLY A C     1 
ATOM   83   O  O     . GLY A 1 13  ? 0.189   -1.078  9.192   1.00 13.71 ? 13  GLY A O     1 
ATOM   84   N  N     . TYR A 1 14  ? -1.303  -2.770  8.992   1.00 13.57 ? 14  TYR A N     1 
ATOM   85   C  CA    . TYR A 1 14  ? -1.027  -3.369  10.294  1.00 15.78 ? 14  TYR A CA    1 
ATOM   86   C  C     . TYR A 1 14  ? 0.410   -3.877  10.286  1.00 16.34 ? 14  TYR A C     1 
ATOM   87   O  O     . TYR A 1 14  ? 0.987   -4.110  9.223   1.00 14.40 ? 14  TYR A O     1 
ATOM   88   C  CB    . TYR A 1 14  ? -1.987  -4.539  10.530  1.00 15.77 ? 14  TYR A CB    1 
ATOM   89   C  CG    . TYR A 1 14  ? -1.998  -5.105  11.937  1.00 18.94 ? 14  TYR A CG    1 
ATOM   90   C  CD1   . TYR A 1 14  ? -2.283  -4.292  13.041  1.00 17.45 ? 14  TYR A CD1   1 
ATOM   91   C  CD2   . TYR A 1 14  ? -1.787  -6.468  12.157  1.00 18.39 ? 14  TYR A CD2   1 
ATOM   92   C  CE1   . TYR A 1 14  ? -2.365  -4.830  14.332  1.00 19.11 ? 14  TYR A CE1   1 
ATOM   93   C  CE2   . TYR A 1 14  ? -1.862  -7.016  13.432  1.00 18.00 ? 14  TYR A CE2   1 
ATOM   94   C  CZ    . TYR A 1 14  ? -2.155  -6.194  14.515  1.00 19.56 ? 14  TYR A CZ    1 
ATOM   95   O  OH    . TYR A 1 14  ? -2.244  -6.747  15.770  1.00 18.48 ? 14  TYR A OH    1 
ATOM   96   N  N     . ARG A 1 15  ? 0.995   -4.050  11.464  1.00 19.14 ? 15  ARG A N     1 
ATOM   97   C  CA    . ARG A 1 15  ? 2.365   -4.549  11.526  1.00 21.29 ? 15  ARG A CA    1 
ATOM   98   C  C     . ARG A 1 15  ? 2.463   -5.954  10.928  1.00 19.47 ? 15  ARG A C     1 
ATOM   99   O  O     . ARG A 1 15  ? 1.523   -6.739  11.030  1.00 18.26 ? 15  ARG A O     1 
ATOM   100  C  CB    . ARG A 1 15  ? 2.855   -4.580  12.976  1.00 25.54 ? 15  ARG A CB    1 
ATOM   101  C  CG    . ARG A 1 15  ? 2.038   -5.472  13.892  1.00 29.13 ? 15  ARG A CG    1 
ATOM   102  C  CD    . ARG A 1 15  ? 2.752   -5.664  15.223  1.00 36.51 ? 15  ARG A CD    1 
ATOM   103  N  NE    . ARG A 1 15  ? 1.935   -6.390  16.192  1.00 39.69 ? 15  ARG A NE    1 
ATOM   104  C  CZ    . ARG A 1 15  ? 0.837   -5.900  16.760  1.00 42.90 ? 15  ARG A CZ    1 
ATOM   105  N  NH1   . ARG A 1 15  ? 0.417   -4.676  16.456  1.00 43.40 ? 15  ARG A NH1   1 
ATOM   106  N  NH2   . ARG A 1 15  ? 0.161   -6.631  17.638  1.00 43.37 ? 15  ARG A NH2   1 
ATOM   107  N  N     . SER A 1 16  ? 3.596   -6.242  10.290  1.00 17.76 ? 16  SER A N     1 
ATOM   108  C  CA    . SER A 1 16  ? 3.885   -7.544  9.687   1.00 18.14 ? 16  SER A CA    1 
ATOM   109  C  C     . SER A 1 16  ? 3.084   -7.996  8.467   1.00 17.11 ? 16  SER A C     1 
ATOM   110  O  O     . SER A 1 16  ? 3.188   -9.154  8.062   1.00 14.49 ? 16  SER A O     1 
ATOM   111  C  CB    . SER A 1 16  ? 3.797   -8.634  10.758  1.00 19.79 ? 16  SER A CB    1 
ATOM   112  O  OG    . SER A 1 16  ? 4.623   -8.301  11.859  1.00 25.84 ? 16  SER A OG    1 
ATOM   113  N  N     . VAL A 1 17  ? 2.287   -7.112  7.874   1.00 16.09 ? 17  VAL A N     1 
ATOM   114  C  CA    . VAL A 1 17  ? 1.525   -7.515  6.701   1.00 13.04 ? 17  VAL A CA    1 
ATOM   115  C  C     . VAL A 1 17  ? 2.430   -7.538  5.476   1.00 12.81 ? 17  VAL A C     1 
ATOM   116  O  O     . VAL A 1 17  ? 2.071   -8.096  4.451   1.00 14.46 ? 17  VAL A O     1 
ATOM   117  C  CB    . VAL A 1 17  ? 0.327   -6.566  6.429   1.00 14.34 ? 17  VAL A CB    1 
ATOM   118  C  CG1   . VAL A 1 17  ? -0.625  -6.592  7.608   1.00 11.42 ? 17  VAL A CG1   1 
ATOM   119  C  CG2   . VAL A 1 17  ? 0.824   -5.151  6.160   1.00 13.96 ? 17  VAL A CG2   1 
ATOM   120  N  N     . GLY A 1 18  ? 3.604   -6.925  5.588   1.00 13.98 ? 18  GLY A N     1 
ATOM   121  C  CA    . GLY A 1 18  ? 4.539   -6.912  4.473   1.00 13.56 ? 18  GLY A CA    1 
ATOM   122  C  C     . GLY A 1 18  ? 4.758   -5.579  3.773   1.00 15.77 ? 18  GLY A C     1 
ATOM   123  O  O     . GLY A 1 18  ? 5.177   -5.556  2.618   1.00 16.59 ? 18  GLY A O     1 
ATOM   124  N  N     . LYS A 1 19  ? 4.481   -4.471  4.454   1.00 15.96 ? 19  LYS A N     1 
ATOM   125  C  CA    . LYS A 1 19  ? 4.672   -3.145  3.860   1.00 17.79 ? 19  LYS A CA    1 
ATOM   126  C  C     . LYS A 1 19  ? 6.102   -2.925  3.359   1.00 19.75 ? 19  LYS A C     1 
ATOM   127  O  O     . LYS A 1 19  ? 6.311   -2.528  2.214   1.00 18.50 ? 19  LYS A O     1 
ATOM   128  C  CB    . LYS A 1 19  ? 4.326   -2.053  4.877   1.00 17.13 ? 19  LYS A CB    1 
ATOM   129  C  CG    . LYS A 1 19  ? 2.895   -2.112  5.394   1.00 19.53 ? 19  LYS A CG    1 
ATOM   130  C  CD    . LYS A 1 19  ? 2.624   -1.001  6.396   1.00 17.97 ? 19  LYS A CD    1 
ATOM   131  C  CE    . LYS A 1 19  ? 3.508   -1.130  7.631   1.00 18.85 ? 19  LYS A CE    1 
ATOM   132  N  NZ    . LYS A 1 19  ? 3.234   -2.391  8.372   1.00 18.26 ? 19  LYS A NZ    1 
ATOM   133  N  N     . SER A 1 20  ? 7.083   -3.179  4.221   1.00 19.14 ? 20  SER A N     1 
ATOM   134  C  CA    . SER A 1 20  ? 8.484   -2.996  3.849   1.00 20.67 ? 20  SER A CA    1 
ATOM   135  C  C     . SER A 1 20  ? 8.941   -3.953  2.763   1.00 20.99 ? 20  SER A C     1 
ATOM   136  O  O     . SER A 1 20  ? 9.594   -3.544  1.806   1.00 22.30 ? 20  SER A O     1 
ATOM   137  C  CB    . SER A 1 20  ? 9.384   -3.169  5.072   1.00 19.69 ? 20  SER A CB    1 
ATOM   138  O  OG    . SER A 1 20  ? 9.135   -2.153  6.014   1.00 21.60 ? 20  SER A OG    1 
ATOM   139  N  N     . SER A 1 21  ? 8.594   -5.226  2.919   1.00 21.21 ? 21  SER A N     1 
ATOM   140  C  CA    . SER A 1 21  ? 8.978   -6.263  1.968   1.00 23.13 ? 21  SER A CA    1 
ATOM   141  C  C     . SER A 1 21  ? 8.407   -6.040  0.574   1.00 25.06 ? 21  SER A C     1 
ATOM   142  O  O     . SER A 1 21  ? 9.056   -6.352  -0.432  1.00 22.84 ? 21  SER A O     1 
ATOM   143  C  CB    . SER A 1 21  ? 8.534   -7.633  2.492   1.00 25.50 ? 21  SER A CB    1 
ATOM   144  O  OG    . SER A 1 21  ? 9.075   -7.869  3.784   1.00 25.31 ? 21  SER A OG    1 
ATOM   145  N  N     . LEU A 1 22  ? 7.188   -5.512  0.518   1.00 23.85 ? 22  LEU A N     1 
ATOM   146  C  CA    . LEU A 1 22  ? 6.536   -5.249  -0.762  1.00 24.36 ? 22  LEU A CA    1 
ATOM   147  C  C     . LEU A 1 22  ? 7.228   -4.060  -1.426  1.00 23.31 ? 22  LEU A C     1 
ATOM   148  O  O     . LEU A 1 22  ? 7.581   -4.099  -2.604  1.00 23.93 ? 22  LEU A O     1 
ATOM   149  C  CB    . LEU A 1 22  ? 5.056   -4.915  -0.547  1.00 25.82 ? 22  LEU A CB    1 
ATOM   150  C  CG    . LEU A 1 22  ? 4.013   -5.578  -1.451  1.00 28.10 ? 22  LEU A CG    1 
ATOM   151  C  CD1   . LEU A 1 22  ? 2.744   -4.735  -1.422  1.00 28.88 ? 22  LEU A CD1   1 
ATOM   152  C  CD2   . LEU A 1 22  ? 4.525   -5.698  -2.867  1.00 28.08 ? 22  LEU A CD2   1 
ATOM   153  N  N     . THR A 1 23  ? 7.410   -3.001  -0.649  1.00 22.84 ? 23  THR A N     1 
ATOM   154  C  CA    . THR A 1 23  ? 8.054   -1.794  -1.137  1.00 24.86 ? 23  THR A CA    1 
ATOM   155  C  C     . THR A 1 23  ? 9.471   -2.104  -1.618  1.00 26.49 ? 23  THR A C     1 
ATOM   156  O  O     . THR A 1 23  ? 9.848   -1.753  -2.735  1.00 26.80 ? 23  THR A O     1 
ATOM   157  C  CB    . THR A 1 23  ? 8.110   -0.729  -0.025  1.00 24.95 ? 23  THR A CB    1 
ATOM   158  O  OG1   . THR A 1 23  ? 6.778   -0.436  0.421   1.00 24.23 ? 23  THR A OG1   1 
ATOM   159  C  CG2   . THR A 1 23  ? 8.759   0.552   -0.534  1.00 24.98 ? 23  THR A CG2   1 
ATOM   160  N  N     . ILE A 1 24  ? 10.247  -2.782  -0.775  1.00 26.62 ? 24  ILE A N     1 
ATOM   161  C  CA    . ILE A 1 24  ? 11.622  -3.127  -1.113  1.00 28.29 ? 24  ILE A CA    1 
ATOM   162  C  C     . ILE A 1 24  ? 11.715  -4.061  -2.316  1.00 29.23 ? 24  ILE A C     1 
ATOM   163  O  O     . ILE A 1 24  ? 12.660  -3.967  -3.098  1.00 31.25 ? 24  ILE A O     1 
ATOM   164  C  CB    . ILE A 1 24  ? 12.350  -3.727  0.110   1.00 28.00 ? 24  ILE A CB    1 
ATOM   165  C  CG1   . ILE A 1 24  ? 12.556  -2.621  1.152   1.00 26.61 ? 24  ILE A CG1   1 
ATOM   166  C  CG2   . ILE A 1 24  ? 13.692  -4.331  -0.306  1.00 29.70 ? 24  ILE A CG2   1 
ATOM   167  C  CD1   . ILE A 1 24  ? 13.140  -3.092  2.472   1.00 30.28 ? 24  ILE A CD1   1 
ATOM   168  N  N     . GLN A 1 25  ? 10.735  -4.948  -2.473  1.00 29.21 ? 25  GLN A N     1 
ATOM   169  C  CA    . GLN A 1 25  ? 10.712  -5.858  -3.614  1.00 29.07 ? 25  GLN A CA    1 
ATOM   170  C  C     . GLN A 1 25  ? 10.556  -5.022  -4.881  1.00 30.75 ? 25  GLN A C     1 
ATOM   171  O  O     . GLN A 1 25  ? 11.152  -5.320  -5.915  1.00 29.30 ? 25  GLN A O     1 
ATOM   172  C  CB    . GLN A 1 25  ? 9.539   -6.833  -3.494  1.00 29.00 ? 25  GLN A CB    1 
ATOM   173  C  CG    . GLN A 1 25  ? 9.214   -7.635  -4.764  1.00 30.28 ? 25  GLN A CG    1 
ATOM   174  C  CD    . GLN A 1 25  ? 10.344  -8.550  -5.208  1.00 32.42 ? 25  GLN A CD    1 
ATOM   175  O  OE1   . GLN A 1 25  ? 11.260  -8.129  -5.910  1.00 34.20 ? 25  GLN A OE1   1 
ATOM   176  N  NE2   . GLN A 1 25  ? 10.284  -9.808  -4.791  1.00 29.14 ? 25  GLN A NE2   1 
ATOM   177  N  N     . PHE A 1 26  ? 9.744   -3.973  -4.789  1.00 30.13 ? 26  PHE A N     1 
ATOM   178  C  CA    . PHE A 1 26  ? 9.518   -3.084  -5.923  1.00 29.75 ? 26  PHE A CA    1 
ATOM   179  C  C     . PHE A 1 26  ? 10.750  -2.224  -6.180  1.00 30.74 ? 26  PHE A C     1 
ATOM   180  O  O     . PHE A 1 26  ? 11.288  -2.210  -7.283  1.00 31.81 ? 26  PHE A O     1 
ATOM   181  C  CB    . PHE A 1 26  ? 8.318   -2.174  -5.653  1.00 25.96 ? 26  PHE A CB    1 
ATOM   182  C  CG    . PHE A 1 26  ? 8.138   -1.080  -6.671  1.00 22.72 ? 26  PHE A CG    1 
ATOM   183  C  CD1   . PHE A 1 26  ? 8.036   -1.380  -8.021  1.00 19.65 ? 26  PHE A CD1   1 
ATOM   184  C  CD2   . PHE A 1 26  ? 8.029   0.250   -6.271  1.00 22.54 ? 26  PHE A CD2   1 
ATOM   185  C  CE1   . PHE A 1 26  ? 7.823   -0.370  -8.968  1.00 21.87 ? 26  PHE A CE1   1 
ATOM   186  C  CE2   . PHE A 1 26  ? 7.816   1.271   -7.205  1.00 22.98 ? 26  PHE A CE2   1 
ATOM   187  C  CZ    . PHE A 1 26  ? 7.712   0.958   -8.558  1.00 21.58 ? 26  PHE A CZ    1 
ATOM   188  N  N     . VAL A 1 27  ? 11.190  -1.514  -5.146  1.00 32.25 ? 27  VAL A N     1 
ATOM   189  C  CA    . VAL A 1 27  ? 12.339  -0.624  -5.248  1.00 32.84 ? 27  VAL A CA    1 
ATOM   190  C  C     . VAL A 1 27  ? 13.660  -1.272  -5.657  1.00 33.87 ? 27  VAL A C     1 
ATOM   191  O  O     . VAL A 1 27  ? 14.294  -0.832  -6.616  1.00 32.83 ? 27  VAL A O     1 
ATOM   192  C  CB    . VAL A 1 27  ? 12.568  0.133   -3.923  1.00 32.60 ? 27  VAL A CB    1 
ATOM   193  C  CG1   . VAL A 1 27  ? 13.825  0.985   -4.019  1.00 33.42 ? 27  VAL A CG1   1 
ATOM   194  C  CG2   . VAL A 1 27  ? 11.365  1.012   -3.613  1.00 33.69 ? 27  VAL A CG2   1 
ATOM   195  N  N     . GLU A 1 28  ? 14.073  -2.311  -4.938  1.00 34.63 ? 28  GLU A N     1 
ATOM   196  C  CA    . GLU A 1 28  ? 15.344  -2.971  -5.223  1.00 36.00 ? 28  GLU A CA    1 
ATOM   197  C  C     . GLU A 1 28  ? 15.210  -4.296  -5.961  1.00 36.39 ? 28  GLU A C     1 
ATOM   198  O  O     . GLU A 1 28  ? 16.211  -4.936  -6.272  1.00 37.01 ? 28  GLU A O     1 
ATOM   199  C  CB    . GLU A 1 28  ? 16.115  -3.186  -3.920  1.00 35.91 ? 28  GLU A CB    1 
ATOM   200  C  CG    . GLU A 1 28  ? 15.998  -2.017  -2.955  1.00 37.66 ? 28  GLU A CG    1 
ATOM   201  C  CD    . GLU A 1 28  ? 16.797  -2.213  -1.683  1.00 39.92 ? 28  GLU A CD    1 
ATOM   202  O  OE1   . GLU A 1 28  ? 17.026  -3.379  -1.298  1.00 38.72 ? 28  GLU A OE1   1 
ATOM   203  O  OE2   . GLU A 1 28  ? 17.183  -1.198  -1.060  1.00 41.47 ? 28  GLU A OE2   1 
ATOM   204  N  N     . GLY A 1 29  ? 13.978  -4.706  -6.241  1.00 37.05 ? 29  GLY A N     1 
ATOM   205  C  CA    . GLY A 1 29  ? 13.758  -5.953  -6.950  1.00 38.00 ? 29  GLY A CA    1 
ATOM   206  C  C     . GLY A 1 29  ? 14.248  -7.182  -6.211  1.00 40.26 ? 29  GLY A C     1 
ATOM   207  O  O     . GLY A 1 29  ? 14.553  -8.203  -6.829  1.00 39.61 ? 29  GLY A O     1 
ATOM   208  N  N     . GLN A 1 30  ? 14.316  -7.101  -4.886  1.00 42.79 ? 30  GLN A N     1 
ATOM   209  C  CA    . GLN A 1 30  ? 14.783  -8.232  -4.096  1.00 45.57 ? 30  GLN A CA    1 
ATOM   210  C  C     . GLN A 1 30  ? 13.891  -8.496  -2.887  1.00 46.58 ? 30  GLN A C     1 
ATOM   211  O  O     . GLN A 1 30  ? 13.349  -7.565  -2.290  1.00 47.28 ? 30  GLN A O     1 
ATOM   212  C  CB    . GLN A 1 30  ? 16.209  -7.977  -3.612  1.00 47.48 ? 30  GLN A CB    1 
ATOM   213  C  CG    . GLN A 1 30  ? 17.055  -9.231  -3.518  1.00 51.67 ? 30  GLN A CG    1 
ATOM   214  C  CD    . GLN A 1 30  ? 17.513  -9.720  -4.880  1.00 53.50 ? 30  GLN A CD    1 
ATOM   215  O  OE1   . GLN A 1 30  ? 16.707  -9.900  -5.795  1.00 54.42 ? 30  GLN A OE1   1 
ATOM   216  N  NE2   . GLN A 1 30  ? 18.816  -9.937  -5.021  1.00 55.73 ? 30  GLN A NE2   1 
ATOM   217  N  N     . PHE A 1 31  ? 13.739  -9.768  -2.532  1.00 47.13 ? 31  PHE A N     1 
ATOM   218  C  CA    . PHE A 1 31  ? 12.932  -10.135 -1.375  1.00 48.99 ? 31  PHE A CA    1 
ATOM   219  C  C     . PHE A 1 31  ? 13.846  -10.220 -0.160  1.00 50.71 ? 31  PHE A C     1 
ATOM   220  O  O     . PHE A 1 31  ? 14.472  -11.252 0.085   1.00 50.98 ? 31  PHE A O     1 
ATOM   221  C  CB    . PHE A 1 31  ? 12.246  -11.486 -1.591  1.00 48.56 ? 31  PHE A CB    1 
ATOM   222  C  CG    . PHE A 1 31  ? 11.469  -11.967 -0.396  1.00 48.70 ? 31  PHE A CG    1 
ATOM   223  C  CD1   . PHE A 1 31  ? 11.745  -13.202 0.180   1.00 48.74 ? 31  PHE A CD1   1 
ATOM   224  C  CD2   . PHE A 1 31  ? 10.470  -11.174 0.167   1.00 48.39 ? 31  PHE A CD2   1 
ATOM   225  C  CE1   . PHE A 1 31  ? 11.044  -13.642 1.299   1.00 47.90 ? 31  PHE A CE1   1 
ATOM   226  C  CE2   . PHE A 1 31  ? 9.761   -11.606 1.287   1.00 48.68 ? 31  PHE A CE2   1 
ATOM   227  C  CZ    . PHE A 1 31  ? 10.048  -12.842 1.854   1.00 48.37 ? 31  PHE A CZ    1 
ATOM   228  N  N     . VAL A 1 32  ? 13.930  -9.129  0.593   1.00 52.37 ? 32  VAL A N     1 
ATOM   229  C  CA    . VAL A 1 32  ? 14.776  -9.091  1.776   1.00 54.81 ? 32  VAL A CA    1 
ATOM   230  C  C     . VAL A 1 32  ? 14.234  -10.057 2.822   1.00 56.41 ? 32  VAL A C     1 
ATOM   231  O  O     . VAL A 1 32  ? 13.023  -10.227 2.951   1.00 56.07 ? 32  VAL A O     1 
ATOM   232  C  CB    . VAL A 1 32  ? 14.836  -7.666  2.375   1.00 54.73 ? 32  VAL A CB    1 
ATOM   233  C  CG1   . VAL A 1 32  ? 13.473  -7.264  2.915   1.00 55.14 ? 32  VAL A CG1   1 
ATOM   234  C  CG2   . VAL A 1 32  ? 15.886  -7.604  3.467   1.00 55.88 ? 32  VAL A CG2   1 
ATOM   235  N  N     . ASP A 1 33  ? 15.135  -10.696 3.562   1.00 59.16 ? 33  ASP A N     1 
ATOM   236  C  CA    . ASP A 1 33  ? 14.736  -11.648 4.591   1.00 61.35 ? 33  ASP A CA    1 
ATOM   237  C  C     . ASP A 1 33  ? 14.590  -10.979 5.954   1.00 61.41 ? 33  ASP A C     1 
ATOM   238  O  O     . ASP A 1 33  ? 13.671  -11.291 6.710   1.00 62.25 ? 33  ASP A O     1 
ATOM   239  C  CB    . ASP A 1 33  ? 15.756  -12.785 4.678   1.00 63.88 ? 33  ASP A CB    1 
ATOM   240  C  CG    . ASP A 1 33  ? 15.415  -13.792 5.761   1.00 66.16 ? 33  ASP A CG    1 
ATOM   241  O  OD1   . ASP A 1 33  ? 15.458  -13.422 6.954   1.00 67.67 ? 33  ASP A OD1   1 
ATOM   242  O  OD2   . ASP A 1 33  ? 15.100  -14.953 5.419   1.00 67.26 ? 33  ASP A OD2   1 
ATOM   243  N  N     . SER A 1 34  ? 15.497  -10.059 6.264   1.00 61.03 ? 34  SER A N     1 
ATOM   244  C  CA    . SER A 1 34  ? 15.457  -9.354  7.538   1.00 60.62 ? 34  SER A CA    1 
ATOM   245  C  C     . SER A 1 34  ? 15.356  -7.848  7.332   1.00 60.39 ? 34  SER A C     1 
ATOM   246  O  O     . SER A 1 34  ? 15.971  -7.297  6.418   1.00 61.42 ? 34  SER A O     1 
ATOM   247  C  CB    . SER A 1 34  ? 16.710  -9.671  8.355   1.00 61.08 ? 34  SER A CB    1 
ATOM   248  O  OG    . SER A 1 34  ? 16.732  -8.920  9.555   1.00 61.84 ? 34  SER A OG    1 
ATOM   249  N  N     . TYR A 1 35  ? 14.584  -7.182  8.185   1.00 58.53 ? 35  TYR A N     1 
ATOM   250  C  CA    . TYR A 1 35  ? 14.423  -5.739  8.078   1.00 56.95 ? 35  TYR A CA    1 
ATOM   251  C  C     . TYR A 1 35  ? 13.824  -5.139  9.347   1.00 57.10 ? 35  TYR A C     1 
ATOM   252  O  O     . TYR A 1 35  ? 12.838  -5.648  9.883   1.00 56.51 ? 35  TYR A O     1 
ATOM   253  C  CB    . TYR A 1 35  ? 13.535  -5.394  6.877   1.00 55.21 ? 35  TYR A CB    1 
ATOM   254  C  CG    . TYR A 1 35  ? 13.512  -3.920  6.532   1.00 52.29 ? 35  TYR A CG    1 
ATOM   255  C  CD1   . TYR A 1 35  ? 14.645  -3.287  6.022   1.00 51.26 ? 35  TYR A CD1   1 
ATOM   256  C  CD2   . TYR A 1 35  ? 12.363  -3.157  6.725   1.00 50.50 ? 35  TYR A CD2   1 
ATOM   257  C  CE1   . TYR A 1 35  ? 14.636  -1.929  5.716   1.00 49.10 ? 35  TYR A CE1   1 
ATOM   258  C  CE2   . TYR A 1 35  ? 12.342  -1.798  6.422   1.00 49.23 ? 35  TYR A CE2   1 
ATOM   259  C  CZ    . TYR A 1 35  ? 13.482  -1.191  5.918   1.00 49.37 ? 35  TYR A CZ    1 
ATOM   260  O  OH    . TYR A 1 35  ? 13.470  0.152   5.622   1.00 48.36 ? 35  TYR A OH    1 
ATOM   261  N  N     . ASP A 1 36  ? 14.437  -4.056  9.817   1.00 57.19 ? 36  ASP A N     1 
ATOM   262  C  CA    . ASP A 1 36  ? 13.997  -3.339  11.013  1.00 57.33 ? 36  ASP A CA    1 
ATOM   263  C  C     . ASP A 1 36  ? 12.472  -3.213  11.092  1.00 57.07 ? 36  ASP A C     1 
ATOM   264  O  O     . ASP A 1 36  ? 11.843  -2.551  10.263  1.00 55.70 ? 36  ASP A O     1 
ATOM   265  C  CB    . ASP A 1 36  ? 14.644  -1.959  11.026  1.00 59.74 ? 36  ASP A CB    1 
ATOM   266  C  CG    . ASP A 1 36  ? 14.784  -1.380  9.635   1.00 61.46 ? 36  ASP A CG    1 
ATOM   267  O  OD1   . ASP A 1 36  ? 13.745  -1.151  8.983   1.00 63.87 ? 36  ASP A OD1   1 
ATOM   268  O  OD2   . ASP A 1 36  ? 15.931  -1.165  9.186   1.00 62.95 ? 36  ASP A OD2   1 
ATOM   269  N  N     . PRO A 1 37  ? 11.865  -3.842  12.110  1.00 56.33 ? 37  PRO A N     1 
ATOM   270  C  CA    . PRO A 1 37  ? 10.422  -3.869  12.383  1.00 55.73 ? 37  PRO A CA    1 
ATOM   271  C  C     . PRO A 1 37  ? 9.695   -2.550  12.671  1.00 54.74 ? 37  PRO A C     1 
ATOM   272  O  O     . PRO A 1 37  ? 8.464   -2.511  12.614  1.00 54.72 ? 37  PRO A O     1 
ATOM   273  C  CB    . PRO A 1 37  ? 10.315  -4.822  13.576  1.00 55.95 ? 37  PRO A CB    1 
ATOM   274  C  CG    . PRO A 1 37  ? 11.522  -5.702  13.437  1.00 56.65 ? 37  PRO A CG    1 
ATOM   275  C  CD    . PRO A 1 37  ? 12.584  -4.713  13.058  1.00 56.68 ? 37  PRO A CD    1 
ATOM   276  N  N     . THR A 1 38  ? 10.425  -1.474  12.961  1.00 52.94 ? 38  THR A N     1 
ATOM   277  C  CA    . THR A 1 38  ? 9.757   -0.219  13.308  1.00 50.99 ? 38  THR A CA    1 
ATOM   278  C  C     . THR A 1 38  ? 10.041  1.072   12.537  1.00 49.23 ? 38  THR A C     1 
ATOM   279  O  O     . THR A 1 38  ? 9.130   1.869   12.324  1.00 49.18 ? 38  THR A O     1 
ATOM   280  C  CB    . THR A 1 38  ? 9.978   0.103   14.799  1.00 51.74 ? 38  THR A CB    1 
ATOM   281  O  OG1   . THR A 1 38  ? 11.384  0.191   15.063  1.00 51.29 ? 38  THR A OG1   1 
ATOM   282  C  CG2   . THR A 1 38  ? 9.363   -0.979  15.677  1.00 52.06 ? 38  THR A CG2   1 
ATOM   283  N  N     . ILE A 1 39  ? 11.286  1.288   12.128  1.00 47.55 ? 39  ILE A N     1 
ATOM   284  C  CA    . ILE A 1 39  ? 11.650  2.523   11.433  1.00 45.56 ? 39  ILE A CA    1 
ATOM   285  C  C     . ILE A 1 39  ? 10.851  2.880   10.184  1.00 44.66 ? 39  ILE A C     1 
ATOM   286  O  O     . ILE A 1 39  ? 10.610  2.040   9.318   1.00 43.85 ? 39  ILE A O     1 
ATOM   287  C  CB    . ILE A 1 39  ? 13.146  2.524   11.042  1.00 46.18 ? 39  ILE A CB    1 
ATOM   288  C  CG1   . ILE A 1 39  ? 13.530  3.882   10.449  1.00 46.37 ? 39  ILE A CG1   1 
ATOM   289  C  CG2   . ILE A 1 39  ? 13.416  1.434   10.027  1.00 45.29 ? 39  ILE A CG2   1 
ATOM   290  C  CD1   . ILE A 1 39  ? 14.979  3.976   10.016  1.00 48.28 ? 39  ILE A CD1   1 
ATOM   291  N  N     . GLU A 1 40  ? 10.450  4.145   10.103  1.00 43.67 ? 40  GLU A N     1 
ATOM   292  C  CA    . GLU A 1 40  ? 9.715   4.654   8.951   1.00 43.88 ? 40  GLU A CA    1 
ATOM   293  C  C     . GLU A 1 40  ? 10.765  5.195   7.986   1.00 42.72 ? 40  GLU A C     1 
ATOM   294  O  O     . GLU A 1 40  ? 11.591  6.030   8.360   1.00 42.54 ? 40  GLU A O     1 
ATOM   295  C  CB    . GLU A 1 40  ? 8.763   5.774   9.378   1.00 45.57 ? 40  GLU A CB    1 
ATOM   296  C  CG    . GLU A 1 40  ? 7.923   6.341   8.240   1.00 50.11 ? 40  GLU A CG    1 
ATOM   297  C  CD    . GLU A 1 40  ? 6.870   7.328   8.720   1.00 52.76 ? 40  GLU A CD    1 
ATOM   298  O  OE1   . GLU A 1 40  ? 5.995   6.928   9.522   1.00 53.83 ? 40  GLU A OE1   1 
ATOM   299  O  OE2   . GLU A 1 40  ? 6.914   8.502   8.291   1.00 54.50 ? 40  GLU A OE2   1 
ATOM   300  N  N     . ASN A 1 41  ? 10.742  4.714   6.750   1.00 40.14 ? 41  ASN A N     1 
ATOM   301  C  CA    . ASN A 1 41  ? 11.717  5.143   5.758   1.00 38.78 ? 41  ASN A CA    1 
ATOM   302  C  C     . ASN A 1 41  ? 11.058  5.512   4.434   1.00 36.92 ? 41  ASN A C     1 
ATOM   303  O  O     . ASN A 1 41  ? 10.018  4.965   4.075   1.00 34.68 ? 41  ASN A O     1 
ATOM   304  C  CB    . ASN A 1 41  ? 12.745  4.025   5.544   1.00 41.47 ? 41  ASN A CB    1 
ATOM   305  C  CG    . ASN A 1 41  ? 13.812  4.391   4.532   1.00 46.05 ? 41  ASN A CG    1 
ATOM   306  O  OD1   . ASN A 1 41  ? 14.486  5.419   4.658   1.00 47.72 ? 41  ASN A OD1   1 
ATOM   307  N  ND2   . ASN A 1 41  ? 13.979  3.544   3.519   1.00 47.31 ? 41  ASN A ND2   1 
ATOM   308  N  N     . THR A 1 42  ? 11.665  6.454   3.721   1.00 35.61 ? 42  THR A N     1 
ATOM   309  C  CA    . THR A 1 42  ? 11.148  6.895   2.431   1.00 34.77 ? 42  THR A CA    1 
ATOM   310  C  C     . THR A 1 42  ? 12.095  6.466   1.319   1.00 34.48 ? 42  THR A C     1 
ATOM   311  O  O     . THR A 1 42  ? 13.209  6.978   1.214   1.00 35.90 ? 42  THR A O     1 
ATOM   312  C  CB    . THR A 1 42  ? 10.999  8.427   2.382   1.00 34.66 ? 42  THR A CB    1 
ATOM   313  O  OG1   . THR A 1 42  ? 10.072  8.849   3.388   1.00 34.42 ? 42  THR A OG1   1 
ATOM   314  C  CG2   . THR A 1 42  ? 10.494  8.873   1.015   1.00 33.57 ? 42  THR A CG2   1 
ATOM   315  N  N     . PHE A 1 43  ? 11.653  5.516   0.500   1.00 32.97 ? 43  PHE A N     1 
ATOM   316  C  CA    . PHE A 1 43  ? 12.458  5.026   -0.613  1.00 31.38 ? 43  PHE A CA    1 
ATOM   317  C  C     . PHE A 1 43  ? 12.219  5.897   -1.844  1.00 31.49 ? 43  PHE A C     1 
ATOM   318  O  O     . PHE A 1 43  ? 11.181  6.554   -1.958  1.00 31.34 ? 43  PHE A O     1 
ATOM   319  C  CB    . PHE A 1 43  ? 12.089  3.576   -0.961  1.00 31.81 ? 43  PHE A CB    1 
ATOM   320  C  CG    . PHE A 1 43  ? 12.325  2.591   0.154   1.00 32.75 ? 43  PHE A CG    1 
ATOM   321  C  CD1   . PHE A 1 43  ? 11.542  2.613   1.305   1.00 32.56 ? 43  PHE A CD1   1 
ATOM   322  C  CD2   . PHE A 1 43  ? 13.324  1.626   0.044   1.00 33.06 ? 43  PHE A CD2   1 
ATOM   323  C  CE1   . PHE A 1 43  ? 11.750  1.686   2.330   1.00 32.79 ? 43  PHE A CE1   1 
ATOM   324  C  CE2   . PHE A 1 43  ? 13.540  0.696   1.062   1.00 32.45 ? 43  PHE A CE2   1 
ATOM   325  C  CZ    . PHE A 1 43  ? 12.751  0.727   2.208   1.00 32.10 ? 43  PHE A CZ    1 
ATOM   326  N  N     . THR A 1 44  ? 13.180  5.895   -2.762  1.00 31.56 ? 44  THR A N     1 
ATOM   327  C  CA    . THR A 1 44  ? 13.072  6.664   -3.998  1.00 31.96 ? 44  THR A CA    1 
ATOM   328  C  C     . THR A 1 44  ? 13.115  5.673   -5.154  1.00 31.95 ? 44  THR A C     1 
ATOM   329  O  O     . THR A 1 44  ? 13.920  4.742   -5.152  1.00 32.44 ? 44  THR A O     1 
ATOM   330  C  CB    . THR A 1 44  ? 14.236  7.662   -4.149  1.00 33.97 ? 44  THR A CB    1 
ATOM   331  O  OG1   . THR A 1 44  ? 15.469  6.944   -4.265  1.00 35.98 ? 44  THR A OG1   1 
ATOM   332  C  CG2   . THR A 1 44  ? 14.307  8.579   -2.943  1.00 32.90 ? 44  THR A CG2   1 
ATOM   333  N  N     . LYS A 1 45  ? 12.246  5.860   -6.141  1.00 30.79 ? 45  LYS A N     1 
ATOM   334  C  CA    . LYS A 1 45  ? 12.211  4.937   -7.267  1.00 29.72 ? 45  LYS A CA    1 
ATOM   335  C  C     . LYS A 1 45  ? 11.858  5.611   -8.582  1.00 30.18 ? 45  LYS A C     1 
ATOM   336  O  O     . LYS A 1 45  ? 10.976  6.466   -8.638  1.00 29.67 ? 45  LYS A O     1 
ATOM   337  C  CB    . LYS A 1 45  ? 11.203  3.821   -6.984  1.00 28.06 ? 45  LYS A CB    1 
ATOM   338  C  CG    . LYS A 1 45  ? 11.067  2.801   -8.098  1.00 27.51 ? 45  LYS A CG    1 
ATOM   339  C  CD    . LYS A 1 45  ? 12.315  1.947   -8.244  1.00 26.14 ? 45  LYS A CD    1 
ATOM   340  C  CE    . LYS A 1 45  ? 12.080  0.834   -9.251  1.00 25.71 ? 45  LYS A CE    1 
ATOM   341  N  NZ    . LYS A 1 45  ? 13.267  -0.061  -9.390  1.00 27.21 ? 45  LYS A NZ    1 
ATOM   342  N  N     . LEU A 1 46  ? 12.553  5.210   -9.641  1.00 30.54 ? 46  LEU A N     1 
ATOM   343  C  CA    . LEU A 1 46  ? 12.320  5.748   -10.972 1.00 33.05 ? 46  LEU A CA    1 
ATOM   344  C  C     . LEU A 1 46  ? 11.650  4.675   -11.820 1.00 33.63 ? 46  LEU A C     1 
ATOM   345  O  O     . LEU A 1 46  ? 12.175  3.573   -11.968 1.00 32.83 ? 46  LEU A O     1 
ATOM   346  C  CB    . LEU A 1 46  ? 13.650  6.167   -11.615 1.00 33.27 ? 46  LEU A CB    1 
ATOM   347  C  CG    . LEU A 1 46  ? 13.680  6.682   -13.064 1.00 35.84 ? 46  LEU A CG    1 
ATOM   348  C  CD1   . LEU A 1 46  ? 13.483  5.537   -14.048 1.00 37.66 ? 46  LEU A CD1   1 
ATOM   349  C  CD2   . LEU A 1 46  ? 12.613  7.749   -13.250 1.00 35.52 ? 46  LEU A CD2   1 
ATOM   350  N  N     . ILE A 1 47  ? 10.483  4.992   -12.369 1.00 33.62 ? 47  ILE A N     1 
ATOM   351  C  CA    . ILE A 1 47  ? 9.777   4.043   -13.210 1.00 34.76 ? 47  ILE A CA    1 
ATOM   352  C  C     . ILE A 1 47  ? 9.059   4.762   -14.335 1.00 36.25 ? 47  ILE A C     1 
ATOM   353  O  O     . ILE A 1 47  ? 8.533   5.856   -14.150 1.00 36.05 ? 47  ILE A O     1 
ATOM   354  C  CB    . ILE A 1 47  ? 8.741   3.228   -12.411 1.00 33.48 ? 47  ILE A CB    1 
ATOM   355  C  CG1   . ILE A 1 47  ? 7.646   4.151   -11.879 1.00 32.12 ? 47  ILE A CG1   1 
ATOM   356  C  CG2   . ILE A 1 47  ? 9.425   2.495   -11.267 1.00 34.82 ? 47  ILE A CG2   1 
ATOM   357  C  CD1   . ILE A 1 47  ? 6.462   3.408   -11.320 1.00 35.04 ? 47  ILE A CD1   1 
ATOM   358  N  N     . THR A 1 48  ? 9.050   4.141   -15.506 1.00 38.54 ? 48  THR A N     1 
ATOM   359  C  CA    . THR A 1 48  ? 8.383   4.718   -16.663 1.00 41.56 ? 48  THR A CA    1 
ATOM   360  C  C     . THR A 1 48  ? 7.098   3.940   -16.940 1.00 42.68 ? 48  THR A C     1 
ATOM   361  O  O     . THR A 1 48  ? 7.136   2.752   -17.266 1.00 44.92 ? 48  THR A O     1 
ATOM   362  C  CB    . THR A 1 48  ? 9.304   4.686   -17.903 1.00 41.45 ? 48  THR A CB    1 
ATOM   363  O  OG1   . THR A 1 48  ? 8.562   5.079   -19.063 1.00 42.58 ? 48  THR A OG1   1 
ATOM   364  C  CG2   . THR A 1 48  ? 9.881   3.296   -18.110 1.00 44.27 ? 48  THR A CG2   1 
ATOM   365  N  N     . VAL A 1 49  ? 5.961   4.614   -16.792 1.00 42.65 ? 49  VAL A N     1 
ATOM   366  C  CA    . VAL A 1 49  ? 4.658   3.995   -17.015 1.00 43.47 ? 49  VAL A CA    1 
ATOM   367  C  C     . VAL A 1 49  ? 3.889   4.698   -18.136 1.00 44.42 ? 49  VAL A C     1 
ATOM   368  O  O     . VAL A 1 49  ? 3.624   5.900   -18.062 1.00 44.10 ? 49  VAL A O     1 
ATOM   369  C  CB    . VAL A 1 49  ? 3.804   4.034   -15.734 1.00 43.38 ? 49  VAL A CB    1 
ATOM   370  C  CG1   . VAL A 1 49  ? 2.523   3.249   -15.943 1.00 43.60 ? 49  VAL A CG1   1 
ATOM   371  C  CG2   . VAL A 1 49  ? 4.598   3.471   -14.561 1.00 42.69 ? 49  VAL A CG2   1 
ATOM   372  N  N     . ASN A 1 50  ? 3.528   3.938   -19.165 1.00 45.25 ? 50  ASN A N     1 
ATOM   373  C  CA    . ASN A 1 50  ? 2.799   4.474   -20.314 1.00 46.18 ? 50  ASN A CA    1 
ATOM   374  C  C     . ASN A 1 50  ? 3.638   5.511   -21.052 1.00 45.47 ? 50  ASN A C     1 
ATOM   375  O  O     . ASN A 1 50  ? 3.109   6.509   -21.540 1.00 45.83 ? 50  ASN A O     1 
ATOM   376  C  CB    . ASN A 1 50  ? 1.477   5.124   -19.880 1.00 47.83 ? 50  ASN A CB    1 
ATOM   377  C  CG    . ASN A 1 50  ? 0.587   4.185   -19.083 1.00 49.79 ? 50  ASN A CG    1 
ATOM   378  O  OD1   . ASN A 1 50  ? 0.492   2.992   -19.379 1.00 51.35 ? 50  ASN A OD1   1 
ATOM   379  N  ND2   . ASN A 1 50  ? -0.087  4.728   -18.075 1.00 49.54 ? 50  ASN A ND2   1 
ATOM   380  N  N     . GLY A 1 51  ? 4.943   5.273   -21.132 1.00 45.40 ? 51  GLY A N     1 
ATOM   381  C  CA    . GLY A 1 51  ? 5.823   6.207   -21.810 1.00 44.43 ? 51  GLY A CA    1 
ATOM   382  C  C     . GLY A 1 51  ? 6.088   7.453   -20.983 1.00 44.11 ? 51  GLY A C     1 
ATOM   383  O  O     . GLY A 1 51  ? 6.857   8.326   -21.389 1.00 45.41 ? 51  GLY A O     1 
ATOM   384  N  N     . GLN A 1 52  ? 5.445   7.533   -19.819 1.00 42.55 ? 52  GLN A N     1 
ATOM   385  C  CA    . GLN A 1 52  ? 5.598   8.667   -18.909 1.00 39.51 ? 52  GLN A CA    1 
ATOM   386  C  C     . GLN A 1 52  ? 6.546   8.295   -17.771 1.00 38.19 ? 52  GLN A C     1 
ATOM   387  O  O     . GLN A 1 52  ? 6.342   7.287   -17.090 1.00 37.59 ? 52  GLN A O     1 
ATOM   388  C  CB    . GLN A 1 52  ? 4.233   9.062   -18.337 1.00 40.04 ? 52  GLN A CB    1 
ATOM   389  C  CG    . GLN A 1 52  ? 4.272   10.139  -17.260 1.00 42.07 ? 52  GLN A CG    1 
ATOM   390  C  CD    . GLN A 1 52  ? 4.799   11.474  -17.764 1.00 42.48 ? 52  GLN A CD    1 
ATOM   391  O  OE1   . GLN A 1 52  ? 4.228   12.078  -18.671 1.00 43.58 ? 52  GLN A OE1   1 
ATOM   392  N  NE2   . GLN A 1 52  ? 5.891   11.940  -17.172 1.00 42.31 ? 52  GLN A NE2   1 
ATOM   393  N  N     . GLU A 1 53  ? 7.578   9.109   -17.563 1.00 33.92 ? 53  GLU A N     1 
ATOM   394  C  CA    . GLU A 1 53  ? 8.550   8.842   -16.506 1.00 31.58 ? 53  GLU A CA    1 
ATOM   395  C  C     . GLU A 1 53  ? 8.087   9.397   -15.160 1.00 29.05 ? 53  GLU A C     1 
ATOM   396  O  O     . GLU A 1 53  ? 7.570   10.511  -15.080 1.00 26.57 ? 53  GLU A O     1 
ATOM   397  C  CB    . GLU A 1 53  ? 9.906   9.437   -16.881 1.00 33.91 ? 53  GLU A CB    1 
ATOM   398  C  CG    . GLU A 1 53  ? 11.017  9.103   -15.902 1.00 37.97 ? 53  GLU A CG    1 
ATOM   399  C  CD    . GLU A 1 53  ? 12.385  9.493   -16.425 1.00 39.77 ? 53  GLU A CD    1 
ATOM   400  O  OE1   . GLU A 1 53  ? 12.756  9.017   -17.519 1.00 42.15 ? 53  GLU A OE1   1 
ATOM   401  O  OE2   . GLU A 1 53  ? 13.091  10.268  -15.745 1.00 40.92 ? 53  GLU A OE2   1 
ATOM   402  N  N     . TYR A 1 54  ? 8.278   8.611   -14.104 1.00 25.75 ? 54  TYR A N     1 
ATOM   403  C  CA    . TYR A 1 54  ? 7.869   9.014   -12.763 1.00 24.89 ? 54  TYR A CA    1 
ATOM   404  C  C     . TYR A 1 54  ? 9.002   8.963   -11.746 1.00 25.10 ? 54  TYR A C     1 
ATOM   405  O  O     . TYR A 1 54  ? 9.818   8.039   -11.768 1.00 23.65 ? 54  TYR A O     1 
ATOM   406  C  CB    . TYR A 1 54  ? 6.737   8.110   -12.266 1.00 25.24 ? 54  TYR A CB    1 
ATOM   407  C  CG    . TYR A 1 54  ? 5.405   8.329   -12.940 1.00 24.88 ? 54  TYR A CG    1 
ATOM   408  C  CD1   . TYR A 1 54  ? 4.530   9.316   -12.495 1.00 23.90 ? 54  TYR A CD1   1 
ATOM   409  C  CD2   . TYR A 1 54  ? 5.015   7.536   -14.019 1.00 25.90 ? 54  TYR A CD2   1 
ATOM   410  C  CE1   . TYR A 1 54  ? 3.292   9.509   -13.105 1.00 26.64 ? 54  TYR A CE1   1 
ATOM   411  C  CE2   . TYR A 1 54  ? 3.783   7.719   -14.641 1.00 25.70 ? 54  TYR A CE2   1 
ATOM   412  C  CZ    . TYR A 1 54  ? 2.927   8.703   -14.179 1.00 27.97 ? 54  TYR A CZ    1 
ATOM   413  O  OH    . TYR A 1 54  ? 1.706   8.876   -14.787 1.00 29.48 ? 54  TYR A OH    1 
ATOM   414  N  N     . HIS A 1 55  ? 9.037   9.968   -10.868 1.00 25.60 ? 55  HIS A N     1 
ATOM   415  C  CA    . HIS A 1 55  ? 10.014  10.055  -9.781  1.00 27.12 ? 55  HIS A CA    1 
ATOM   416  C  C     . HIS A 1 55  ? 9.191   9.804   -8.514  1.00 26.61 ? 55  HIS A C     1 
ATOM   417  O  O     . HIS A 1 55  ? 8.481   10.699  -8.039  1.00 25.20 ? 55  HIS A O     1 
ATOM   418  C  CB    . HIS A 1 55  ? 10.650  11.451  -9.692  1.00 30.63 ? 55  HIS A CB    1 
ATOM   419  C  CG    . HIS A 1 55  ? 11.551  11.793  -10.839 1.00 32.90 ? 55  HIS A CG    1 
ATOM   420  N  ND1   . HIS A 1 55  ? 12.454  10.897  -11.370 1.00 34.29 ? 55  HIS A ND1   1 
ATOM   421  C  CD2   . HIS A 1 55  ? 11.716  12.945  -11.530 1.00 34.61 ? 55  HIS A CD2   1 
ATOM   422  C  CE1   . HIS A 1 55  ? 13.134  11.481  -12.340 1.00 34.37 ? 55  HIS A CE1   1 
ATOM   423  N  NE2   . HIS A 1 55  ? 12.706  12.725  -12.456 1.00 35.63 ? 55  HIS A NE2   1 
ATOM   424  N  N     . LEU A 1 56  ? 9.289   8.595   -7.970  1.00 25.30 ? 56  LEU A N     1 
ATOM   425  C  CA    . LEU A 1 56  ? 8.508   8.228   -6.795  1.00 25.12 ? 56  LEU A CA    1 
ATOM   426  C  C     . LEU A 1 56  ? 9.206   8.279   -5.442  1.00 25.48 ? 56  LEU A C     1 
ATOM   427  O  O     . LEU A 1 56  ? 10.363  7.881   -5.294  1.00 26.89 ? 56  LEU A O     1 
ATOM   428  C  CB    . LEU A 1 56  ? 7.943   6.815   -6.968  1.00 24.05 ? 56  LEU A CB    1 
ATOM   429  C  CG    . LEU A 1 56  ? 7.233   6.470   -8.281  1.00 23.46 ? 56  LEU A CG    1 
ATOM   430  C  CD1   . LEU A 1 56  ? 6.833   5.005   -8.266  1.00 25.60 ? 56  LEU A CD1   1 
ATOM   431  C  CD2   . LEU A 1 56  ? 6.022   7.356   -8.466  1.00 23.20 ? 56  LEU A CD2   1 
ATOM   432  N  N     . GLN A 1 57  ? 8.471   8.775   -4.456  1.00 25.28 ? 57  GLN A N     1 
ATOM   433  C  CA    . GLN A 1 57  ? 8.935   8.823   -3.078  1.00 25.51 ? 57  GLN A CA    1 
ATOM   434  C  C     . GLN A 1 57  ? 7.938   7.902   -2.373  1.00 24.39 ? 57  GLN A C     1 
ATOM   435  O  O     . GLN A 1 57  ? 6.752   8.221   -2.263  1.00 24.02 ? 57  GLN A O     1 
ATOM   436  C  CB    . GLN A 1 57  ? 8.853   10.243  -2.517  1.00 27.87 ? 57  GLN A CB    1 
ATOM   437  C  CG    . GLN A 1 57  ? 9.943   11.170  -3.038  1.00 33.20 ? 57  GLN A CG    1 
ATOM   438  C  CD    . GLN A 1 57  ? 11.339  10.722  -2.624  1.00 37.32 ? 57  GLN A CD    1 
ATOM   439  O  OE1   . GLN A 1 57  ? 11.690  10.743  -1.441  1.00 38.83 ? 57  GLN A OE1   1 
ATOM   440  N  NE2   . GLN A 1 57  ? 12.140  10.309  -3.600  1.00 38.56 ? 57  GLN A NE2   1 
ATOM   441  N  N     . LEU A 1 58  ? 8.423   6.749   -1.928  1.00 22.74 ? 58  LEU A N     1 
ATOM   442  C  CA    . LEU A 1 58  ? 7.588   5.756   -1.264  1.00 21.40 ? 58  LEU A CA    1 
ATOM   443  C  C     . LEU A 1 58  ? 7.780   5.795   0.252   1.00 21.25 ? 58  LEU A C     1 
ATOM   444  O  O     . LEU A 1 58  ? 8.825   5.394   0.767   1.00 21.70 ? 58  LEU A O     1 
ATOM   445  C  CB    . LEU A 1 58  ? 7.942   4.371   -1.812  1.00 20.25 ? 58  LEU A CB    1 
ATOM   446  C  CG    . LEU A 1 58  ? 8.028   4.303   -3.343  1.00 21.46 ? 58  LEU A CG    1 
ATOM   447  C  CD1   . LEU A 1 58  ? 8.525   2.934   -3.769  1.00 20.33 ? 58  LEU A CD1   1 
ATOM   448  C  CD2   . LEU A 1 58  ? 6.662   4.596   -3.961  1.00 20.23 ? 58  LEU A CD2   1 
ATOM   449  N  N     . VAL A 1 59  ? 6.768   6.283   0.964   1.00 21.95 ? 59  VAL A N     1 
ATOM   450  C  CA    . VAL A 1 59  ? 6.843   6.378   2.412   1.00 21.48 ? 59  VAL A CA    1 
ATOM   451  C  C     . VAL A 1 59  ? 6.382   5.079   3.079   1.00 22.54 ? 59  VAL A C     1 
ATOM   452  O  O     . VAL A 1 59  ? 5.186   4.825   3.226   1.00 22.51 ? 59  VAL A O     1 
ATOM   453  C  CB    . VAL A 1 59  ? 5.991   7.555   2.914   1.00 22.33 ? 59  VAL A CB    1 
ATOM   454  C  CG1   . VAL A 1 59  ? 6.241   7.795   4.394   1.00 21.35 ? 59  VAL A CG1   1 
ATOM   455  C  CG2   . VAL A 1 59  ? 6.324   8.802   2.106   1.00 24.16 ? 59  VAL A CG2   1 
ATOM   456  N  N     . ASP A 1 60  ? 7.346   4.251   3.463   1.00 22.56 ? 60  ASP A N     1 
ATOM   457  C  CA    . ASP A 1 60  ? 7.065   2.984   4.122   1.00 23.57 ? 60  ASP A CA    1 
ATOM   458  C  C     . ASP A 1 60  ? 6.917   3.271   5.617   1.00 26.21 ? 60  ASP A C     1 
ATOM   459  O  O     . ASP A 1 60  ? 7.899   3.291   6.359   1.00 27.31 ? 60  ASP A O     1 
ATOM   460  C  CB    . ASP A 1 60  ? 8.213   2.008   3.858   1.00 23.43 ? 60  ASP A CB    1 
ATOM   461  C  CG    . ASP A 1 60  ? 8.122   0.753   4.695   1.00 25.09 ? 60  ASP A CG    1 
ATOM   462  O  OD1   . ASP A 1 60  ? 7.005   0.214   4.843   1.00 24.82 ? 60  ASP A OD1   1 
ATOM   463  O  OD2   . ASP A 1 60  ? 9.173   0.299   5.196   1.00 25.14 ? 60  ASP A OD2   1 
ATOM   464  N  N     . THR A 1 61  ? 5.676   3.496   6.045   1.00 25.76 ? 61  THR A N     1 
ATOM   465  C  CA    . THR A 1 61  ? 5.378   3.821   7.433   1.00 26.34 ? 61  THR A CA    1 
ATOM   466  C  C     . THR A 1 61  ? 5.667   2.703   8.424   1.00 27.82 ? 61  THR A C     1 
ATOM   467  O  O     . THR A 1 61  ? 5.829   1.542   8.052   1.00 26.54 ? 61  THR A O     1 
ATOM   468  C  CB    . THR A 1 61  ? 3.905   4.253   7.601   1.00 27.40 ? 61  THR A CB    1 
ATOM   469  O  OG1   . THR A 1 61  ? 3.041   3.156   7.278   1.00 26.08 ? 61  THR A OG1   1 
ATOM   470  C  CG2   . THR A 1 61  ? 3.592   5.432   6.689   1.00 27.77 ? 61  THR A CG2   1 
ATOM   471  N  N     . ALA A 1 62  ? 5.716   3.082   9.697   1.00 29.20 ? 62  ALA A N     1 
ATOM   472  C  CA    . ALA A 1 62  ? 5.994   2.158   10.787  1.00 30.37 ? 62  ALA A CA    1 
ATOM   473  C  C     . ALA A 1 62  ? 4.796   1.265   11.057  1.00 31.34 ? 62  ALA A C     1 
ATOM   474  O  O     . ALA A 1 62  ? 4.864   0.353   11.881  1.00 32.16 ? 62  ALA A O     1 
ATOM   475  C  CB    . ALA A 1 62  ? 6.349   2.938   12.042  1.00 31.23 ? 62  ALA A CB    1 
ATOM   476  N  N     . GLY A 1 63  ? 3.698   1.533   10.360  1.00 31.86 ? 63  GLY A N     1 
ATOM   477  C  CA    . GLY A 1 63  ? 2.500   0.738   10.544  1.00 31.34 ? 63  GLY A CA    1 
ATOM   478  C  C     . GLY A 1 63  ? 1.622   1.336   11.620  1.00 31.08 ? 63  GLY A C     1 
ATOM   479  O  O     . GLY A 1 63  ? 2.080   2.145   12.427  1.00 31.71 ? 63  GLY A O     1 
ATOM   480  N  N     . GLN A 1 64  ? 0.352   0.952   11.634  1.00 29.07 ? 64  GLN A N     1 
ATOM   481  C  CA    . GLN A 1 64  ? -0.556  1.482   12.635  1.00 27.17 ? 64  GLN A CA    1 
ATOM   482  C  C     . GLN A 1 64  ? -1.675  0.510   13.001  1.00 26.65 ? 64  GLN A C     1 
ATOM   483  O  O     . GLN A 1 64  ? -1.771  -0.578  12.436  1.00 24.56 ? 64  GLN A O     1 
ATOM   484  C  CB    . GLN A 1 64  ? -1.123  2.829   12.159  1.00 29.13 ? 64  GLN A CB    1 
ATOM   485  C  CG    . GLN A 1 64  ? -1.590  2.912   10.704  1.00 26.72 ? 64  GLN A CG    1 
ATOM   486  C  CD    . GLN A 1 64  ? -0.464  2.843   9.672   1.00 28.93 ? 64  GLN A CD    1 
ATOM   487  O  OE1   . GLN A 1 64  ? 0.539   3.560   9.763   1.00 30.31 ? 64  GLN A OE1   1 
ATOM   488  N  NE2   . GLN A 1 64  ? -0.640  1.988   8.672   1.00 24.51 ? 64  GLN A NE2   1 
ATOM   489  N  N     . ASP A 1 65  ? -2.500  0.895   13.971  1.00 26.03 ? 65  ASP A N     1 
ATOM   490  C  CA    . ASP A 1 65  ? -3.612  0.056   14.412  1.00 26.88 ? 65  ASP A CA    1 
ATOM   491  C  C     . ASP A 1 65  ? -4.825  0.896   14.805  1.00 27.14 ? 65  ASP A C     1 
ATOM   492  O  O     . ASP A 1 65  ? -4.869  2.102   14.545  1.00 26.22 ? 65  ASP A O     1 
ATOM   493  C  CB    . ASP A 1 65  ? -3.189  -0.832  15.591  1.00 26.03 ? 65  ASP A CB    1 
ATOM   494  C  CG    . ASP A 1 65  ? -2.622  -0.036  16.760  1.00 27.72 ? 65  ASP A CG    1 
ATOM   495  O  OD1   . ASP A 1 65  ? -3.154  1.056   17.060  1.00 23.26 ? 65  ASP A OD1   1 
ATOM   496  O  OD2   . ASP A 1 65  ? -1.652  -0.512  17.389  1.00 29.09 ? 65  ASP A OD2   1 
ATOM   497  N  N     . GLU A 1 66  ? -5.802  0.256   15.441  1.00 27.56 ? 66  GLU A N     1 
ATOM   498  C  CA    . GLU A 1 66  ? -7.022  0.934   15.863  1.00 30.64 ? 66  GLU A CA    1 
ATOM   499  C  C     . GLU A 1 66  ? -6.765  2.105   16.806  1.00 31.93 ? 66  GLU A C     1 
ATOM   500  O  O     . GLU A 1 66  ? -7.598  2.996   16.928  1.00 33.57 ? 66  GLU A O     1 
ATOM   501  C  CB    . GLU A 1 66  ? -7.969  -0.037  16.581  1.00 31.41 ? 66  GLU A CB    1 
ATOM   502  C  CG    . GLU A 1 66  ? -8.259  -1.354  15.876  1.00 31.54 ? 66  GLU A CG    1 
ATOM   503  C  CD    . GLU A 1 66  ? -7.265  -2.449  16.224  1.00 32.62 ? 66  GLU A CD    1 
ATOM   504  O  OE1   . GLU A 1 66  ? -7.666  -3.631  16.221  1.00 35.36 ? 66  GLU A OE1   1 
ATOM   505  O  OE2   . GLU A 1 66  ? -6.085  -2.142  16.492  1.00 32.71 ? 66  GLU A OE2   1 
ATOM   506  N  N     . TYR A 1 67  ? -5.620  2.105   17.478  1.00 33.73 ? 67  TYR A N     1 
ATOM   507  C  CA    . TYR A 1 67  ? -5.321  3.165   18.439  1.00 37.02 ? 67  TYR A CA    1 
ATOM   508  C  C     . TYR A 1 67  ? -4.269  4.173   17.994  1.00 39.13 ? 67  TYR A C     1 
ATOM   509  O  O     . TYR A 1 67  ? -3.926  5.088   18.743  1.00 40.75 ? 67  TYR A O     1 
ATOM   510  C  CB    . TYR A 1 67  ? -4.899  2.538   19.766  1.00 35.77 ? 67  TYR A CB    1 
ATOM   511  C  CG    . TYR A 1 67  ? -5.762  1.363   20.165  1.00 36.27 ? 67  TYR A CG    1 
ATOM   512  C  CD1   . TYR A 1 67  ? -5.619  0.126   19.536  1.00 36.51 ? 67  TYR A CD1   1 
ATOM   513  C  CD2   . TYR A 1 67  ? -6.734  1.489   21.154  1.00 35.97 ? 67  TYR A CD2   1 
ATOM   514  C  CE1   . TYR A 1 67  ? -6.421  -0.954  19.879  1.00 36.49 ? 67  TYR A CE1   1 
ATOM   515  C  CE2   . TYR A 1 67  ? -7.546  0.411   21.505  1.00 35.92 ? 67  TYR A CE2   1 
ATOM   516  C  CZ    . TYR A 1 67  ? -7.382  -0.806  20.863  1.00 36.25 ? 67  TYR A CZ    1 
ATOM   517  O  OH    . TYR A 1 67  ? -8.167  -1.883  21.201  1.00 35.79 ? 67  TYR A OH    1 
ATOM   518  N  N     . SER A 1 68  ? -3.768  4.012   16.777  1.00 40.52 ? 68  SER A N     1 
ATOM   519  C  CA    . SER A 1 68  ? -2.755  4.916   16.249  1.00 42.50 ? 68  SER A CA    1 
ATOM   520  C  C     . SER A 1 68  ? -3.295  6.318   15.996  1.00 44.17 ? 68  SER A C     1 
ATOM   521  O  O     . SER A 1 68  ? -4.466  6.496   15.659  1.00 44.21 ? 68  SER A O     1 
ATOM   522  C  CB    . SER A 1 68  ? -2.183  4.358   14.945  1.00 41.44 ? 68  SER A CB    1 
ATOM   523  O  OG    . SER A 1 68  ? -1.598  3.086   15.153  1.00 41.33 ? 68  SER A OG    1 
ATOM   524  N  N     . ILE A 1 69  ? -2.430  7.309   16.168  1.00 46.55 ? 69  ILE A N     1 
ATOM   525  C  CA    . ILE A 1 69  ? -2.788  8.702   15.932  1.00 48.76 ? 69  ILE A CA    1 
ATOM   526  C  C     . ILE A 1 69  ? -1.957  9.148   14.734  1.00 49.85 ? 69  ILE A C     1 
ATOM   527  O  O     . ILE A 1 69  ? -0.794  9.521   14.881  1.00 51.14 ? 69  ILE A O     1 
ATOM   528  C  CB    . ILE A 1 69  ? -2.442  9.593   17.145  1.00 49.04 ? 69  ILE A CB    1 
ATOM   529  C  CG1   . ILE A 1 69  ? -3.031  8.993   18.423  1.00 48.44 ? 69  ILE A CG1   1 
ATOM   530  C  CG2   . ILE A 1 69  ? -2.990  10.995  16.925  1.00 47.87 ? 69  ILE A CG2   1 
ATOM   531  C  CD1   . ILE A 1 69  ? -2.716  9.784   19.675  1.00 48.28 ? 69  ILE A CD1   1 
ATOM   532  N  N     . PHE A 1 70  ? -2.560  9.101   13.550  1.00 51.03 ? 70  PHE A N     1 
ATOM   533  C  CA    . PHE A 1 70  ? -1.874  9.463   12.314  1.00 52.03 ? 70  PHE A CA    1 
ATOM   534  C  C     . PHE A 1 70  ? -0.944  10.664  12.393  1.00 52.96 ? 70  PHE A C     1 
ATOM   535  O  O     . PHE A 1 70  ? -1.370  11.773  12.717  1.00 53.22 ? 70  PHE A O     1 
ATOM   536  C  CB    . PHE A 1 70  ? -2.884  9.705   11.188  1.00 52.11 ? 70  PHE A CB    1 
ATOM   537  C  CG    . PHE A 1 70  ? -3.516  8.452   10.652  1.00 51.97 ? 70  PHE A CG    1 
ATOM   538  C  CD1   . PHE A 1 70  ? -4.156  8.462   9.420   1.00 51.70 ? 70  PHE A CD1   1 
ATOM   539  C  CD2   . PHE A 1 70  ? -3.474  7.263   11.376  1.00 51.81 ? 70  PHE A CD2   1 
ATOM   540  C  CE1   . PHE A 1 70  ? -4.745  7.310   8.911   1.00 52.69 ? 70  PHE A CE1   1 
ATOM   541  C  CE2   . PHE A 1 70  ? -4.061  6.105   10.877  1.00 52.60 ? 70  PHE A CE2   1 
ATOM   542  C  CZ    . PHE A 1 70  ? -4.698  6.128   9.642   1.00 52.84 ? 70  PHE A CZ    1 
ATOM   543  N  N     . PRO A 1 71  ? 0.349   10.452  12.104  1.00 53.48 ? 71  PRO A N     1 
ATOM   544  C  CA    . PRO A 1 71  ? 1.324   11.542  12.139  1.00 53.70 ? 71  PRO A CA    1 
ATOM   545  C  C     . PRO A 1 71  ? 1.020   12.474  10.969  1.00 53.90 ? 71  PRO A C     1 
ATOM   546  O  O     . PRO A 1 71  ? 0.403   12.059  9.986   1.00 52.57 ? 71  PRO A O     1 
ATOM   547  C  CB    . PRO A 1 71  ? 2.659   10.821  11.958  1.00 53.78 ? 71  PRO A CB    1 
ATOM   548  C  CG    . PRO A 1 71  ? 2.397   9.464   12.523  1.00 53.53 ? 71  PRO A CG    1 
ATOM   549  C  CD    . PRO A 1 71  ? 1.031   9.155   11.973  1.00 53.55 ? 71  PRO A CD    1 
ATOM   550  N  N     . GLN A 1 72  ? 1.451   13.725  11.076  1.00 53.52 ? 72  GLN A N     1 
ATOM   551  C  CA    . GLN A 1 72  ? 1.213   14.694  10.018  1.00 54.08 ? 72  GLN A CA    1 
ATOM   552  C  C     . GLN A 1 72  ? 1.813   14.175  8.707   1.00 52.65 ? 72  GLN A C     1 
ATOM   553  O  O     . GLN A 1 72  ? 1.257   14.386  7.628   1.00 52.55 ? 72  GLN A O     1 
ATOM   554  C  CB    . GLN A 1 72  ? 1.852   16.036  10.387  1.00 56.92 ? 72  GLN A CB    1 
ATOM   555  C  CG    . GLN A 1 72  ? 1.689   16.425  11.853  1.00 60.86 ? 72  GLN A CG    1 
ATOM   556  C  CD    . GLN A 1 72  ? 0.236   16.602  12.270  1.00 63.32 ? 72  GLN A CD    1 
ATOM   557  O  OE1   . GLN A 1 72  ? -0.460  17.494  11.783  1.00 64.88 ? 72  GLN A OE1   1 
ATOM   558  N  NE2   . GLN A 1 72  ? -0.225  15.749  13.180  1.00 63.95 ? 72  GLN A NE2   1 
ATOM   559  N  N     . THR A 1 73  ? 2.945   13.486  8.815   1.00 50.43 ? 73  THR A N     1 
ATOM   560  C  CA    . THR A 1 73  ? 3.641   12.939  7.655   1.00 48.58 ? 73  THR A CA    1 
ATOM   561  C  C     . THR A 1 73  ? 2.795   11.987  6.811   1.00 47.54 ? 73  THR A C     1 
ATOM   562  O  O     . THR A 1 73  ? 3.184   11.624  5.700   1.00 47.68 ? 73  THR A O     1 
ATOM   563  C  CB    . THR A 1 73  ? 4.928   12.197  8.079   1.00 48.75 ? 73  THR A CB    1 
ATOM   564  O  OG1   . THR A 1 73  ? 4.612   11.214  9.072   1.00 48.38 ? 73  THR A OG1   1 
ATOM   565  C  CG2   . THR A 1 73  ? 5.943   13.177  8.644   1.00 48.24 ? 73  THR A CG2   1 
ATOM   566  N  N     . TYR A 1 74  ? 1.645   11.577  7.336   1.00 45.86 ? 74  TYR A N     1 
ATOM   567  C  CA    . TYR A 1 74  ? 0.763   10.669  6.609   1.00 43.74 ? 74  TYR A CA    1 
ATOM   568  C  C     . TYR A 1 74  ? -0.181  11.426  5.682   1.00 42.43 ? 74  TYR A C     1 
ATOM   569  O  O     . TYR A 1 74  ? -0.750  10.842  4.760   1.00 42.59 ? 74  TYR A O     1 
ATOM   570  C  CB    . TYR A 1 74  ? -0.075  9.831   7.583   1.00 42.72 ? 74  TYR A CB    1 
ATOM   571  C  CG    . TYR A 1 74  ? 0.665   8.731   8.319   1.00 41.63 ? 74  TYR A CG    1 
ATOM   572  C  CD1   . TYR A 1 74  ? 2.053   8.766   8.476   1.00 41.87 ? 74  TYR A CD1   1 
ATOM   573  C  CD2   . TYR A 1 74  ? -0.038  7.683   8.916   1.00 41.18 ? 74  TYR A CD2   1 
ATOM   574  C  CE1   . TYR A 1 74  ? 2.719   7.785   9.215   1.00 40.61 ? 74  TYR A CE1   1 
ATOM   575  C  CE2   . TYR A 1 74  ? 0.615   6.701   9.658   1.00 40.87 ? 74  TYR A CE2   1 
ATOM   576  C  CZ    . TYR A 1 74  ? 1.993   6.758   9.805   1.00 41.19 ? 74  TYR A CZ    1 
ATOM   577  O  OH    . TYR A 1 74  ? 2.636   5.798   10.555  1.00 41.19 ? 74  TYR A OH    1 
ATOM   578  N  N     . SER A 1 75  ? -0.352  12.723  5.913   1.00 40.86 ? 75  SER A N     1 
ATOM   579  C  CA    . SER A 1 75  ? -1.268  13.494  5.081   1.00 40.93 ? 75  SER A CA    1 
ATOM   580  C  C     . SER A 1 75  ? -0.683  14.708  4.368   1.00 39.33 ? 75  SER A C     1 
ATOM   581  O  O     . SER A 1 75  ? -1.424  15.463  3.737   1.00 41.16 ? 75  SER A O     1 
ATOM   582  C  CB    . SER A 1 75  ? -2.473  13.943  5.911   1.00 42.11 ? 75  SER A CB    1 
ATOM   583  O  OG    . SER A 1 75  ? -2.079  14.842  6.932   1.00 44.28 ? 75  SER A OG    1 
ATOM   584  N  N     . ILE A 1 76  ? 0.625   14.920  4.449   1.00 36.06 ? 76  ILE A N     1 
ATOM   585  C  CA    . ILE A 1 76  ? 1.174   16.079  3.765   1.00 33.10 ? 76  ILE A CA    1 
ATOM   586  C  C     . ILE A 1 76  ? 1.838   15.695  2.444   1.00 29.86 ? 76  ILE A C     1 
ATOM   587  O  O     . ILE A 1 76  ? 2.727   14.844  2.394   1.00 28.80 ? 76  ILE A O     1 
ATOM   588  C  CB    . ILE A 1 76  ? 2.165   16.876  4.672   1.00 34.27 ? 76  ILE A CB    1 
ATOM   589  C  CG1   . ILE A 1 76  ? 3.564   16.276  4.622   1.00 35.49 ? 76  ILE A CG1   1 
ATOM   590  C  CG2   . ILE A 1 76  ? 1.655   16.903  6.104   1.00 34.29 ? 76  ILE A CG2   1 
ATOM   591  C  CD1   . ILE A 1 76  ? 4.439   16.899  3.548   1.00 36.65 ? 76  ILE A CD1   1 
ATOM   592  N  N     . ASP A 1 77  ? 1.358   16.312  1.368   1.00 27.28 ? 77  ASP A N     1 
ATOM   593  C  CA    . ASP A 1 77  ? 1.882   16.087  0.026   1.00 26.72 ? 77  ASP A CA    1 
ATOM   594  C  C     . ASP A 1 77  ? 1.861   14.637  -0.455  1.00 22.86 ? 77  ASP A C     1 
ATOM   595  O  O     . ASP A 1 77  ? 2.738   14.213  -1.215  1.00 20.01 ? 77  ASP A O     1 
ATOM   596  C  CB    . ASP A 1 77  ? 3.306   16.640  -0.071  1.00 29.44 ? 77  ASP A CB    1 
ATOM   597  C  CG    . ASP A 1 77  ? 3.371   18.130  0.228   1.00 35.12 ? 77  ASP A CG    1 
ATOM   598  O  OD1   . ASP A 1 77  ? 2.586   18.887  -0.384  1.00 37.70 ? 77  ASP A OD1   1 
ATOM   599  O  OD2   . ASP A 1 77  ? 4.205   18.543  1.064   1.00 34.14 ? 77  ASP A OD2   1 
ATOM   600  N  N     . ILE A 1 78  ? 0.864   13.875  -0.020  1.00 19.91 ? 78  ILE A N     1 
ATOM   601  C  CA    . ILE A 1 78  ? 0.758   12.488  -0.449  1.00 18.65 ? 78  ILE A CA    1 
ATOM   602  C  C     . ILE A 1 78  ? -0.156  12.435  -1.667  1.00 19.14 ? 78  ILE A C     1 
ATOM   603  O  O     . ILE A 1 78  ? -1.277  12.928  -1.624  1.00 21.42 ? 78  ILE A O     1 
ATOM   604  C  CB    . ILE A 1 78  ? 0.162   11.588  0.649   1.00 18.02 ? 78  ILE A CB    1 
ATOM   605  C  CG1   . ILE A 1 78  ? 0.995   11.689  1.929   1.00 15.62 ? 78  ILE A CG1   1 
ATOM   606  C  CG2   . ILE A 1 78  ? 0.115   10.149  0.153   1.00 19.19 ? 78  ILE A CG2   1 
ATOM   607  C  CD1   . ILE A 1 78  ? 2.476   11.392  1.738   1.00 14.46 ? 78  ILE A CD1   1 
ATOM   608  N  N     . ASN A 1 79  ? 0.325   11.837  -2.751  1.00 18.85 ? 79  ASN A N     1 
ATOM   609  C  CA    . ASN A 1 79  ? -0.461  11.735  -3.978  1.00 20.19 ? 79  ASN A CA    1 
ATOM   610  C  C     . ASN A 1 79  ? -1.276  10.447  -4.051  1.00 20.74 ? 79  ASN A C     1 
ATOM   611  O  O     . ASN A 1 79  ? -2.185  10.324  -4.873  1.00 19.75 ? 79  ASN A O     1 
ATOM   612  C  CB    . ASN A 1 79  ? 0.465   11.830  -5.187  1.00 22.25 ? 79  ASN A CB    1 
ATOM   613  C  CG    . ASN A 1 79  ? 1.216   13.146  -5.228  1.00 24.14 ? 79  ASN A CG    1 
ATOM   614  O  OD1   . ASN A 1 79  ? 0.607   14.214  -5.307  1.00 27.65 ? 79  ASN A OD1   1 
ATOM   615  N  ND2   . ASN A 1 79  ? 2.538   13.076  -5.161  1.00 23.13 ? 79  ASN A ND2   1 
ATOM   616  N  N     . GLY A 1 80  ? -0.949  9.491   -3.188  1.00 19.33 ? 80  GLY A N     1 
ATOM   617  C  CA    . GLY A 1 80  ? -1.670  8.231   -3.188  1.00 19.50 ? 80  GLY A CA    1 
ATOM   618  C  C     . GLY A 1 80  ? -1.302  7.354   -2.008  1.00 19.39 ? 80  GLY A C     1 
ATOM   619  O  O     . GLY A 1 80  ? -0.202  7.461   -1.454  1.00 19.17 ? 80  GLY A O     1 
ATOM   620  N  N     . TYR A 1 81  ? -2.224  6.475   -1.630  1.00 18.43 ? 81  TYR A N     1 
ATOM   621  C  CA    . TYR A 1 81  ? -2.004  5.580   -0.509  1.00 17.57 ? 81  TYR A CA    1 
ATOM   622  C  C     . TYR A 1 81  ? -2.233  4.125   -0.890  1.00 16.20 ? 81  TYR A C     1 
ATOM   623  O  O     . TYR A 1 81  ? -3.146  3.799   -1.652  1.00 16.23 ? 81  TYR A O     1 
ATOM   624  C  CB    . TYR A 1 81  ? -2.943  5.921   0.647   1.00 19.24 ? 81  TYR A CB    1 
ATOM   625  C  CG    . TYR A 1 81  ? -2.814  7.320   1.209   1.00 20.72 ? 81  TYR A CG    1 
ATOM   626  C  CD1   . TYR A 1 81  ? -3.385  8.415   0.556   1.00 22.37 ? 81  TYR A CD1   1 
ATOM   627  C  CD2   . TYR A 1 81  ? -2.158  7.543   2.417   1.00 19.46 ? 81  TYR A CD2   1 
ATOM   628  C  CE1   . TYR A 1 81  ? -3.308  9.694   1.098   1.00 24.11 ? 81  TYR A CE1   1 
ATOM   629  C  CE2   . TYR A 1 81  ? -2.072  8.815   2.966   1.00 22.02 ? 81  TYR A CE2   1 
ATOM   630  C  CZ    . TYR A 1 81  ? -2.652  9.886   2.305   1.00 23.69 ? 81  TYR A CZ    1 
ATOM   631  O  OH    . TYR A 1 81  ? -2.601  11.140  2.872   1.00 25.00 ? 81  TYR A OH    1 
ATOM   632  N  N     . ILE A 1 82  ? -1.387  3.259   -0.351  1.00 15.71 ? 82  ILE A N     1 
ATOM   633  C  CA    . ILE A 1 82  ? -1.488  1.827   -0.564  1.00 14.83 ? 82  ILE A CA    1 
ATOM   634  C  C     . ILE A 1 82  ? -1.782  1.260   0.820   1.00 15.45 ? 82  ILE A C     1 
ATOM   635  O  O     . ILE A 1 82  ? -0.969  1.393   1.734   1.00 15.35 ? 82  ILE A O     1 
ATOM   636  C  CB    . ILE A 1 82  ? -0.169  1.236   -1.077  1.00 15.37 ? 82  ILE A CB    1 
ATOM   637  C  CG1   . ILE A 1 82  ? 0.117   1.747   -2.495  1.00 15.65 ? 82  ILE A CG1   1 
ATOM   638  C  CG2   . ILE A 1 82  ? -0.242  -0.290  -1.044  1.00 15.30 ? 82  ILE A CG2   1 
ATOM   639  C  CD1   . ILE A 1 82  ? 1.509   1.422   -2.992  1.00 19.00 ? 82  ILE A CD1   1 
ATOM   640  N  N     . LEU A 1 83  ? -2.958  0.662   0.980   1.00 14.08 ? 83  LEU A N     1 
ATOM   641  C  CA    . LEU A 1 83  ? -3.355  0.087   2.256   1.00 13.53 ? 83  LEU A CA    1 
ATOM   642  C  C     . LEU A 1 83  ? -3.245  -1.420  2.162   1.00 14.47 ? 83  LEU A C     1 
ATOM   643  O  O     . LEU A 1 83  ? -4.020  -2.073  1.460   1.00 13.33 ? 83  LEU A O     1 
ATOM   644  C  CB    . LEU A 1 83  ? -4.789  0.498   2.607   1.00 13.80 ? 83  LEU A CB    1 
ATOM   645  C  CG    . LEU A 1 83  ? -4.992  1.808   3.385   1.00 14.72 ? 83  LEU A CG    1 
ATOM   646  C  CD1   . LEU A 1 83  ? -4.248  2.947   2.722   1.00 10.01 ? 83  LEU A CD1   1 
ATOM   647  C  CD2   . LEU A 1 83  ? -6.479  2.118   3.468   1.00 11.57 ? 83  LEU A CD2   1 
ATOM   648  N  N     . VAL A 1 84  ? -2.275  -1.982  2.869   1.00 13.91 ? 84  VAL A N     1 
ATOM   649  C  CA    . VAL A 1 84  ? -2.100  -3.416  2.798   1.00 14.00 ? 84  VAL A CA    1 
ATOM   650  C  C     . VAL A 1 84  ? -2.441  -4.198  4.048   1.00 14.02 ? 84  VAL A C     1 
ATOM   651  O  O     . VAL A 1 84  ? -2.280  -3.728  5.183   1.00 13.61 ? 84  VAL A O     1 
ATOM   652  C  CB    . VAL A 1 84  ? -0.659  -3.776  2.292   1.00 17.64 ? 84  VAL A CB    1 
ATOM   653  C  CG1   . VAL A 1 84  ? 0.303   -2.636  2.565   1.00 18.70 ? 84  VAL A CG1   1 
ATOM   654  C  CG2   . VAL A 1 84  ? -0.171  -5.070  2.918   1.00 14.88 ? 84  VAL A CG2   1 
ATOM   655  N  N     . TYR A 1 85  ? -2.976  -5.390  3.818   1.00 13.19 ? 85  TYR A N     1 
ATOM   656  C  CA    . TYR A 1 85  ? -3.304  -6.298  4.905   1.00 12.88 ? 85  TYR A CA    1 
ATOM   657  C  C     . TYR A 1 85  ? -2.708  -7.635  4.475   1.00 12.65 ? 85  TYR A C     1 
ATOM   658  O  O     . TYR A 1 85  ? -2.197  -7.754  3.354   1.00 11.60 ? 85  TYR A O     1 
ATOM   659  C  CB    . TYR A 1 85  ? -4.824  -6.390  5.097   1.00 11.96 ? 85  TYR A CB    1 
ATOM   660  C  CG    . TYR A 1 85  ? -5.580  -6.985  3.931   1.00 12.95 ? 85  TYR A CG    1 
ATOM   661  C  CD1   . TYR A 1 85  ? -5.889  -8.348  3.893   1.00 11.75 ? 85  TYR A CD1   1 
ATOM   662  C  CD2   . TYR A 1 85  ? -5.986  -6.187  2.862   1.00 11.95 ? 85  TYR A CD2   1 
ATOM   663  C  CE1   . TYR A 1 85  ? -6.586  -8.898  2.815   1.00 10.17 ? 85  TYR A CE1   1 
ATOM   664  C  CE2   . TYR A 1 85  ? -6.674  -6.726  1.783   1.00 13.90 ? 85  TYR A CE2   1 
ATOM   665  C  CZ    . TYR A 1 85  ? -6.969  -8.082  1.765   1.00 12.28 ? 85  TYR A CZ    1 
ATOM   666  O  OH    . TYR A 1 85  ? -7.623  -8.617  0.685   1.00 11.17 ? 85  TYR A OH    1 
ATOM   667  N  N     . SER A 1 86  ? -2.732  -8.623  5.360   1.00 12.81 ? 86  SER A N     1 
ATOM   668  C  CA    . SER A 1 86  ? -2.191  -9.938  5.020   1.00 13.68 ? 86  SER A CA    1 
ATOM   669  C  C     . SER A 1 86  ? -3.359  -10.887 4.826   1.00 12.54 ? 86  SER A C     1 
ATOM   670  O  O     . SER A 1 86  ? -4.274  -10.889 5.647   1.00 12.16 ? 86  SER A O     1 
ATOM   671  C  CB    . SER A 1 86  ? -1.306  -10.463 6.152   1.00 12.19 ? 86  SER A CB    1 
ATOM   672  O  OG    . SER A 1 86  ? -0.952  -11.810 5.898   1.00 13.82 ? 86  SER A OG    1 
ATOM   673  N  N     . VAL A 1 87  ? -3.353  -11.683 3.755   1.00 12.80 ? 87  VAL A N     1 
ATOM   674  C  CA    . VAL A 1 87  ? -4.464  -12.611 3.563   1.00 14.26 ? 87  VAL A CA    1 
ATOM   675  C  C     . VAL A 1 87  ? -4.403  -13.720 4.607   1.00 13.73 ? 87  VAL A C     1 
ATOM   676  O  O     . VAL A 1 87  ? -5.324  -14.533 4.700   1.00 15.77 ? 87  VAL A O     1 
ATOM   677  C  CB    . VAL A 1 87  ? -4.492  -13.250 2.140   1.00 15.44 ? 87  VAL A CB    1 
ATOM   678  C  CG1   . VAL A 1 87  ? -4.559  -12.159 1.089   1.00 13.54 ? 87  VAL A CG1   1 
ATOM   679  C  CG2   . VAL A 1 87  ? -3.284  -14.150 1.923   1.00 14.87 ? 87  VAL A CG2   1 
ATOM   680  N  N     . THR A 1 88  ? -3.328  -13.743 5.400   1.00 14.49 ? 88  THR A N     1 
ATOM   681  C  CA    . THR A 1 88  ? -3.175  -14.754 6.455   1.00 14.95 ? 88  THR A CA    1 
ATOM   682  C  C     . THR A 1 88  ? -3.579  -14.201 7.820   1.00 15.12 ? 88  THR A C     1 
ATOM   683  O  O     . THR A 1 88  ? -3.386  -14.861 8.843   1.00 13.31 ? 88  THR A O     1 
ATOM   684  C  CB    . THR A 1 88  ? -1.712  -15.260 6.586   1.00 15.05 ? 88  THR A CB    1 
ATOM   685  O  OG1   . THR A 1 88  ? -0.900  -14.239 7.185   1.00 14.09 ? 88  THR A OG1   1 
ATOM   686  C  CG2   . THR A 1 88  ? -1.139  -15.611 5.216   1.00 15.18 ? 88  THR A CG2   1 
ATOM   687  N  N     . SER A 1 89  ? -4.162  -13.002 7.841   1.00 15.50 ? 89  SER A N     1 
ATOM   688  C  CA    . SER A 1 89  ? -4.541  -12.401 9.114   1.00 12.94 ? 89  SER A CA    1 
ATOM   689  C  C     . SER A 1 89  ? -5.853  -11.629 9.099   1.00 13.52 ? 89  SER A C     1 
ATOM   690  O  O     . SER A 1 89  ? -5.934  -10.549 8.513   1.00 14.07 ? 89  SER A O     1 
ATOM   691  C  CB    . SER A 1 89  ? -3.410  -11.481 9.591   1.00 14.63 ? 89  SER A CB    1 
ATOM   692  O  OG    . SER A 1 89  ? -3.751  -10.798 10.789  1.00 16.17 ? 89  SER A OG    1 
ATOM   693  N  N     . ILE A 1 90  ? -6.876  -12.178 9.750   1.00 10.28 ? 90  ILE A N     1 
ATOM   694  C  CA    . ILE A 1 90  ? -8.169  -11.502 9.825   1.00 11.08 ? 90  ILE A CA    1 
ATOM   695  C  C     . ILE A 1 90  ? -7.987  -10.193 10.603  1.00 13.36 ? 90  ILE A C     1 
ATOM   696  O  O     . ILE A 1 90  ? -8.623  -9.178  10.310  1.00 11.76 ? 90  ILE A O     1 
ATOM   697  C  CB    . ILE A 1 90  ? -9.219  -12.401 10.522  1.00 12.22 ? 90  ILE A CB    1 
ATOM   698  C  CG1   . ILE A 1 90  ? -9.583  -13.572 9.591   1.00 12.09 ? 90  ILE A CG1   1 
ATOM   699  C  CG2   . ILE A 1 90  ? -10.449 -11.583 10.911  1.00 10.90 ? 90  ILE A CG2   1 
ATOM   700  C  CD1   . ILE A 1 90  ? -10.458 -14.650 10.227  1.00 11.49 ? 90  ILE A CD1   1 
ATOM   701  N  N     . LYS A 1 91  ? -7.098  -10.219 11.589  1.00 12.13 ? 91  LYS A N     1 
ATOM   702  C  CA    . LYS A 1 91  ? -6.827  -9.034  12.386  1.00 13.73 ? 91  LYS A CA    1 
ATOM   703  C  C     . LYS A 1 91  ? -6.325  -7.883  11.512  1.00 13.06 ? 91  LYS A C     1 
ATOM   704  O  O     . LYS A 1 91  ? -6.828  -6.765  11.610  1.00 14.21 ? 91  LYS A O     1 
ATOM   705  C  CB    . LYS A 1 91  ? -5.793  -9.355  13.473  1.00 16.48 ? 91  LYS A CB    1 
ATOM   706  C  CG    . LYS A 1 91  ? -5.497  -8.194  14.419  1.00 21.88 ? 91  LYS A CG    1 
ATOM   707  C  CD    . LYS A 1 91  ? -6.780  -7.641  15.013  1.00 25.23 ? 91  LYS A CD    1 
ATOM   708  C  CE    . LYS A 1 91  ? -6.500  -6.787  16.237  1.00 29.94 ? 91  LYS A CE    1 
ATOM   709  N  NZ    . LYS A 1 91  ? -5.475  -5.752  15.959  1.00 34.69 ? 91  LYS A NZ    1 
ATOM   710  N  N     . SER A 1 92  ? -5.338  -8.146  10.654  1.00 11.72 ? 92  SER A N     1 
ATOM   711  C  CA    . SER A 1 92  ? -4.810  -7.087  9.790   1.00 9.52  ? 92  SER A CA    1 
ATOM   712  C  C     . SER A 1 92  ? -5.887  -6.558  8.851   1.00 11.60 ? 92  SER A C     1 
ATOM   713  O  O     . SER A 1 92  ? -5.831  -5.405  8.429   1.00 11.09 ? 92  SER A O     1 
ATOM   714  C  CB    . SER A 1 92  ? -3.634  -7.593  8.951   1.00 10.71 ? 92  SER A CB    1 
ATOM   715  O  OG    . SER A 1 92  ? -4.081  -8.418  7.890   1.00 9.65  ? 92  SER A OG    1 
ATOM   716  N  N     . PHE A 1 93  ? -6.857  -7.408  8.518   1.00 11.09 ? 93  PHE A N     1 
ATOM   717  C  CA    . PHE A 1 93  ? -7.947  -7.028  7.618   1.00 12.94 ? 93  PHE A CA    1 
ATOM   718  C  C     . PHE A 1 93  ? -8.930  -6.104  8.333   1.00 13.13 ? 93  PHE A C     1 
ATOM   719  O  O     . PHE A 1 93  ? -9.380  -5.096  7.775   1.00 11.52 ? 93  PHE A O     1 
ATOM   720  C  CB    . PHE A 1 93  ? -8.671  -8.291  7.126   1.00 13.00 ? 93  PHE A CB    1 
ATOM   721  C  CG    . PHE A 1 93  ? -9.674  -8.041  6.029   1.00 14.68 ? 93  PHE A CG    1 
ATOM   722  C  CD1   . PHE A 1 93  ? -9.278  -7.479  4.816   1.00 15.97 ? 93  PHE A CD1   1 
ATOM   723  C  CD2   . PHE A 1 93  ? -11.011 -8.400  6.193   1.00 12.93 ? 93  PHE A CD2   1 
ATOM   724  C  CE1   . PHE A 1 93  ? -10.202 -7.281  3.777   1.00 16.57 ? 93  PHE A CE1   1 
ATOM   725  C  CE2   . PHE A 1 93  ? -11.944 -8.207  5.164   1.00 12.44 ? 93  PHE A CE2   1 
ATOM   726  C  CZ    . PHE A 1 93  ? -11.537 -7.649  3.954   1.00 14.63 ? 93  PHE A CZ    1 
ATOM   727  N  N     . GLU A 1 94  ? -9.274  -6.453  9.569   1.00 14.20 ? 94  GLU A N     1 
ATOM   728  C  CA    . GLU A 1 94  ? -10.191 -5.624  10.337  1.00 14.68 ? 94  GLU A CA    1 
ATOM   729  C  C     . GLU A 1 94  ? -9.512  -4.302  10.664  1.00 14.40 ? 94  GLU A C     1 
ATOM   730  O  O     . GLU A 1 94  ? -10.162 -3.263  10.761  1.00 13.09 ? 94  GLU A O     1 
ATOM   731  C  CB    . GLU A 1 94  ? -10.620 -6.344  11.621  1.00 18.90 ? 94  GLU A CB    1 
ATOM   732  C  CG    . GLU A 1 94  ? -11.712 -7.377  11.382  1.00 21.43 ? 94  GLU A CG    1 
ATOM   733  C  CD    . GLU A 1 94  ? -12.912 -6.783  10.652  1.00 23.11 ? 94  GLU A CD    1 
ATOM   734  O  OE1   . GLU A 1 94  ? -13.496 -5.799  11.160  1.00 25.63 ? 94  GLU A OE1   1 
ATOM   735  O  OE2   . GLU A 1 94  ? -13.270 -7.295  9.571   1.00 22.56 ? 94  GLU A OE2   1 
ATOM   736  N  N     . VAL A 1 95  ? -8.195  -4.341  10.820  1.00 11.23 ? 95  VAL A N     1 
ATOM   737  C  CA    . VAL A 1 95  ? -7.455  -3.126  11.126  1.00 13.66 ? 95  VAL A CA    1 
ATOM   738  C  C     . VAL A 1 95  ? -7.341  -2.202  9.917   1.00 13.07 ? 95  VAL A C     1 
ATOM   739  O  O     . VAL A 1 95  ? -7.356  -0.983  10.063  1.00 14.25 ? 95  VAL A O     1 
ATOM   740  C  CB    . VAL A 1 95  ? -6.040  -3.449  11.650  1.00 14.44 ? 95  VAL A CB    1 
ATOM   741  C  CG1   . VAL A 1 95  ? -5.177  -2.188  11.651  1.00 13.89 ? 95  VAL A CG1   1 
ATOM   742  C  CG2   . VAL A 1 95  ? -6.142  -4.018  13.066  1.00 12.68 ? 95  VAL A CG2   1 
ATOM   743  N  N     . ILE A 1 96  ? -7.236  -2.768  8.721   1.00 11.98 ? 96  ILE A N     1 
ATOM   744  C  CA    . ILE A 1 96  ? -7.112  -1.922  7.546   1.00 12.07 ? 96  ILE A CA    1 
ATOM   745  C  C     . ILE A 1 96  ? -8.407  -1.141  7.315   1.00 11.20 ? 96  ILE A C     1 
ATOM   746  O  O     . ILE A 1 96  ? -8.392  -0.073  6.703   1.00 11.09 ? 96  ILE A O     1 
ATOM   747  C  CB    . ILE A 1 96  ? -6.748  -2.739  6.285   1.00 11.17 ? 96  ILE A CB    1 
ATOM   748  C  CG1   . ILE A 1 96  ? -6.096  -1.820  5.250   1.00 13.08 ? 96  ILE A CG1   1 
ATOM   749  C  CG2   . ILE A 1 96  ? -7.998  -3.390  5.690   1.00 13.01 ? 96  ILE A CG2   1 
ATOM   750  C  CD1   . ILE A 1 96  ? -4.836  -1.117  5.757   1.00 12.74 ? 96  ILE A CD1   1 
ATOM   751  N  N     . LYS A 1 97  ? -9.528  -1.671  7.800   1.00 11.92 ? 97  LYS A N     1 
ATOM   752  C  CA    . LYS A 1 97  ? -10.804 -0.974  7.648   1.00 11.92 ? 97  LYS A CA    1 
ATOM   753  C  C     . LYS A 1 97  ? -10.760 0.274   8.531   1.00 15.04 ? 97  LYS A C     1 
ATOM   754  O  O     . LYS A 1 97  ? -11.173 1.359   8.114   1.00 13.85 ? 97  LYS A O     1 
ATOM   755  C  CB    . LYS A 1 97  ? -11.969 -1.863  8.081   1.00 11.11 ? 97  LYS A CB    1 
ATOM   756  C  CG    . LYS A 1 97  ? -12.237 -3.064  7.178   1.00 7.85  ? 97  LYS A CG    1 
ATOM   757  C  CD    . LYS A 1 97  ? -13.334 -3.949  7.755   1.00 10.41 ? 97  LYS A CD    1 
ATOM   758  C  CE    . LYS A 1 97  ? -13.595 -5.185  6.885   1.00 10.04 ? 97  LYS A CE    1 
ATOM   759  N  NZ    . LYS A 1 97  ? -14.793 -5.939  7.363   1.00 10.40 ? 97  LYS A NZ    1 
ATOM   760  N  N     . VAL A 1 98  ? -10.259 0.108   9.753   1.00 15.14 ? 98  VAL A N     1 
ATOM   761  C  CA    . VAL A 1 98  ? -10.150 1.215   10.698  1.00 15.90 ? 98  VAL A CA    1 
ATOM   762  C  C     . VAL A 1 98  ? -9.166  2.254   10.166  1.00 14.96 ? 98  VAL A C     1 
ATOM   763  O  O     . VAL A 1 98  ? -9.425  3.456   10.222  1.00 15.42 ? 98  VAL A O     1 
ATOM   764  C  CB    . VAL A 1 98  ? -9.672  0.716   12.086  1.00 17.50 ? 98  VAL A CB    1 
ATOM   765  C  CG1   . VAL A 1 98  ? -9.495  1.894   13.039  1.00 17.26 ? 98  VAL A CG1   1 
ATOM   766  C  CG2   . VAL A 1 98  ? -10.680 -0.270  12.652  1.00 16.96 ? 98  VAL A CG2   1 
ATOM   767  N  N     . ILE A 1 99  ? -8.038  1.786   9.639   1.00 15.48 ? 99  ILE A N     1 
ATOM   768  C  CA    . ILE A 1 99  ? -7.028  2.681   9.084   1.00 14.23 ? 99  ILE A CA    1 
ATOM   769  C  C     . ILE A 1 99  ? -7.623  3.531   7.956   1.00 15.40 ? 99  ILE A C     1 
ATOM   770  O  O     . ILE A 1 99  ? -7.341  4.734   7.847   1.00 13.14 ? 99  ILE A O     1 
ATOM   771  C  CB    . ILE A 1 99  ? -5.818  1.876   8.544   1.00 15.96 ? 99  ILE A CB    1 
ATOM   772  C  CG1   . ILE A 1 99  ? -5.033  1.280   9.716   1.00 16.88 ? 99  ILE A CG1   1 
ATOM   773  C  CG2   . ILE A 1 99  ? -4.925  2.763   7.687   1.00 15.92 ? 99  ILE A CG2   1 
ATOM   774  C  CD1   . ILE A 1 99  ? -3.828  0.443   9.285   1.00 17.85 ? 99  ILE A CD1   1 
ATOM   775  N  N     . HIS A 1 100 ? -8.447  2.907   7.122   1.00 13.56 ? 100 HIS A N     1 
ATOM   776  C  CA    . HIS A 1 100 ? -9.072  3.623   6.016   1.00 14.15 ? 100 HIS A CA    1 
ATOM   777  C  C     . HIS A 1 100 ? -9.996  4.713   6.559   1.00 15.05 ? 100 HIS A C     1 
ATOM   778  O  O     . HIS A 1 100 ? -10.011 5.835   6.049   1.00 16.84 ? 100 HIS A O     1 
ATOM   779  C  CB    . HIS A 1 100 ? -9.861  2.656   5.131   1.00 15.97 ? 100 HIS A CB    1 
ATOM   780  C  CG    . HIS A 1 100 ? -10.550 3.319   3.976   1.00 17.55 ? 100 HIS A CG    1 
ATOM   781  N  ND1   . HIS A 1 100 ? -11.897 3.613   3.979   1.00 19.67 ? 100 HIS A ND1   1 
ATOM   782  C  CD2   . HIS A 1 100 ? -10.070 3.768   2.791   1.00 18.85 ? 100 HIS A CD2   1 
ATOM   783  C  CE1   . HIS A 1 100 ? -12.217 4.216   2.847   1.00 18.19 ? 100 HIS A CE1   1 
ATOM   784  N  NE2   . HIS A 1 100 ? -11.127 4.323   2.108   1.00 21.21 ? 100 HIS A NE2   1 
ATOM   785  N  N     . GLY A 1 101 ? -10.770 4.373   7.585   1.00 15.46 ? 101 GLY A N     1 
ATOM   786  C  CA    . GLY A 1 101 ? -11.674 5.342   8.190   1.00 18.01 ? 101 GLY A CA    1 
ATOM   787  C  C     . GLY A 1 101 ? -10.922 6.514   8.806   1.00 18.53 ? 101 GLY A C     1 
ATOM   788  O  O     . GLY A 1 101 ? -11.329 7.671   8.660   1.00 17.64 ? 101 GLY A O     1 
ATOM   789  N  N     . LYS A 1 102 ? -9.826  6.221   9.503   1.00 17.34 ? 102 LYS A N     1 
ATOM   790  C  CA    . LYS A 1 102 ? -9.018  7.277   10.119  1.00 21.07 ? 102 LYS A CA    1 
ATOM   791  C  C     . LYS A 1 102 ? -8.405  8.155   9.037   1.00 21.01 ? 102 LYS A C     1 
ATOM   792  O  O     . LYS A 1 102 ? -8.328  9.375   9.180   1.00 22.60 ? 102 LYS A O     1 
ATOM   793  C  CB    . LYS A 1 102 ? -7.886  6.683   10.966  1.00 21.13 ? 102 LYS A CB    1 
ATOM   794  C  CG    . LYS A 1 102 ? -8.305  6.021   12.269  1.00 26.05 ? 102 LYS A CG    1 
ATOM   795  C  CD    . LYS A 1 102 ? -7.073  5.412   12.942  1.00 29.08 ? 102 LYS A CD    1 
ATOM   796  C  CE    . LYS A 1 102 ? -7.321  5.074   14.398  1.00 31.62 ? 102 LYS A CE    1 
ATOM   797  N  NZ    . LYS A 1 102 ? -7.583  6.304   15.182  1.00 32.64 ? 102 LYS A NZ    1 
ATOM   798  N  N     . LEU A 1 103 ? -7.966  7.529   7.950   1.00 21.89 ? 103 LEU A N     1 
ATOM   799  C  CA    . LEU A 1 103 ? -7.352  8.259   6.849   1.00 21.92 ? 103 LEU A CA    1 
ATOM   800  C  C     . LEU A 1 103 ? -8.337  9.259   6.251   1.00 24.20 ? 103 LEU A C     1 
ATOM   801  O  O     . LEU A 1 103 ? -7.981  10.417  5.996   1.00 23.67 ? 103 LEU A O     1 
ATOM   802  C  CB    . LEU A 1 103 ? -6.873  7.282   5.770   1.00 22.61 ? 103 LEU A CB    1 
ATOM   803  C  CG    . LEU A 1 103 ? -6.194  7.885   4.537   1.00 22.76 ? 103 LEU A CG    1 
ATOM   804  C  CD1   . LEU A 1 103 ? -4.953  8.668   4.964   1.00 25.75 ? 103 LEU A CD1   1 
ATOM   805  C  CD2   . LEU A 1 103 ? -5.803  6.777   3.565   1.00 21.61 ? 103 LEU A CD2   1 
ATOM   806  N  N     . LEU A 1 104 ? -9.571  8.813   6.021   1.00 24.28 ? 104 LEU A N     1 
ATOM   807  C  CA    . LEU A 1 104 ? -10.603 9.689   5.467   1.00 25.80 ? 104 LEU A CA    1 
ATOM   808  C  C     . LEU A 1 104 ? -10.910 10.839  6.421   1.00 27.64 ? 104 LEU A C     1 
ATOM   809  O  O     . LEU A 1 104 ? -11.221 11.947  5.987   1.00 27.24 ? 104 LEU A O     1 
ATOM   810  C  CB    . LEU A 1 104 ? -11.894 8.908   5.188   1.00 24.85 ? 104 LEU A CB    1 
ATOM   811  C  CG    . LEU A 1 104 ? -11.912 7.976   3.974   1.00 25.28 ? 104 LEU A CG    1 
ATOM   812  C  CD1   . LEU A 1 104 ? -13.317 7.421   3.773   1.00 24.35 ? 104 LEU A CD1   1 
ATOM   813  C  CD2   . LEU A 1 104 ? -11.481 8.737   2.744   1.00 26.62 ? 104 LEU A CD2   1 
ATOM   814  N  N     . ASP A 1 105 ? -10.835 10.562  7.720   1.00 29.96 ? 105 ASP A N     1 
ATOM   815  C  CA    . ASP A 1 105 ? -11.093 11.574  8.742   1.00 34.16 ? 105 ASP A CA    1 
ATOM   816  C  C     . ASP A 1 105 ? -9.999  12.636  8.736   1.00 37.27 ? 105 ASP A C     1 
ATOM   817  O  O     . ASP A 1 105 ? -10.272 13.832  8.849   1.00 36.76 ? 105 ASP A O     1 
ATOM   818  C  CB    . ASP A 1 105 ? -11.144 10.931  10.132  1.00 35.35 ? 105 ASP A CB    1 
ATOM   819  C  CG    . ASP A 1 105 ? -12.475 10.273  10.429  1.00 37.20 ? 105 ASP A CG    1 
ATOM   820  O  OD1   . ASP A 1 105 ? -12.574 9.573   11.463  1.00 38.27 ? 105 ASP A OD1   1 
ATOM   821  O  OD2   . ASP A 1 105 ? -13.425 10.461  9.640   1.00 38.54 ? 105 ASP A OD2   1 
ATOM   822  N  N     . MET A 1 106 ? -8.757  12.187  8.605   1.00 40.83 ? 106 MET A N     1 
ATOM   823  C  CA    . MET A 1 106 ? -7.611  13.083  8.605   1.00 46.15 ? 106 MET A CA    1 
ATOM   824  C  C     . MET A 1 106 ? -7.470  13.957  7.356   1.00 47.75 ? 106 MET A C     1 
ATOM   825  O  O     . MET A 1 106 ? -7.080  15.120  7.457   1.00 48.21 ? 106 MET A O     1 
ATOM   826  C  CB    . MET A 1 106 ? -6.332  12.271  8.840   1.00 49.19 ? 106 MET A CB    1 
ATOM   827  C  CG    . MET A 1 106 ? -5.709  12.484  10.224  1.00 53.40 ? 106 MET A CG    1 
ATOM   828  S  SD    . MET A 1 106 ? -6.849  12.308  11.633  1.00 57.38 ? 106 MET A SD    1 
ATOM   829  C  CE    . MET A 1 106 ? -6.184  10.847  12.451  1.00 58.06 ? 106 MET A CE    1 
ATOM   830  N  N     . VAL A 1 107 ? -7.791  13.416  6.185   1.00 49.59 ? 107 VAL A N     1 
ATOM   831  C  CA    . VAL A 1 107 ? -7.677  14.191  4.952   1.00 51.90 ? 107 VAL A CA    1 
ATOM   832  C  C     . VAL A 1 107 ? -8.961  14.947  4.617   1.00 54.94 ? 107 VAL A C     1 
ATOM   833  O  O     . VAL A 1 107 ? -8.915  16.050  4.071   1.00 55.77 ? 107 VAL A O     1 
ATOM   834  C  CB    . VAL A 1 107 ? -7.312  13.295  3.750   1.00 50.37 ? 107 VAL A CB    1 
ATOM   835  C  CG1   . VAL A 1 107 ? -6.022  12.551  4.034   1.00 50.13 ? 107 VAL A CG1   1 
ATOM   836  C  CG2   . VAL A 1 107 ? -8.441  12.324  3.462   1.00 50.32 ? 107 VAL A CG2   1 
ATOM   837  N  N     . GLY A 1 108 ? -10.103 14.349  4.941   1.00 57.43 ? 108 GLY A N     1 
ATOM   838  C  CA    . GLY A 1 108 ? -11.375 14.989  4.662   1.00 60.11 ? 108 GLY A CA    1 
ATOM   839  C  C     . GLY A 1 108 ? -12.123 14.360  3.499   1.00 61.82 ? 108 GLY A C     1 
ATOM   840  O  O     . GLY A 1 108 ? -12.289 13.140  3.441   1.00 62.54 ? 108 GLY A O     1 
ATOM   841  N  N     . LYS A 1 109 ? -12.575 15.199  2.573   1.00 62.97 ? 109 LYS A N     1 
ATOM   842  C  CA    . LYS A 1 109 ? -13.316 14.741  1.401   1.00 63.86 ? 109 LYS A CA    1 
ATOM   843  C  C     . LYS A 1 109 ? -12.476 14.897  0.140   1.00 63.93 ? 109 LYS A C     1 
ATOM   844  O  O     . LYS A 1 109 ? -13.009 14.975  -0.967  1.00 64.01 ? 109 LYS A O     1 
ATOM   845  C  CB    . LYS A 1 109 ? -14.606 15.551  1.252   1.00 64.73 ? 109 LYS A CB    1 
ATOM   846  C  CG    . LYS A 1 109 ? -15.560 15.437  2.432   1.00 65.23 ? 109 LYS A CG    1 
ATOM   847  C  CD    . LYS A 1 109 ? -16.636 16.515  2.391   1.00 65.28 ? 109 LYS A CD    1 
ATOM   848  C  CE    . LYS A 1 109 ? -17.479 16.429  1.130   1.00 65.74 ? 109 LYS A CE    1 
ATOM   849  N  NZ    . LYS A 1 109 ? -18.530 17.484  1.107   1.00 65.44 ? 109 LYS A NZ    1 
ATOM   850  N  N     . VAL A 1 110 ? -11.159 14.940  0.316   1.00 63.50 ? 110 VAL A N     1 
ATOM   851  C  CA    . VAL A 1 110 ? -10.232 15.104  -0.799  1.00 62.37 ? 110 VAL A CA    1 
ATOM   852  C  C     . VAL A 1 110 ? -10.386 14.010  -1.859  1.00 60.78 ? 110 VAL A C     1 
ATOM   853  O  O     . VAL A 1 110 ? -9.791  14.093  -2.936  1.00 60.81 ? 110 VAL A O     1 
ATOM   854  C  CB    . VAL A 1 110 ? -8.769  15.106  -0.297  1.00 63.53 ? 110 VAL A CB    1 
ATOM   855  C  CG1   . VAL A 1 110 ? -7.829  15.537  -1.414  1.00 64.14 ? 110 VAL A CG1   1 
ATOM   856  C  CG2   . VAL A 1 110 ? -8.635  16.030  0.904   1.00 63.58 ? 110 VAL A CG2   1 
ATOM   857  N  N     . GLN A 1 111 ? -11.188 12.993  -1.556  1.00 58.28 ? 111 GLN A N     1 
ATOM   858  C  CA    . GLN A 1 111 ? -11.406 11.887  -2.484  1.00 54.89 ? 111 GLN A CA    1 
ATOM   859  C  C     . GLN A 1 111 ? -10.044 11.373  -2.940  1.00 50.88 ? 111 GLN A C     1 
ATOM   860  O  O     . GLN A 1 111 ? -9.775  11.234  -4.134  1.00 51.21 ? 111 GLN A O     1 
ATOM   861  C  CB    . GLN A 1 111 ? -12.215 12.362  -3.690  1.00 57.57 ? 111 GLN A CB    1 
ATOM   862  C  CG    . GLN A 1 111 ? -12.728 11.238  -4.569  1.00 60.79 ? 111 GLN A CG    1 
ATOM   863  C  CD    . GLN A 1 111 ? -13.397 11.748  -5.827  1.00 62.78 ? 111 GLN A CD    1 
ATOM   864  O  OE1   . GLN A 1 111 ? -12.744 12.318  -6.704  1.00 64.35 ? 111 GLN A OE1   1 
ATOM   865  N  NE2   . GLN A 1 111 ? -14.709 11.556  -5.920  1.00 63.75 ? 111 GLN A NE2   1 
ATOM   866  N  N     . ILE A 1 112 ? -9.194  11.094  -1.961  1.00 45.52 ? 112 ILE A N     1 
ATOM   867  C  CA    . ILE A 1 112 ? -7.837  10.618  -2.194  1.00 39.56 ? 112 ILE A CA    1 
ATOM   868  C  C     . ILE A 1 112 ? -7.736  9.285   -2.938  1.00 33.77 ? 112 ILE A C     1 
ATOM   869  O  O     . ILE A 1 112 ? -8.625  8.440   -2.845  1.00 33.12 ? 112 ILE A O     1 
ATOM   870  C  CB    . ILE A 1 112 ? -7.090  10.485  -0.854  1.00 40.53 ? 112 ILE A CB    1 
ATOM   871  C  CG1   . ILE A 1 112 ? -7.790  9.447   0.028   1.00 39.30 ? 112 ILE A CG1   1 
ATOM   872  C  CG2   . ILE A 1 112 ? -7.058  11.834  -0.145  1.00 40.15 ? 112 ILE A CG2   1 
ATOM   873  C  CD1   . ILE A 1 112 ? -7.096  9.186   1.349   1.00 41.50 ? 112 ILE A CD1   1 
ATOM   874  N  N     . PRO A 1 113 ? -6.643  9.092   -3.696  1.00 28.68 ? 113 PRO A N     1 
ATOM   875  C  CA    . PRO A 1 113 ? -6.395  7.866   -4.464  1.00 26.54 ? 113 PRO A CA    1 
ATOM   876  C  C     . PRO A 1 113 ? -5.969  6.765   -3.502  1.00 25.13 ? 113 PRO A C     1 
ATOM   877  O  O     . PRO A 1 113 ? -4.953  6.894   -2.817  1.00 25.78 ? 113 PRO A O     1 
ATOM   878  C  CB    . PRO A 1 113 ? -5.256  8.263   -5.408  1.00 26.85 ? 113 PRO A CB    1 
ATOM   879  C  CG    . PRO A 1 113 ? -5.340  9.772   -5.468  1.00 26.67 ? 113 PRO A CG    1 
ATOM   880  C  CD    . PRO A 1 113 ? -5.660  10.129  -4.048  1.00 27.76 ? 113 PRO A CD    1 
ATOM   881  N  N     . ILE A 1 114 ? -6.742  5.687   -3.449  1.00 22.37 ? 114 ILE A N     1 
ATOM   882  C  CA    . ILE A 1 114 ? -6.437  4.584   -2.550  1.00 22.08 ? 114 ILE A CA    1 
ATOM   883  C  C     . ILE A 1 114 ? -6.403  3.236   -3.252  1.00 20.49 ? 114 ILE A C     1 
ATOM   884  O  O     . ILE A 1 114 ? -7.211  2.952   -4.133  1.00 19.52 ? 114 ILE A O     1 
ATOM   885  C  CB    . ILE A 1 114 ? -7.466  4.508   -1.392  1.00 24.52 ? 114 ILE A CB    1 
ATOM   886  C  CG1   . ILE A 1 114 ? -7.235  5.670   -0.424  1.00 25.91 ? 114 ILE A CG1   1 
ATOM   887  C  CG2   . ILE A 1 114 ? -7.353  3.166   -0.664  1.00 23.88 ? 114 ILE A CG2   1 
ATOM   888  C  CD1   . ILE A 1 114 ? -8.228  5.725   0.714   1.00 28.34 ? 114 ILE A CD1   1 
ATOM   889  N  N     . MET A 1 115 ? -5.449  2.411   -2.847  1.00 18.96 ? 115 MET A N     1 
ATOM   890  C  CA    . MET A 1 115 ? -5.308  1.080   -3.402  1.00 19.69 ? 115 MET A CA    1 
ATOM   891  C  C     . MET A 1 115 ? -5.199  0.075   -2.262  1.00 19.18 ? 115 MET A C     1 
ATOM   892  O  O     . MET A 1 115 ? -4.285  0.157   -1.435  1.00 19.27 ? 115 MET A O     1 
ATOM   893  C  CB    . MET A 1 115 ? -4.071  1.010   -4.292  1.00 18.64 ? 115 MET A CB    1 
ATOM   894  C  CG    . MET A 1 115 ? -3.413  -0.358  -4.314  1.00 24.56 ? 115 MET A CG    1 
ATOM   895  S  SD    . MET A 1 115 ? -2.969  -0.862  -5.968  1.00 23.05 ? 115 MET A SD    1 
ATOM   896  C  CE    . MET A 1 115 ? -3.893  -2.353  -6.131  1.00 27.13 ? 115 MET A CE    1 
ATOM   897  N  N     . LEU A 1 116 ? -6.141  -0.863  -2.219  1.00 15.61 ? 116 LEU A N     1 
ATOM   898  C  CA    . LEU A 1 116 ? -6.154  -1.890  -1.190  1.00 12.51 ? 116 LEU A CA    1 
ATOM   899  C  C     . LEU A 1 116 ? -5.357  -3.087  -1.688  1.00 14.97 ? 116 LEU A C     1 
ATOM   900  O  O     . LEU A 1 116 ? -5.546  -3.530  -2.825  1.00 10.34 ? 116 LEU A O     1 
ATOM   901  C  CB    . LEU A 1 116 ? -7.589  -2.309  -0.893  1.00 14.09 ? 116 LEU A CB    1 
ATOM   902  C  CG    . LEU A 1 116 ? -7.756  -3.462  0.094   1.00 14.31 ? 116 LEU A CG    1 
ATOM   903  C  CD1   . LEU A 1 116 ? -7.271  -3.034  1.480   1.00 9.85  ? 116 LEU A CD1   1 
ATOM   904  C  CD2   . LEU A 1 116 ? -9.223  -3.896  0.114   1.00 10.69 ? 116 LEU A CD2   1 
ATOM   905  N  N     . VAL A 1 117 ? -4.480  -3.622  -0.838  1.00 12.27 ? 117 VAL A N     1 
ATOM   906  C  CA    . VAL A 1 117 ? -3.650  -4.756  -1.240  1.00 14.24 ? 117 VAL A CA    1 
ATOM   907  C  C     . VAL A 1 117 ? -3.647  -5.907  -0.236  1.00 14.38 ? 117 VAL A C     1 
ATOM   908  O  O     . VAL A 1 117 ? -3.330  -5.711  0.936   1.00 15.01 ? 117 VAL A O     1 
ATOM   909  C  CB    . VAL A 1 117 ? -2.180  -4.312  -1.460  1.00 14.58 ? 117 VAL A CB    1 
ATOM   910  C  CG1   . VAL A 1 117 ? -1.322  -5.502  -1.855  1.00 15.52 ? 117 VAL A CG1   1 
ATOM   911  C  CG2   . VAL A 1 117 ? -2.118  -3.224  -2.521  1.00 14.69 ? 117 VAL A CG2   1 
ATOM   912  N  N     . GLY A 1 118 ? -4.000  -7.101  -0.713  1.00 13.40 ? 118 GLY A N     1 
ATOM   913  C  CA    . GLY A 1 118 ? -4.000  -8.289  0.127   1.00 13.24 ? 118 GLY A CA    1 
ATOM   914  C  C     . GLY A 1 118 ? -2.703  -9.025  -0.161  1.00 14.60 ? 118 GLY A C     1 
ATOM   915  O  O     . GLY A 1 118 ? -2.589  -9.751  -1.159  1.00 13.44 ? 118 GLY A O     1 
ATOM   916  N  N     . ASN A 1 119 ? -1.720  -8.835  0.713   1.00 13.44 ? 119 ASN A N     1 
ATOM   917  C  CA    . ASN A 1 119 ? -0.405  -9.433  0.536   1.00 15.59 ? 119 ASN A CA    1 
ATOM   918  C  C     . ASN A 1 119 ? -0.259  -10.848 1.114   1.00 17.54 ? 119 ASN A C     1 
ATOM   919  O  O     . ASN A 1 119 ? -1.157  -11.353 1.787   1.00 18.08 ? 119 ASN A O     1 
ATOM   920  C  CB    . ASN A 1 119 ? 0.632   -8.478  1.129   1.00 12.87 ? 119 ASN A CB    1 
ATOM   921  C  CG    . ASN A 1 119 ? 2.047   -8.847  0.770   1.00 16.43 ? 119 ASN A CG    1 
ATOM   922  O  OD1   . ASN A 1 119 ? 2.358   -9.128  -0.396  1.00 17.37 ? 119 ASN A OD1   1 
ATOM   923  N  ND2   . ASN A 1 119 ? 2.929   -8.828  1.766   1.00 13.94 ? 119 ASN A ND2   1 
ATOM   924  N  N     . LYS A 1 120 ? 0.881   -11.477 0.830   1.00 18.73 ? 120 LYS A N     1 
ATOM   925  C  CA    . LYS A 1 120 ? 1.184   -12.840 1.281   1.00 18.56 ? 120 LYS A CA    1 
ATOM   926  C  C     . LYS A 1 120 ? 0.325   -13.911 0.603   1.00 19.19 ? 120 LYS A C     1 
ATOM   927  O  O     . LYS A 1 120 ? 0.045   -14.956 1.191   1.00 19.80 ? 120 LYS A O     1 
ATOM   928  C  CB    . LYS A 1 120 ? 1.042   -12.954 2.807   1.00 19.21 ? 120 LYS A CB    1 
ATOM   929  C  CG    . LYS A 1 120 ? 2.024   -12.084 3.592   1.00 18.51 ? 120 LYS A CG    1 
ATOM   930  C  CD    . LYS A 1 120 ? 1.982   -12.355 5.105   1.00 18.35 ? 120 LYS A CD    1 
ATOM   931  C  CE    . LYS A 1 120 ? 3.028   -11.510 5.824   1.00 16.25 ? 120 LYS A CE    1 
ATOM   932  N  NZ    . LYS A 1 120 ? 3.113   -11.721 7.305   1.00 16.20 ? 120 LYS A NZ    1 
ATOM   933  N  N     . LYS A 1 121 ? -0.083  -13.664 -0.639  1.00 17.89 ? 121 LYS A N     1 
ATOM   934  C  CA    . LYS A 1 121 ? -0.915  -14.626 -1.362  1.00 19.94 ? 121 LYS A CA    1 
ATOM   935  C  C     . LYS A 1 121 ? -0.222  -15.973 -1.617  1.00 20.68 ? 121 LYS A C     1 
ATOM   936  O  O     . LYS A 1 121 ? -0.878  -16.959 -1.975  1.00 18.69 ? 121 LYS A O     1 
ATOM   937  C  CB    . LYS A 1 121 ? -1.376  -14.033 -2.696  1.00 22.04 ? 121 LYS A CB    1 
ATOM   938  C  CG    . LYS A 1 121 ? -0.248  -13.648 -3.645  1.00 24.91 ? 121 LYS A CG    1 
ATOM   939  C  CD    . LYS A 1 121 ? -0.793  -12.913 -4.866  1.00 29.88 ? 121 LYS A CD    1 
ATOM   940  C  CE    . LYS A 1 121 ? -1.482  -13.858 -5.843  1.00 32.50 ? 121 LYS A CE    1 
ATOM   941  N  NZ    . LYS A 1 121 ? -0.492  -14.603 -6.682  1.00 34.44 ? 121 LYS A NZ    1 
ATOM   942  N  N     . ASP A 1 122 ? 1.094   -16.014 -1.437  1.00 20.25 ? 122 ASP A N     1 
ATOM   943  C  CA    . ASP A 1 122 ? 1.843   -17.250 -1.647  1.00 22.60 ? 122 ASP A CA    1 
ATOM   944  C  C     . ASP A 1 122 ? 1.643   -18.257 -0.513  1.00 24.06 ? 122 ASP A C     1 
ATOM   945  O  O     . ASP A 1 122 ? 1.822   -19.460 -0.709  1.00 24.08 ? 122 ASP A O     1 
ATOM   946  C  CB    . ASP A 1 122 ? 3.332   -16.944 -1.797  1.00 20.45 ? 122 ASP A CB    1 
ATOM   947  C  CG    . ASP A 1 122 ? 3.889   -16.188 -0.614  1.00 22.93 ? 122 ASP A CG    1 
ATOM   948  O  OD1   . ASP A 1 122 ? 4.641   -16.791 0.179   1.00 22.00 ? 122 ASP A OD1   1 
ATOM   949  O  OD2   . ASP A 1 122 ? 3.570   -14.989 -0.471  1.00 21.33 ? 122 ASP A OD2   1 
ATOM   950  N  N     . LEU A 1 123 ? 1.279   -17.768 0.672   1.00 24.11 ? 123 LEU A N     1 
ATOM   951  C  CA    . LEU A 1 123 ? 1.068   -18.648 1.816   1.00 24.43 ? 123 LEU A CA    1 
ATOM   952  C  C     . LEU A 1 123 ? -0.322  -19.269 1.758   1.00 25.52 ? 123 LEU A C     1 
ATOM   953  O  O     . LEU A 1 123 ? -1.159  -19.034 2.628   1.00 23.88 ? 123 LEU A O     1 
ATOM   954  C  CB    . LEU A 1 123 ? 1.254   -17.869 3.122   1.00 23.82 ? 123 LEU A CB    1 
ATOM   955  C  CG    . LEU A 1 123 ? 2.668   -17.306 3.327   1.00 23.24 ? 123 LEU A CG    1 
ATOM   956  C  CD1   . LEU A 1 123 ? 2.728   -16.497 4.612   1.00 21.24 ? 123 LEU A CD1   1 
ATOM   957  C  CD2   . LEU A 1 123 ? 3.679   -18.449 3.370   1.00 22.44 ? 123 LEU A CD2   1 
ATOM   958  N  N     . HIS A 1 124 ? -0.543  -20.078 0.724   1.00 26.81 ? 124 HIS A N     1 
ATOM   959  C  CA    . HIS A 1 124 ? -1.825  -20.741 0.490   1.00 29.57 ? 124 HIS A CA    1 
ATOM   960  C  C     . HIS A 1 124 ? -2.398  -21.435 1.715   1.00 28.37 ? 124 HIS A C     1 
ATOM   961  O  O     . HIS A 1 124 ? -3.587  -21.309 2.006   1.00 26.46 ? 124 HIS A O     1 
ATOM   962  C  CB    . HIS A 1 124 ? -1.691  -21.767 -0.640  1.00 32.67 ? 124 HIS A CB    1 
ATOM   963  C  CG    . HIS A 1 124 ? -1.219  -21.183 -1.936  1.00 37.37 ? 124 HIS A CG    1 
ATOM   964  N  ND1   . HIS A 1 124 ? -1.908  -20.193 -2.602  1.00 39.06 ? 124 HIS A ND1   1 
ATOM   965  C  CD2   . HIS A 1 124 ? -0.127  -21.454 -2.689  1.00 38.57 ? 124 HIS A CD2   1 
ATOM   966  C  CE1   . HIS A 1 124 ? -1.262  -19.878 -3.710  1.00 39.48 ? 124 HIS A CE1   1 
ATOM   967  N  NE2   . HIS A 1 124 ? -0.178  -20.629 -3.787  1.00 40.08 ? 124 HIS A NE2   1 
ATOM   968  N  N     . MET A 1 125 ? -1.545  -22.167 2.427   1.00 28.31 ? 125 MET A N     1 
ATOM   969  C  CA    . MET A 1 125 ? -1.968  -22.905 3.613   1.00 29.24 ? 125 MET A CA    1 
ATOM   970  C  C     . MET A 1 125 ? -2.538  -22.018 4.717   1.00 26.58 ? 125 MET A C     1 
ATOM   971  O  O     . MET A 1 125 ? -3.540  -22.370 5.344   1.00 26.90 ? 125 MET A O     1 
ATOM   972  C  CB    . MET A 1 125 ? -0.792  -23.711 4.177   1.00 33.11 ? 125 MET A CB    1 
ATOM   973  C  CG    . MET A 1 125 ? -0.234  -24.760 3.222   1.00 40.17 ? 125 MET A CG    1 
ATOM   974  S  SD    . MET A 1 125 ? 1.353   -25.442 3.787   1.00 49.48 ? 125 MET A SD    1 
ATOM   975  C  CE    . MET A 1 125 ? 0.809   -26.835 4.746   1.00 45.69 ? 125 MET A CE    1 
ATOM   976  N  N     . GLU A 1 126 ? -1.907  -20.867 4.937   1.00 23.93 ? 126 GLU A N     1 
ATOM   977  C  CA    . GLU A 1 126 ? -2.311  -19.936 5.994   1.00 20.93 ? 126 GLU A CA    1 
ATOM   978  C  C     . GLU A 1 126 ? -3.349  -18.868 5.614   1.00 20.64 ? 126 GLU A C     1 
ATOM   979  O  O     . GLU A 1 126 ? -3.661  -17.990 6.420   1.00 16.14 ? 126 GLU A O     1 
ATOM   980  C  CB    . GLU A 1 126 ? -1.063  -19.248 6.552   1.00 23.26 ? 126 GLU A CB    1 
ATOM   981  C  CG    . GLU A 1 126 ? 0.080   -20.211 6.843   1.00 26.82 ? 126 GLU A CG    1 
ATOM   982  C  CD    . GLU A 1 126 ? 1.343   -19.514 7.312   1.00 30.32 ? 126 GLU A CD    1 
ATOM   983  O  OE1   . GLU A 1 126 ? 2.442   -20.053 7.066   1.00 31.51 ? 126 GLU A OE1   1 
ATOM   984  O  OE2   . GLU A 1 126 ? 1.241   -18.436 7.935   1.00 31.36 ? 126 GLU A OE2   1 
ATOM   985  N  N     . ARG A 1 127 ? -3.884  -18.929 4.401   1.00 18.70 ? 127 ARG A N     1 
ATOM   986  C  CA    . ARG A 1 127 ? -4.874  -17.933 3.993   1.00 18.73 ? 127 ARG A CA    1 
ATOM   987  C  C     . ARG A 1 127 ? -6.174  -18.035 4.784   1.00 17.04 ? 127 ARG A C     1 
ATOM   988  O  O     . ARG A 1 127 ? -6.717  -19.132 4.975   1.00 15.45 ? 127 ARG A O     1 
ATOM   989  C  CB    . ARG A 1 127 ? -5.194  -18.054 2.497   1.00 19.36 ? 127 ARG A CB    1 
ATOM   990  C  CG    . ARG A 1 127 ? -6.288  -17.080 2.043   1.00 20.66 ? 127 ARG A CG    1 
ATOM   991  C  CD    . ARG A 1 127 ? -6.745  -17.338 0.617   1.00 21.64 ? 127 ARG A CD    1 
ATOM   992  N  NE    . ARG A 1 127 ? -5.787  -16.881 -0.387  1.00 19.46 ? 127 ARG A NE    1 
ATOM   993  C  CZ    . ARG A 1 127 ? -5.757  -15.655 -0.905  1.00 21.72 ? 127 ARG A CZ    1 
ATOM   994  N  NH1   . ARG A 1 127 ? -6.635  -14.731 -0.521  1.00 16.06 ? 127 ARG A NH1   1 
ATOM   995  N  NH2   . ARG A 1 127 ? -4.860  -15.355 -1.836  1.00 16.45 ? 127 ARG A NH2   1 
ATOM   996  N  N     . VAL A 1 128 ? -6.664  -16.884 5.243   1.00 14.19 ? 128 VAL A N     1 
ATOM   997  C  CA    . VAL A 1 128 ? -7.917  -16.810 5.991   1.00 13.82 ? 128 VAL A CA    1 
ATOM   998  C  C     . VAL A 1 128 ? -8.853  -15.732 5.442   1.00 14.08 ? 128 VAL A C     1 
ATOM   999  O  O     . VAL A 1 128 ? -10.011 -15.648 5.843   1.00 15.48 ? 128 VAL A O     1 
ATOM   1000 C  CB    . VAL A 1 128 ? -7.673  -16.570 7.504   1.00 14.19 ? 128 VAL A CB    1 
ATOM   1001 C  CG1   . VAL A 1 128 ? -7.160  -17.863 8.151   1.00 15.16 ? 128 VAL A CG1   1 
ATOM   1002 C  CG2   . VAL A 1 128 ? -6.679  -15.429 7.716   1.00 14.06 ? 128 VAL A CG2   1 
ATOM   1003 N  N     . ILE A 1 129 ? -8.350  -14.914 4.520   1.00 15.02 ? 129 ILE A N     1 
ATOM   1004 C  CA    . ILE A 1 129 ? -9.155  -13.868 3.883   1.00 14.46 ? 129 ILE A CA    1 
ATOM   1005 C  C     . ILE A 1 129 ? -9.222  -14.254 2.410   1.00 15.00 ? 129 ILE A C     1 
ATOM   1006 O  O     . ILE A 1 129 ? -8.184  -14.484 1.787   1.00 13.23 ? 129 ILE A O     1 
ATOM   1007 C  CB    . ILE A 1 129 ? -8.490  -12.468 3.945   1.00 14.65 ? 129 ILE A CB    1 
ATOM   1008 C  CG1   . ILE A 1 129 ? -8.178  -12.078 5.391   1.00 15.68 ? 129 ILE A CG1   1 
ATOM   1009 C  CG2   . ILE A 1 129 ? -9.435  -11.420 3.326   1.00 12.85 ? 129 ILE A CG2   1 
ATOM   1010 C  CD1   . ILE A 1 129 ? -9.397  -11.969 6.264   1.00 15.28 ? 129 ILE A CD1   1 
ATOM   1011 N  N     . SER A 1 130 ? -10.427 -14.311 1.849   1.00 14.95 ? 130 SER A N     1 
ATOM   1012 C  CA    . SER A 1 130 ? -10.581 -14.681 0.448   1.00 17.42 ? 130 SER A CA    1 
ATOM   1013 C  C     . SER A 1 130 ? -10.412 -13.494 -0.491  1.00 17.43 ? 130 SER A C     1 
ATOM   1014 O  O     . SER A 1 130 ? -10.519 -12.333 -0.084  1.00 14.93 ? 130 SER A O     1 
ATOM   1015 C  CB    . SER A 1 130 ? -11.959 -15.288 0.201   1.00 18.73 ? 130 SER A CB    1 
ATOM   1016 O  OG    . SER A 1 130 ? -12.940 -14.270 0.178   1.00 16.46 ? 130 SER A OG    1 
ATOM   1017 N  N     . TYR A 1 131 ? -10.153 -13.807 -1.756  1.00 16.35 ? 131 TYR A N     1 
ATOM   1018 C  CA    . TYR A 1 131 ? -10.002 -12.790 -2.781  1.00 16.08 ? 131 TYR A CA    1 
ATOM   1019 C  C     . TYR A 1 131 ? -11.296 -11.975 -2.823  1.00 16.17 ? 131 TYR A C     1 
ATOM   1020 O  O     . TYR A 1 131 ? -11.265 -10.742 -2.929  1.00 14.99 ? 131 TYR A O     1 
ATOM   1021 C  CB    . TYR A 1 131 ? -9.770  -13.443 -4.150  1.00 18.11 ? 131 TYR A CB    1 
ATOM   1022 C  CG    . TYR A 1 131 ? -9.690  -12.443 -5.283  1.00 21.44 ? 131 TYR A CG    1 
ATOM   1023 C  CD1   . TYR A 1 131 ? -8.485  -11.819 -5.603  1.00 22.05 ? 131 TYR A CD1   1 
ATOM   1024 C  CD2   . TYR A 1 131 ? -10.832 -12.068 -5.986  1.00 22.87 ? 131 TYR A CD2   1 
ATOM   1025 C  CE1   . TYR A 1 131 ? -8.425  -10.836 -6.595  1.00 25.17 ? 131 TYR A CE1   1 
ATOM   1026 C  CE2   . TYR A 1 131 ? -10.783 -11.089 -6.977  1.00 24.46 ? 131 TYR A CE2   1 
ATOM   1027 C  CZ    . TYR A 1 131 ? -9.579  -10.477 -7.272  1.00 25.26 ? 131 TYR A CZ    1 
ATOM   1028 O  OH    . TYR A 1 131 ? -9.532  -9.483  -8.220  1.00 26.64 ? 131 TYR A OH    1 
ATOM   1029 N  N     . GLU A 1 132 ? -12.428 -12.669 -2.724  1.00 12.40 ? 132 GLU A N     1 
ATOM   1030 C  CA    . GLU A 1 132 ? -13.735 -12.018 -2.772  1.00 15.37 ? 132 GLU A CA    1 
ATOM   1031 C  C     . GLU A 1 132 ? -13.946 -11.008 -1.647  1.00 14.17 ? 132 GLU A C     1 
ATOM   1032 O  O     . GLU A 1 132 ? -14.462 -9.910  -1.878  1.00 11.32 ? 132 GLU A O     1 
ATOM   1033 C  CB    . GLU A 1 132 ? -14.854 -13.065 -2.738  1.00 18.64 ? 132 GLU A CB    1 
ATOM   1034 C  CG    . GLU A 1 132 ? -14.921 -13.934 -3.989  1.00 26.66 ? 132 GLU A CG    1 
ATOM   1035 C  CD    . GLU A 1 132 ? -13.668 -14.774 -4.195  1.00 29.63 ? 132 GLU A CD    1 
ATOM   1036 O  OE1   . GLU A 1 132 ? -13.228 -14.905 -5.357  1.00 34.61 ? 132 GLU A OE1   1 
ATOM   1037 O  OE2   . GLU A 1 132 ? -13.127 -15.310 -3.200  1.00 30.90 ? 132 GLU A OE2   1 
ATOM   1038 N  N     . GLU A 1 133 ? -13.560 -11.378 -0.429  1.00 11.84 ? 133 GLU A N     1 
ATOM   1039 C  CA    . GLU A 1 133 ? -13.723 -10.466 0.706   1.00 13.48 ? 133 GLU A CA    1 
ATOM   1040 C  C     . GLU A 1 133 ? -12.906 -9.201  0.471   1.00 11.59 ? 133 GLU A C     1 
ATOM   1041 O  O     . GLU A 1 133 ? -13.378 -8.090  0.717   1.00 11.91 ? 133 GLU A O     1 
ATOM   1042 C  CB    . GLU A 1 133 ? -13.261 -11.135 2.001   1.00 13.12 ? 133 GLU A CB    1 
ATOM   1043 C  CG    . GLU A 1 133 ? -14.051 -12.376 2.381   1.00 17.51 ? 133 GLU A CG    1 
ATOM   1044 C  CD    . GLU A 1 133 ? -13.556 -12.983 3.682   1.00 21.13 ? 133 GLU A CD    1 
ATOM   1045 O  OE1   . GLU A 1 133 ? -13.930 -12.476 4.761   1.00 24.90 ? 133 GLU A OE1   1 
ATOM   1046 O  OE2   . GLU A 1 133 ? -12.776 -13.956 3.625   1.00 19.69 ? 133 GLU A OE2   1 
ATOM   1047 N  N     . GLY A 1 134 ? -11.676 -9.381  0.003   1.00 10.77 ? 134 GLY A N     1 
ATOM   1048 C  CA    . GLY A 1 134 ? -10.810 -8.248  -0.272  1.00 11.76 ? 134 GLY A CA    1 
ATOM   1049 C  C     . GLY A 1 134 ? -11.409 -7.369  -1.359  1.00 14.27 ? 134 GLY A C     1 
ATOM   1050 O  O     . GLY A 1 134 ? -11.466 -6.142  -1.229  1.00 13.46 ? 134 GLY A O     1 
ATOM   1051 N  N     . LYS A 1 135 ? -11.870 -7.994  -2.435  1.00 12.78 ? 135 LYS A N     1 
ATOM   1052 C  CA    . LYS A 1 135 ? -12.468 -7.253  -3.539  1.00 13.93 ? 135 LYS A CA    1 
ATOM   1053 C  C     . LYS A 1 135 ? -13.731 -6.504  -3.103  1.00 13.49 ? 135 LYS A C     1 
ATOM   1054 O  O     . LYS A 1 135 ? -13.970 -5.381  -3.546  1.00 13.54 ? 135 LYS A O     1 
ATOM   1055 C  CB    . LYS A 1 135 ? -12.790 -8.202  -4.703  1.00 14.92 ? 135 LYS A CB    1 
ATOM   1056 C  CG    . LYS A 1 135 ? -13.371 -7.487  -5.917  1.00 17.28 ? 135 LYS A CG    1 
ATOM   1057 C  CD    . LYS A 1 135 ? -13.627 -8.442  -7.066  1.00 25.68 ? 135 LYS A CD    1 
ATOM   1058 C  CE    . LYS A 1 135 ? -14.313 -7.722  -8.223  1.00 28.34 ? 135 LYS A CE    1 
ATOM   1059 N  NZ    . LYS A 1 135 ? -13.524 -6.529  -8.664  1.00 30.86 ? 135 LYS A NZ    1 
ATOM   1060 N  N     . ALA A 1 136 ? -14.542 -7.122  -2.242  1.00 12.69 ? 136 ALA A N     1 
ATOM   1061 C  CA    . ALA A 1 136 ? -15.772 -6.482  -1.754  1.00 11.56 ? 136 ALA A CA    1 
ATOM   1062 C  C     . ALA A 1 136 ? -15.455 -5.208  -0.958  1.00 10.49 ? 136 ALA A C     1 
ATOM   1063 O  O     . ALA A 1 136 ? -16.184 -4.215  -1.029  1.00 8.85  ? 136 ALA A O     1 
ATOM   1064 C  CB    . ALA A 1 136 ? -16.549 -7.447  -0.870  1.00 11.04 ? 136 ALA A CB    1 
ATOM   1065 N  N     . LEU A 1 137 ? -14.380 -5.258  -0.179  1.00 9.99  ? 137 LEU A N     1 
ATOM   1066 C  CA    . LEU A 1 137 ? -13.962 -4.115  0.623   1.00 11.77 ? 137 LEU A CA    1 
ATOM   1067 C  C     . LEU A 1 137 ? -13.543 -2.970  -0.298  1.00 11.81 ? 137 LEU A C     1 
ATOM   1068 O  O     . LEU A 1 137 ? -13.984 -1.830  -0.136  1.00 12.67 ? 137 LEU A O     1 
ATOM   1069 C  CB    . LEU A 1 137 ? -12.785 -4.498  1.528   1.00 8.84  ? 137 LEU A CB    1 
ATOM   1070 C  CG    . LEU A 1 137 ? -12.318 -3.402  2.506   1.00 10.45 ? 137 LEU A CG    1 
ATOM   1071 C  CD1   . LEU A 1 137 ? -13.496 -2.859  3.294   1.00 10.52 ? 137 LEU A CD1   1 
ATOM   1072 C  CD2   . LEU A 1 137 ? -11.255 -3.975  3.453   1.00 9.06  ? 137 LEU A CD2   1 
ATOM   1073 N  N     . ALA A 1 138 ? -12.680 -3.276  -1.256  1.00 10.86 ? 138 ALA A N     1 
ATOM   1074 C  CA    . ALA A 1 138 ? -12.221 -2.261  -2.200  1.00 11.19 ? 138 ALA A CA    1 
ATOM   1075 C  C     . ALA A 1 138 ? -13.423 -1.639  -2.904  1.00 10.72 ? 138 ALA A C     1 
ATOM   1076 O  O     . ALA A 1 138 ? -13.469 -0.425  -3.116  1.00 11.78 ? 138 ALA A O     1 
ATOM   1077 C  CB    . ALA A 1 138 ? -11.288 -2.878  -3.212  1.00 11.10 ? 138 ALA A CB    1 
ATOM   1078 N  N     . GLU A 1 139 ? -14.405 -2.463  -3.260  1.00 11.12 ? 139 GLU A N     1 
ATOM   1079 C  CA    . GLU A 1 139 ? -15.583 -1.936  -3.942  1.00 12.59 ? 139 GLU A CA    1 
ATOM   1080 C  C     . GLU A 1 139 ? -16.385 -1.038  -3.003  1.00 11.68 ? 139 GLU A C     1 
ATOM   1081 O  O     . GLU A 1 139 ? -16.991 -0.054  -3.441  1.00 9.48  ? 139 GLU A O     1 
ATOM   1082 C  CB    . GLU A 1 139 ? -16.454 -3.076  -4.481  1.00 13.21 ? 139 GLU A CB    1 
ATOM   1083 C  CG    . GLU A 1 139 ? -15.819 -3.825  -5.651  1.00 19.55 ? 139 GLU A CG    1 
ATOM   1084 C  CD    . GLU A 1 139 ? -16.695 -4.963  -6.165  1.00 26.19 ? 139 GLU A CD    1 
ATOM   1085 O  OE1   . GLU A 1 139 ? -17.128 -5.807  -5.345  1.00 27.72 ? 139 GLU A OE1   1 
ATOM   1086 O  OE2   . GLU A 1 139 ? -16.947 -5.018  -7.387  1.00 29.94 ? 139 GLU A OE2   1 
ATOM   1087 N  N     . SER A 1 140 ? -16.385 -1.372  -1.714  1.00 9.12  ? 140 SER A N     1 
ATOM   1088 C  CA    . SER A 1 140 ? -17.094 -0.557  -0.729  1.00 11.20 ? 140 SER A CA    1 
ATOM   1089 C  C     . SER A 1 140 ? -16.486 0.842   -0.717  1.00 11.58 ? 140 SER A C     1 
ATOM   1090 O  O     . SER A 1 140 ? -17.183 1.827   -0.487  1.00 12.65 ? 140 SER A O     1 
ATOM   1091 C  CB    . SER A 1 140 ? -16.972 -1.161  0.677   1.00 10.13 ? 140 SER A CB    1 
ATOM   1092 O  OG    . SER A 1 140 ? -17.753 -2.338  0.788   1.00 15.02 ? 140 SER A OG    1 
ATOM   1093 N  N     . TRP A 1 141 ? -15.180 0.915   -0.964  1.00 11.43 ? 141 TRP A N     1 
ATOM   1094 C  CA    . TRP A 1 141 ? -14.462 2.187   -0.978  1.00 10.94 ? 141 TRP A CA    1 
ATOM   1095 C  C     . TRP A 1 141 ? -14.305 2.776   -2.373  1.00 11.43 ? 141 TRP A C     1 
ATOM   1096 O  O     . TRP A 1 141 ? -13.887 3.918   -2.507  1.00 13.15 ? 141 TRP A O     1 
ATOM   1097 C  CB    . TRP A 1 141 ? -13.040 2.022   -0.425  1.00 11.18 ? 141 TRP A CB    1 
ATOM   1098 C  CG    . TRP A 1 141 ? -12.918 1.417   0.933   1.00 11.20 ? 141 TRP A CG    1 
ATOM   1099 C  CD1   . TRP A 1 141 ? -13.886 1.325   1.889   1.00 13.28 ? 141 TRP A CD1   1 
ATOM   1100 C  CD2   . TRP A 1 141 ? -11.723 0.884   1.513   1.00 13.36 ? 141 TRP A CD2   1 
ATOM   1101 N  NE1   . TRP A 1 141 ? -13.366 0.767   3.037   1.00 13.43 ? 141 TRP A NE1   1 
ATOM   1102 C  CE2   . TRP A 1 141 ? -12.041 0.486   2.831   1.00 12.20 ? 141 TRP A CE2   1 
ATOM   1103 C  CE3   . TRP A 1 141 ? -10.412 0.705   1.046   1.00 12.01 ? 141 TRP A CE3   1 
ATOM   1104 C  CZ2   . TRP A 1 141 ? -11.095 -0.083  3.691   1.00 13.51 ? 141 TRP A CZ2   1 
ATOM   1105 C  CZ3   . TRP A 1 141 ? -9.464  0.136   1.908   1.00 14.63 ? 141 TRP A CZ3   1 
ATOM   1106 C  CH2   . TRP A 1 141 ? -9.817  -0.251  3.213   1.00 12.29 ? 141 TRP A CH2   1 
ATOM   1107 N  N     . ASN A 1 142 ? -14.636 2.000   -3.400  1.00 12.60 ? 142 ASN A N     1 
ATOM   1108 C  CA    . ASN A 1 142 ? -14.432 2.426   -4.785  1.00 13.73 ? 142 ASN A CA    1 
ATOM   1109 C  C     . ASN A 1 142 ? -12.913 2.632   -4.958  1.00 13.54 ? 142 ASN A C     1 
ATOM   1110 O  O     . ASN A 1 142 ? -12.461 3.619   -5.554  1.00 10.80 ? 142 ASN A O     1 
ATOM   1111 C  CB    . ASN A 1 142 ? -15.150 3.740   -5.103  1.00 17.05 ? 142 ASN A CB    1 
ATOM   1112 C  CG    . ASN A 1 142 ? -15.090 4.084   -6.587  1.00 23.08 ? 142 ASN A CG    1 
ATOM   1113 O  OD1   . ASN A 1 142 ? -15.159 5.255   -6.982  1.00 25.31 ? 142 ASN A OD1   1 
ATOM   1114 N  ND2   . ASN A 1 142 ? -14.968 3.059   -7.418  1.00 23.15 ? 142 ASN A ND2   1 
ATOM   1115 N  N     . ALA A 1 143 ? -12.132 1.695   -4.422  1.00 10.44 ? 143 ALA A N     1 
ATOM   1116 C  CA    . ALA A 1 143 ? -10.671 1.761   -4.498  1.00 10.81 ? 143 ALA A CA    1 
ATOM   1117 C  C     . ALA A 1 143 ? -10.144 0.656   -5.397  1.00 13.45 ? 143 ALA A C     1 
ATOM   1118 O  O     . ALA A 1 143 ? -10.864 -0.288  -5.712  1.00 14.21 ? 143 ALA A O     1 
ATOM   1119 C  CB    . ALA A 1 143 ? -10.067 1.604   -3.100  1.00 11.15 ? 143 ALA A CB    1 
ATOM   1120 N  N     . ALA A 1 144 ? -8.884  0.765   -5.803  1.00 11.53 ? 144 ALA A N     1 
ATOM   1121 C  CA    . ALA A 1 144 ? -8.297  -0.269  -6.639  1.00 12.09 ? 144 ALA A CA    1 
ATOM   1122 C  C     . ALA A 1 144 ? -7.997  -1.429  -5.708  1.00 11.37 ? 144 ALA A C     1 
ATOM   1123 O  O     . ALA A 1 144 ? -7.861  -1.230  -4.497  1.00 11.25 ? 144 ALA A O     1 
ATOM   1124 C  CB    . ALA A 1 144 ? -7.026  0.238   -7.291  1.00 9.00  ? 144 ALA A CB    1 
ATOM   1125 N  N     . PHE A 1 145 ? -7.904  -2.635  -6.267  1.00 10.08 ? 145 PHE A N     1 
ATOM   1126 C  CA    . PHE A 1 145 ? -7.625  -3.833  -5.488  1.00 11.22 ? 145 PHE A CA    1 
ATOM   1127 C  C     . PHE A 1 145 ? -6.710  -4.799  -6.224  1.00 12.46 ? 145 PHE A C     1 
ATOM   1128 O  O     . PHE A 1 145 ? -6.825  -4.991  -7.430  1.00 12.42 ? 145 PHE A O     1 
ATOM   1129 C  CB    . PHE A 1 145 ? -8.910  -4.578  -5.141  1.00 11.56 ? 145 PHE A CB    1 
ATOM   1130 C  CG    . PHE A 1 145 ? -8.681  -5.842  -4.351  1.00 13.43 ? 145 PHE A CG    1 
ATOM   1131 C  CD1   . PHE A 1 145 ? -8.175  -5.782  -3.055  1.00 13.01 ? 145 PHE A CD1   1 
ATOM   1132 C  CD2   . PHE A 1 145 ? -8.957  -7.090  -4.908  1.00 12.60 ? 145 PHE A CD2   1 
ATOM   1133 C  CE1   . PHE A 1 145 ? -7.943  -6.950  -2.318  1.00 13.78 ? 145 PHE A CE1   1 
ATOM   1134 C  CE2   . PHE A 1 145 ? -8.725  -8.271  -4.172  1.00 14.35 ? 145 PHE A CE2   1 
ATOM   1135 C  CZ    . PHE A 1 145 ? -8.219  -8.193  -2.879  1.00 12.73 ? 145 PHE A CZ    1 
ATOM   1136 N  N     . LEU A 1 146 ? -5.816  -5.422  -5.472  1.00 12.36 ? 146 LEU A N     1 
ATOM   1137 C  CA    . LEU A 1 146 ? -4.884  -6.388  -6.021  1.00 14.56 ? 146 LEU A CA    1 
ATOM   1138 C  C     . LEU A 1 146 ? -4.382  -7.220  -4.842  1.00 15.37 ? 146 LEU A C     1 
ATOM   1139 O  O     . LEU A 1 146 ? -4.351  -6.732  -3.713  1.00 14.17 ? 146 LEU A O     1 
ATOM   1140 C  CB    . LEU A 1 146 ? -3.709  -5.646  -6.661  1.00 16.37 ? 146 LEU A CB    1 
ATOM   1141 C  CG    . LEU A 1 146 ? -3.284  -5.909  -8.105  1.00 21.88 ? 146 LEU A CG    1 
ATOM   1142 C  CD1   . LEU A 1 146 ? -4.487  -6.023  -9.018  1.00 22.59 ? 146 LEU A CD1   1 
ATOM   1143 C  CD2   . LEU A 1 146 ? -2.363  -4.774  -8.547  1.00 21.07 ? 146 LEU A CD2   1 
ATOM   1144 N  N     . GLU A 1 147 ? -4.038  -8.479  -5.093  1.00 14.46 ? 147 GLU A N     1 
ATOM   1145 C  CA    . GLU A 1 147 ? -3.464  -9.307  -4.046  1.00 16.36 ? 147 GLU A CA    1 
ATOM   1146 C  C     . GLU A 1 147 ? -2.012  -9.373  -4.487  1.00 16.18 ? 147 GLU A C     1 
ATOM   1147 O  O     . GLU A 1 147 ? -1.715  -9.185  -5.669  1.00 15.82 ? 147 GLU A O     1 
ATOM   1148 C  CB    . GLU A 1 147 ? -4.087  -10.706 -4.008  1.00 18.19 ? 147 GLU A CB    1 
ATOM   1149 C  CG    . GLU A 1 147 ? -5.540  -10.726 -3.552  1.00 20.33 ? 147 GLU A CG    1 
ATOM   1150 C  CD    . GLU A 1 147 ? -5.971  -12.095 -3.060  1.00 20.27 ? 147 GLU A CD    1 
ATOM   1151 O  OE1   . GLU A 1 147 ? -5.669  -13.093 -3.744  1.00 20.92 ? 147 GLU A OE1   1 
ATOM   1152 O  OE2   . GLU A 1 147 ? -6.618  -12.178 -1.994  1.00 18.40 ? 147 GLU A OE2   1 
ATOM   1153 N  N     . SER A 1 148 ? -1.100  -9.615  -3.558  1.00 15.33 ? 148 SER A N     1 
ATOM   1154 C  CA    . SER A 1 148 ? 0.305   -9.652  -3.925  1.00 17.91 ? 148 SER A CA    1 
ATOM   1155 C  C     . SER A 1 148 ? 1.127   -10.578 -3.052  1.00 18.33 ? 148 SER A C     1 
ATOM   1156 O  O     . SER A 1 148 ? 0.620   -11.212 -2.130  1.00 16.82 ? 148 SER A O     1 
ATOM   1157 C  CB    . SER A 1 148 ? 0.896   -8.249  -3.822  1.00 18.84 ? 148 SER A CB    1 
ATOM   1158 O  OG    . SER A 1 148 ? 0.879   -7.811  -2.471  1.00 18.74 ? 148 SER A OG    1 
ATOM   1159 N  N     . SER A 1 149 ? 2.414   -10.639 -3.370  1.00 18.26 ? 149 SER A N     1 
ATOM   1160 C  CA    . SER A 1 149 ? 3.365   -11.442 -2.624  1.00 19.16 ? 149 SER A CA    1 
ATOM   1161 C  C     . SER A 1 149 ? 4.720   -10.747 -2.725  1.00 20.89 ? 149 SER A C     1 
ATOM   1162 O  O     . SER A 1 149 ? 5.268   -10.598 -3.821  1.00 20.27 ? 149 SER A O     1 
ATOM   1163 C  CB    . SER A 1 149 ? 3.462   -12.851 -3.205  1.00 21.07 ? 149 SER A CB    1 
ATOM   1164 O  OG    . SER A 1 149 ? 4.533   -13.552 -2.599  1.00 22.65 ? 149 SER A OG    1 
ATOM   1165 N  N     . ALA A 1 150 ? 5.251   -10.307 -1.588  1.00 21.03 ? 150 ALA A N     1 
ATOM   1166 C  CA    . ALA A 1 150 ? 6.541   -9.634  -1.573  1.00 25.56 ? 150 ALA A CA    1 
ATOM   1167 C  C     . ALA A 1 150 ? 7.639   -10.495 -2.205  1.00 28.46 ? 150 ALA A C     1 
ATOM   1168 O  O     . ALA A 1 150 ? 8.730   -10.000 -2.496  1.00 30.45 ? 150 ALA A O     1 
ATOM   1169 C  CB    . ALA A 1 150 ? 6.923   -9.265  -0.149  1.00 25.98 ? 150 ALA A CB    1 
ATOM   1170 N  N     . LYS A 1 151 ? 7.349   -11.774 -2.424  1.00 29.08 ? 151 LYS A N     1 
ATOM   1171 C  CA    . LYS A 1 151 ? 8.323   -12.687 -3.020  1.00 32.63 ? 151 LYS A CA    1 
ATOM   1172 C  C     . LYS A 1 151 ? 8.227   -12.729 -4.547  1.00 33.29 ? 151 LYS A C     1 
ATOM   1173 O  O     . LYS A 1 151 ? 9.150   -13.194 -5.221  1.00 34.46 ? 151 LYS A O     1 
ATOM   1174 C  CB    . LYS A 1 151 ? 8.138   -14.108 -2.469  1.00 32.79 ? 151 LYS A CB    1 
ATOM   1175 C  CG    . LYS A 1 151 ? 8.334   -14.235 -0.960  1.00 34.59 ? 151 LYS A CG    1 
ATOM   1176 C  CD    . LYS A 1 151 ? 8.438   -15.699 -0.537  1.00 34.71 ? 151 LYS A CD    1 
ATOM   1177 C  CE    . LYS A 1 151 ? 8.660   -15.821 0.960   1.00 34.84 ? 151 LYS A CE    1 
ATOM   1178 N  NZ    . LYS A 1 151 ? 9.096   -17.184 1.373   1.00 34.91 ? 151 LYS A NZ    1 
ATOM   1179 N  N     . GLU A 1 152 ? 7.111   -12.246 -5.085  1.00 31.82 ? 152 GLU A N     1 
ATOM   1180 C  CA    . GLU A 1 152 ? 6.881   -12.234 -6.527  1.00 29.31 ? 152 GLU A CA    1 
ATOM   1181 C  C     . GLU A 1 152 ? 6.947   -10.803 -7.063  1.00 29.35 ? 152 GLU A C     1 
ATOM   1182 O  O     . GLU A 1 152 ? 5.955   -10.069 -7.048  1.00 26.51 ? 152 GLU A O     1 
ATOM   1183 C  CB    . GLU A 1 152 ? 5.521   -12.873 -6.826  1.00 32.02 ? 152 GLU A CB    1 
ATOM   1184 C  CG    . GLU A 1 152 ? 5.513   -14.392 -6.638  1.00 35.00 ? 152 GLU A CG    1 
ATOM   1185 C  CD    . GLU A 1 152 ? 4.117   -14.986 -6.508  1.00 37.06 ? 152 GLU A CD    1 
ATOM   1186 O  OE1   . GLU A 1 152 ? 3.228   -14.646 -7.319  1.00 40.03 ? 152 GLU A OE1   1 
ATOM   1187 O  OE2   . GLU A 1 152 ? 3.911   -15.812 -5.594  1.00 40.08 ? 152 GLU A OE2   1 
ATOM   1188 N  N     . ASN A 1 153 ? 8.130   -10.422 -7.543  1.00 27.88 ? 153 ASN A N     1 
ATOM   1189 C  CA    . ASN A 1 153 ? 8.386   -9.077  -8.056  1.00 26.87 ? 153 ASN A CA    1 
ATOM   1190 C  C     . ASN A 1 153 ? 7.321   -8.478  -8.969  1.00 26.51 ? 153 ASN A C     1 
ATOM   1191 O  O     . ASN A 1 153 ? 6.986   -7.298  -8.841  1.00 27.26 ? 153 ASN A O     1 
ATOM   1192 C  CB    . ASN A 1 153 ? 9.749   -9.035  -8.761  1.00 28.62 ? 153 ASN A CB    1 
ATOM   1193 C  CG    . ASN A 1 153 ? 10.113  -7.640  -9.257  1.00 28.09 ? 153 ASN A CG    1 
ATOM   1194 O  OD1   . ASN A 1 153 ? 9.759   -7.249  -10.370 1.00 29.21 ? 153 ASN A OD1   1 
ATOM   1195 N  ND2   . ASN A 1 153 ? 10.811  -6.881  -8.421  1.00 26.60 ? 153 ASN A ND2   1 
ATOM   1196 N  N     . GLN A 1 154 ? 6.784   -9.271  -9.889  1.00 25.58 ? 154 GLN A N     1 
ATOM   1197 C  CA    . GLN A 1 154 ? 5.779   -8.738  -10.795 1.00 26.31 ? 154 GLN A CA    1 
ATOM   1198 C  C     . GLN A 1 154 ? 4.506   -8.290  -10.080 1.00 25.48 ? 154 GLN A C     1 
ATOM   1199 O  O     . GLN A 1 154 ? 3.821   -7.379  -10.552 1.00 23.81 ? 154 GLN A O     1 
ATOM   1200 C  CB    . GLN A 1 154 ? 5.433   -9.754  -11.886 1.00 27.96 ? 154 GLN A CB    1 
ATOM   1201 C  CG    . GLN A 1 154 ? 4.589   -9.162  -13.006 1.00 30.93 ? 154 GLN A CG    1 
ATOM   1202 C  CD    . GLN A 1 154 ? 5.261   -7.971  -13.673 1.00 33.01 ? 154 GLN A CD    1 
ATOM   1203 O  OE1   . GLN A 1 154 ? 6.367   -8.085  -14.204 1.00 35.06 ? 154 GLN A OE1   1 
ATOM   1204 N  NE2   . GLN A 1 154 ? 4.593   -6.820  -13.650 1.00 31.99 ? 154 GLN A NE2   1 
ATOM   1205 N  N     . THR A 1 155 ? 4.184   -8.915  -8.948  1.00 23.84 ? 155 THR A N     1 
ATOM   1206 C  CA    . THR A 1 155 ? 2.984   -8.521  -8.210  1.00 22.34 ? 155 THR A CA    1 
ATOM   1207 C  C     . THR A 1 155 ? 3.248   -7.199  -7.492  1.00 21.50 ? 155 THR A C     1 
ATOM   1208 O  O     . THR A 1 155 ? 2.350   -6.364  -7.354  1.00 20.62 ? 155 THR A O     1 
ATOM   1209 C  CB    . THR A 1 155 ? 2.554   -9.591  -7.165  1.00 20.70 ? 155 THR A CB    1 
ATOM   1210 O  OG1   . THR A 1 155 ? 3.540   -9.686  -6.132  1.00 19.80 ? 155 THR A OG1   1 
ATOM   1211 C  CG2   . THR A 1 155 ? 2.381   -10.951 -7.828  1.00 21.68 ? 155 THR A CG2   1 
ATOM   1212 N  N     . ALA A 1 156 ? 4.486   -7.013  -7.041  1.00 21.87 ? 156 ALA A N     1 
ATOM   1213 C  CA    . ALA A 1 156 ? 4.879   -5.788  -6.356  1.00 21.98 ? 156 ALA A CA    1 
ATOM   1214 C  C     . ALA A 1 156 ? 4.902   -4.627  -7.349  1.00 22.55 ? 156 ALA A C     1 
ATOM   1215 O  O     . ALA A 1 156 ? 4.528   -3.499  -7.013  1.00 20.18 ? 156 ALA A O     1 
ATOM   1216 C  CB    . ALA A 1 156 ? 6.254   -5.959  -5.722  1.00 24.39 ? 156 ALA A CB    1 
ATOM   1217 N  N     . VAL A 1 157 ? 5.350   -4.905  -8.569  1.00 21.68 ? 157 VAL A N     1 
ATOM   1218 C  CA    . VAL A 1 157 ? 5.409   -3.877  -9.601  1.00 23.14 ? 157 VAL A CA    1 
ATOM   1219 C  C     . VAL A 1 157 ? 3.999   -3.480  -10.012 1.00 21.49 ? 157 VAL A C     1 
ATOM   1220 O  O     . VAL A 1 157 ? 3.718   -2.299  -10.219 1.00 22.74 ? 157 VAL A O     1 
ATOM   1221 C  CB    . VAL A 1 157 ? 6.168   -4.363  -10.863 1.00 22.86 ? 157 VAL A CB    1 
ATOM   1222 C  CG1   . VAL A 1 157 ? 6.093   -3.309  -11.953 1.00 24.26 ? 157 VAL A CG1   1 
ATOM   1223 C  CG2   . VAL A 1 157 ? 7.622   -4.643  -10.522 1.00 24.33 ? 157 VAL A CG2   1 
ATOM   1224 N  N     . ASP A 1 158 ? 3.115   -4.468  -10.132 1.00 20.13 ? 158 ASP A N     1 
ATOM   1225 C  CA    . ASP A 1 158 ? 1.736   -4.201  -10.518 1.00 20.18 ? 158 ASP A CA    1 
ATOM   1226 C  C     . ASP A 1 158 ? 1.052   -3.318  -9.486  1.00 19.01 ? 158 ASP A C     1 
ATOM   1227 O  O     . ASP A 1 158 ? 0.264   -2.437  -9.831  1.00 18.09 ? 158 ASP A O     1 
ATOM   1228 C  CB    . ASP A 1 158 ? 0.947   -5.505  -10.675 1.00 22.88 ? 158 ASP A CB    1 
ATOM   1229 C  CG    . ASP A 1 158 ? 1.424   -6.346  -11.852 1.00 25.48 ? 158 ASP A CG    1 
ATOM   1230 O  OD1   . ASP A 1 158 ? 1.992   -5.775  -12.809 1.00 23.23 ? 158 ASP A OD1   1 
ATOM   1231 O  OD2   . ASP A 1 158 ? 1.214   -7.575  -11.824 1.00 26.29 ? 158 ASP A OD2   1 
ATOM   1232 N  N     . VAL A 1 159 ? 1.348   -3.565  -8.215  1.00 16.64 ? 159 VAL A N     1 
ATOM   1233 C  CA    . VAL A 1 159 ? 0.764   -2.767  -7.144  1.00 15.67 ? 159 VAL A CA    1 
ATOM   1234 C  C     . VAL A 1 159 ? 1.121   -1.292  -7.305  1.00 16.91 ? 159 VAL A C     1 
ATOM   1235 O  O     . VAL A 1 159 ? 0.238   -0.440  -7.384  1.00 16.96 ? 159 VAL A O     1 
ATOM   1236 C  CB    . VAL A 1 159 ? 1.242   -3.268  -5.758  1.00 14.67 ? 159 VAL A CB    1 
ATOM   1237 C  CG1   . VAL A 1 159 ? 1.016   -2.195  -4.691  1.00 14.80 ? 159 VAL A CG1   1 
ATOM   1238 C  CG2   . VAL A 1 159 ? 0.471   -4.539  -5.387  1.00 12.37 ? 159 VAL A CG2   1 
ATOM   1239 N  N     . PHE A 1 160 ? 2.415   -0.988  -7.368  1.00 17.64 ? 160 PHE A N     1 
ATOM   1240 C  CA    . PHE A 1 160 ? 2.839   0.402   -7.495  1.00 17.12 ? 160 PHE A CA    1 
ATOM   1241 C  C     . PHE A 1 160 ? 2.424   1.060   -8.811  1.00 17.65 ? 160 PHE A C     1 
ATOM   1242 O  O     . PHE A 1 160 ? 2.077   2.243   -8.829  1.00 18.95 ? 160 PHE A O     1 
ATOM   1243 C  CB    . PHE A 1 160 ? 4.345   0.502   -7.243  1.00 17.86 ? 160 PHE A CB    1 
ATOM   1244 C  CG    . PHE A 1 160 ? 4.708   0.396   -5.782  1.00 19.19 ? 160 PHE A CG    1 
ATOM   1245 C  CD1   . PHE A 1 160 ? 4.674   1.519   -4.961  1.00 17.71 ? 160 PHE A CD1   1 
ATOM   1246 C  CD2   . PHE A 1 160 ? 5.011   -0.837  -5.211  1.00 20.44 ? 160 PHE A CD2   1 
ATOM   1247 C  CE1   . PHE A 1 160 ? 4.932   1.417   -3.594  1.00 17.82 ? 160 PHE A CE1   1 
ATOM   1248 C  CE2   . PHE A 1 160 ? 5.270   -0.946  -3.842  1.00 20.06 ? 160 PHE A CE2   1 
ATOM   1249 C  CZ    . PHE A 1 160 ? 5.230   0.180   -3.036  1.00 18.59 ? 160 PHE A CZ    1 
ATOM   1250 N  N     . ARG A 1 161 ? 2.427   0.307   -9.908  1.00 19.06 ? 161 ARG A N     1 
ATOM   1251 C  CA    . ARG A 1 161 ? 1.992   0.876   -11.183 1.00 20.57 ? 161 ARG A CA    1 
ATOM   1252 C  C     . ARG A 1 161 ? 0.505   1.229   -11.058 1.00 20.71 ? 161 ARG A C     1 
ATOM   1253 O  O     . ARG A 1 161 ? 0.040   2.268   -11.543 1.00 18.98 ? 161 ARG A O     1 
ATOM   1254 C  CB    . ARG A 1 161 ? 2.166   -0.135  -12.324 1.00 23.38 ? 161 ARG A CB    1 
ATOM   1255 C  CG    . ARG A 1 161 ? 3.610   -0.533  -12.599 1.00 28.58 ? 161 ARG A CG    1 
ATOM   1256 C  CD    . ARG A 1 161 ? 3.723   -1.353  -13.872 1.00 34.00 ? 161 ARG A CD    1 
ATOM   1257 N  NE    . ARG A 1 161 ? 3.321   -0.580  -15.043 1.00 40.05 ? 161 ARG A NE    1 
ATOM   1258 C  CZ    . ARG A 1 161 ? 3.390   -1.020  -16.296 1.00 43.31 ? 161 ARG A CZ    1 
ATOM   1259 N  NH1   . ARG A 1 161 ? 3.846   -2.239  -16.553 1.00 46.84 ? 161 ARG A NH1   1 
ATOM   1260 N  NH2   . ARG A 1 161 ? 3.006   -0.234  -17.295 1.00 44.50 ? 161 ARG A NH2   1 
ATOM   1261 N  N     . ARG A 1 162 ? -0.234  0.348   -10.393 1.00 19.59 ? 162 ARG A N     1 
ATOM   1262 C  CA    . ARG A 1 162 ? -1.665  0.527   -10.204 1.00 18.92 ? 162 ARG A CA    1 
ATOM   1263 C  C     . ARG A 1 162 ? -2.040  1.780   -9.411  1.00 19.57 ? 162 ARG A C     1 
ATOM   1264 O  O     . ARG A 1 162 ? -2.959  2.499   -9.808  1.00 17.75 ? 162 ARG A O     1 
ATOM   1265 C  CB    . ARG A 1 162 ? -2.264  -0.710  -9.532  1.00 18.94 ? 162 ARG A CB    1 
ATOM   1266 C  CG    . ARG A 1 162 ? -3.774  -0.721  -9.536  1.00 20.11 ? 162 ARG A CG    1 
ATOM   1267 C  CD    . ARG A 1 162 ? -4.303  -0.479  -10.937 1.00 20.43 ? 162 ARG A CD    1 
ATOM   1268 N  NE    . ARG A 1 162 ? -5.589  0.198   -10.888 1.00 25.84 ? 162 ARG A NE    1 
ATOM   1269 C  CZ    . ARG A 1 162 ? -6.754  -0.408  -10.716 1.00 28.53 ? 162 ARG A CZ    1 
ATOM   1270 N  NH1   . ARG A 1 162 ? -6.800  -1.726  -10.587 1.00 32.78 ? 162 ARG A NH1   1 
ATOM   1271 N  NH2   . ARG A 1 162 ? -7.870  0.310   -10.637 1.00 31.16 ? 162 ARG A NH2   1 
ATOM   1272 N  N     . ILE A 1 163 ? -1.347  2.049   -8.302  1.00 19.47 ? 163 ILE A N     1 
ATOM   1273 C  CA    . ILE A 1 163 ? -1.669  3.235   -7.502  1.00 18.47 ? 163 ILE A CA    1 
ATOM   1274 C  C     . ILE A 1 163 ? -1.381  4.503   -8.304  1.00 20.53 ? 163 ILE A C     1 
ATOM   1275 O  O     . ILE A 1 163 ? -2.069  5.518   -8.150  1.00 17.85 ? 163 ILE A O     1 
ATOM   1276 C  CB    . ILE A 1 163 ? -0.882  3.287   -6.163  1.00 18.31 ? 163 ILE A CB    1 
ATOM   1277 C  CG1   . ILE A 1 163 ? -1.331  4.508   -5.349  1.00 16.66 ? 163 ILE A CG1   1 
ATOM   1278 C  CG2   . ILE A 1 163 ? 0.617   3.395   -6.423  1.00 18.57 ? 163 ILE A CG2   1 
ATOM   1279 C  CD1   . ILE A 1 163 ? -2.838  4.592   -5.142  1.00 17.23 ? 163 ILE A CD1   1 
ATOM   1280 N  N     . ILE A 1 164 ? -0.370  4.435   -9.166  1.00 20.90 ? 164 ILE A N     1 
ATOM   1281 C  CA    . ILE A 1 164 ? -0.016  5.568   -10.017 1.00 22.50 ? 164 ILE A CA    1 
ATOM   1282 C  C     . ILE A 1 164 ? -1.177  5.874   -10.965 1.00 22.50 ? 164 ILE A C     1 
ATOM   1283 O  O     . ILE A 1 164 ? -1.526  7.034   -11.177 1.00 22.55 ? 164 ILE A O     1 
ATOM   1284 C  CB    . ILE A 1 164 ? 1.251   5.265   -10.845 1.00 23.37 ? 164 ILE A CB    1 
ATOM   1285 C  CG1   . ILE A 1 164 ? 2.472   5.269   -9.923  1.00 23.54 ? 164 ILE A CG1   1 
ATOM   1286 C  CG2   . ILE A 1 164 ? 1.418   6.288   -11.961 1.00 22.60 ? 164 ILE A CG2   1 
ATOM   1287 C  CD1   . ILE A 1 164 ? 3.759   4.920   -10.620 1.00 25.85 ? 164 ILE A CD1   1 
ATOM   1288 N  N     . LEU A 1 165 ? -1.780  4.826   -11.521 1.00 23.62 ? 165 LEU A N     1 
ATOM   1289 C  CA    . LEU A 1 165 ? -2.904  4.997   -12.439 1.00 23.30 ? 165 LEU A CA    1 
ATOM   1290 C  C     . LEU A 1 165 ? -4.129  5.490   -11.680 1.00 22.98 ? 165 LEU A C     1 
ATOM   1291 O  O     . LEU A 1 165 ? -4.889  6.320   -12.178 1.00 22.24 ? 165 LEU A O     1 
ATOM   1292 C  CB    . LEU A 1 165 ? -3.214  3.677   -13.143 1.00 26.17 ? 165 LEU A CB    1 
ATOM   1293 C  CG    . LEU A 1 165 ? -2.041  3.081   -13.929 1.00 27.47 ? 165 LEU A CG    1 
ATOM   1294 C  CD1   . LEU A 1 165 ? -2.486  1.789   -14.614 1.00 29.81 ? 165 LEU A CD1   1 
ATOM   1295 C  CD2   . LEU A 1 165 ? -1.545  4.083   -14.957 1.00 28.61 ? 165 LEU A CD2   1 
ATOM   1296 N  N     . GLU A 1 166 ? -4.324  4.977   -10.470 1.00 22.25 ? 166 GLU A N     1 
ATOM   1297 C  CA    . GLU A 1 166 ? -5.454  5.414   -9.664  1.00 24.46 ? 166 GLU A CA    1 
ATOM   1298 C  C     . GLU A 1 166 ? -5.287  6.916   -9.423  1.00 25.78 ? 166 GLU A C     1 
ATOM   1299 O  O     . GLU A 1 166 ? -6.235  7.687   -9.551  1.00 26.43 ? 166 GLU A O     1 
ATOM   1300 C  CB    . GLU A 1 166 ? -5.479  4.671   -8.328  1.00 23.08 ? 166 GLU A CB    1 
ATOM   1301 C  CG    . GLU A 1 166 ? -6.713  4.953   -7.488  1.00 24.70 ? 166 GLU A CG    1 
ATOM   1302 C  CD    . GLU A 1 166 ? -7.974  4.342   -8.077  1.00 25.80 ? 166 GLU A CD    1 
ATOM   1303 O  OE1   . GLU A 1 166 ? -7.892  3.711   -9.155  1.00 22.86 ? 166 GLU A OE1   1 
ATOM   1304 O  OE2   . GLU A 1 166 ? -9.046  4.494   -7.458  1.00 25.49 ? 166 GLU A OE2   1 
ATOM   1305 N  N     . ALA A 1 167 ? -4.070  7.327   -9.086  1.00 27.48 ? 167 ALA A N     1 
ATOM   1306 C  CA    . ALA A 1 167 ? -3.792  8.739   -8.843  1.00 31.07 ? 167 ALA A CA    1 
ATOM   1307 C  C     . ALA A 1 167 ? -4.137  9.554   -10.088 1.00 33.14 ? 167 ALA A C     1 
ATOM   1308 O  O     . ALA A 1 167 ? -4.860  10.548  -10.011 1.00 34.24 ? 167 ALA A O     1 
ATOM   1309 C  CB    . ALA A 1 167 ? -2.325  8.928   -8.485  1.00 29.25 ? 167 ALA A CB    1 
ATOM   1310 N  N     . GLU A 1 168 ? -3.623  9.130   -11.236 1.00 35.81 ? 168 GLU A N     1 
ATOM   1311 C  CA    . GLU A 1 168 ? -3.888  9.833   -12.487 1.00 40.06 ? 168 GLU A CA    1 
ATOM   1312 C  C     . GLU A 1 168 ? -5.384  9.868   -12.793 1.00 41.53 ? 168 GLU A C     1 
ATOM   1313 O  O     . GLU A 1 168 ? -5.899  10.861  -13.302 1.00 41.98 ? 168 GLU A O     1 
ATOM   1314 C  CB    . GLU A 1 168 ? -3.134  9.163   -13.638 1.00 41.23 ? 168 GLU A CB    1 
ATOM   1315 C  CG    . GLU A 1 168 ? -1.628  9.063   -13.415 1.00 46.52 ? 168 GLU A CG    1 
ATOM   1316 C  CD    . GLU A 1 168 ? -0.932  10.418  -13.389 1.00 49.54 ? 168 GLU A CD    1 
ATOM   1317 O  OE1   . GLU A 1 168 ? -1.361  11.307  -12.620 1.00 50.96 ? 168 GLU A OE1   1 
ATOM   1318 O  OE2   . GLU A 1 168 ? 0.055   10.594  -14.135 1.00 50.47 ? 168 GLU A OE2   1 
ATOM   1319 N  N     . LYS A 1 169 ? -6.079  8.781   -12.476 1.00 43.30 ? 169 LYS A N     1 
ATOM   1320 C  CA    . LYS A 1 169 ? -7.514  8.700   -12.721 1.00 46.16 ? 169 LYS A CA    1 
ATOM   1321 C  C     . LYS A 1 169 ? -8.279  9.734   -11.896 1.00 47.82 ? 169 LYS A C     1 
ATOM   1322 O  O     . LYS A 1 169 ? -9.113  10.470  -12.428 1.00 48.00 ? 169 LYS A O     1 
ATOM   1323 C  CB    . LYS A 1 169 ? -8.031  7.295   -12.393 1.00 47.23 ? 169 LYS A CB    1 
ATOM   1324 C  CG    . LYS A 1 169 ? -9.492  7.077   -12.756 1.00 48.54 ? 169 LYS A CG    1 
ATOM   1325 C  CD    . LYS A 1 169 ? -9.952  5.670   -12.415 1.00 50.23 ? 169 LYS A CD    1 
ATOM   1326 C  CE    . LYS A 1 169 ? -9.960  5.446   -10.914 1.00 51.58 ? 169 LYS A CE    1 
ATOM   1327 N  NZ    . LYS A 1 169 ? -10.861 6.421   -10.235 1.00 52.82 ? 169 LYS A NZ    1 
ATOM   1328 N  N     . LEU A 1 170 ? -7.997  9.786   -10.595 1.00 49.31 ? 170 LEU A N     1 
ATOM   1329 C  CA    . LEU A 1 170 ? -8.658  10.739  -9.708  1.00 50.97 ? 170 LEU A CA    1 
ATOM   1330 C  C     . LEU A 1 170 ? -8.226  12.161  -10.041 1.00 52.88 ? 170 LEU A C     1 
ATOM   1331 O  O     . LEU A 1 170 ? -8.902  13.126  -9.690  1.00 54.09 ? 170 LEU A O     1 
ATOM   1332 C  CB    . LEU A 1 170 ? -8.332  10.431  -8.243  1.00 49.96 ? 170 LEU A CB    1 
ATOM   1333 C  CG    . LEU A 1 170 ? -9.098  9.300   -7.544  1.00 50.84 ? 170 LEU A CG    1 
ATOM   1334 C  CD1   . LEU A 1 170 ? -10.581 9.647   -7.492  1.00 51.01 ? 170 LEU A CD1   1 
ATOM   1335 C  CD2   . LEU A 1 170 ? -8.881  7.987   -8.271  1.00 50.75 ? 170 LEU A CD2   1 
ATOM   1336 N  N     . GLU A 1 171 ? -7.094  12.278  -10.722 1.00 54.80 ? 171 GLU A N     1 
ATOM   1337 C  CA    . GLU A 1 171 ? -6.555  13.572  -11.116 1.00 57.66 ? 171 GLU A CA    1 
ATOM   1338 C  C     . GLU A 1 171 ? -7.479  14.272  -12.115 1.00 58.69 ? 171 GLU A C     1 
ATOM   1339 O  O     . GLU A 1 171 ? -8.486  13.652  -12.515 1.00 59.90 ? 171 GLU A O     1 
ATOM   1340 C  CB    . GLU A 1 171 ? -5.171  13.366  -11.730 1.00 58.87 ? 171 GLU A CB    1 
ATOM   1341 C  CG    . GLU A 1 171 ? -4.542  14.595  -12.339 1.00 61.56 ? 171 GLU A CG    1 
ATOM   1342 C  CD    . GLU A 1 171 ? -3.225  14.278  -13.012 1.00 63.48 ? 171 GLU A CD    1 
ATOM   1343 O  OE1   . GLU A 1 171 ? -2.265  13.914  -12.299 1.00 63.93 ? 171 GLU A OE1   1 
ATOM   1344 O  OE2   . GLU A 1 171 ? -3.155  14.382  -14.256 1.00 65.66 ? 171 GLU A OE2   1 
HETATM 1345 MG MG    . MG  B 2 .   ? 8.117   -2.475  8.104   1.00 30.99 ? 202 MG  A MG    1 
HETATM 1346 P  PB    . GDP C 3 .   ? 5.677   -4.672  7.726   1.00 25.85 ? 201 GDP A PB    1 
HETATM 1347 O  O1B   . GDP C 3 .   ? 5.874   -4.451  9.171   1.00 24.82 ? 201 GDP A O1B   1 
HETATM 1348 O  O2B   . GDP C 3 .   ? 4.279   -4.556  7.272   1.00 25.88 ? 201 GDP A O2B   1 
HETATM 1349 O  O3B   . GDP C 3 .   ? 6.504   -3.789  6.873   1.00 26.30 ? 201 GDP A O3B   1 
HETATM 1350 O  O3A   . GDP C 3 .   ? 6.104   -6.185  7.418   1.00 23.21 ? 201 GDP A O3A   1 
HETATM 1351 P  PA    . GDP C 3 .   ? 7.534   -6.778  6.886   1.00 26.32 ? 201 GDP A PA    1 
HETATM 1352 O  O1A   . GDP C 3 .   ? 8.549   -6.476  7.887   1.00 27.25 ? 201 GDP A O1A   1 
HETATM 1353 O  O2A   . GDP C 3 .   ? 7.725   -6.255  5.524   1.00 25.54 ? 201 GDP A O2A   1 
HETATM 1354 O  "O5'" . GDP C 3 .   ? 7.185   -8.329  6.827   1.00 24.62 ? 201 GDP A "O5'" 1 
HETATM 1355 C  "C5'" . GDP C 3 .   ? 6.954   -9.085  8.034   1.00 24.44 ? 201 GDP A "C5'" 1 
HETATM 1356 C  "C4'" . GDP C 3 .   ? 7.321   -10.552 7.871   1.00 25.23 ? 201 GDP A "C4'" 1 
HETATM 1357 O  "O4'" . GDP C 3 .   ? 6.451   -11.119 6.859   1.00 24.01 ? 201 GDP A "O4'" 1 
HETATM 1358 C  "C3'" . GDP C 3 .   ? 8.752   -10.806 7.398   1.00 25.95 ? 201 GDP A "C3'" 1 
HETATM 1359 O  "O3'" . GDP C 3 .   ? 9.150   -11.979 8.124   1.00 24.41 ? 201 GDP A "O3'" 1 
HETATM 1360 C  "C2'" . GDP C 3 .   ? 8.570   -11.052 5.871   1.00 26.49 ? 201 GDP A "C2'" 1 
HETATM 1361 O  "O2'" . GDP C 3 .   ? 9.599   -11.921 5.317   1.00 27.83 ? 201 GDP A "O2'" 1 
HETATM 1362 C  "C1'" . GDP C 3 .   ? 7.197   -11.701 5.774   1.00 24.77 ? 201 GDP A "C1'" 1 
HETATM 1363 N  N9    . GDP C 3 .   ? 6.495   -11.361 4.502   1.00 21.80 ? 201 GDP A N9    1 
HETATM 1364 C  C8    . GDP C 3 .   ? 6.166   -10.117 3.980   1.00 21.13 ? 201 GDP A C8    1 
HETATM 1365 N  N7    . GDP C 3 .   ? 5.536   -10.146 2.829   1.00 20.10 ? 201 GDP A N7    1 
HETATM 1366 C  C5    . GDP C 3 .   ? 5.445   -11.509 2.575   1.00 20.73 ? 201 GDP A C5    1 
HETATM 1367 C  C6    . GDP C 3 .   ? 4.875   -12.215 1.498   1.00 19.88 ? 201 GDP A C6    1 
HETATM 1368 O  O6    . GDP C 3 .   ? 4.304   -11.747 0.494   1.00 18.54 ? 201 GDP A O6    1 
HETATM 1369 N  N1    . GDP C 3 .   ? 4.989   -13.594 1.617   1.00 20.81 ? 201 GDP A N1    1 
HETATM 1370 C  C2    . GDP C 3 .   ? 5.600   -14.259 2.683   1.00 21.86 ? 201 GDP A C2    1 
HETATM 1371 N  N2    . GDP C 3 .   ? 5.634   -15.578 2.663   1.00 23.25 ? 201 GDP A N2    1 
HETATM 1372 N  N3    . GDP C 3 .   ? 6.144   -13.615 3.713   1.00 21.29 ? 201 GDP A N3    1 
HETATM 1373 C  C4    . GDP C 3 .   ? 6.038   -12.259 3.607   1.00 21.44 ? 201 GDP A C4    1 
HETATM 1374 O  O     . HOH D 4 .   ? 9.678   -4.265  8.283   1.00 27.18 ? 203 HOH A O     1 
HETATM 1375 O  O     . HOH D 4 .   ? 6.939   -2.133  10.122  1.00 20.14 ? 204 HOH A O     1 
HETATM 1376 O  O     . HOH D 4 .   ? 6.748   -0.683  7.402   1.00 16.53 ? 205 HOH A O     1 
HETATM 1377 O  O     . HOH D 4 .   ? 9.743   -0.869  8.908   1.00 24.47 ? 206 HOH A O     1 
HETATM 1378 O  O     . HOH D 4 .   ? 0.544   -11.678 8.452   1.00 17.02 ? 207 HOH A O     1 
HETATM 1379 O  O     . HOH D 4 .   ? 7.050   -13.686 8.856   1.00 29.96 ? 208 HOH A O     1 
HETATM 1380 O  O     . HOH D 4 .   ? 4.381   -2.228  10.743  1.00 29.65 ? 209 HOH A O     1 
HETATM 1381 O  O     . HOH D 4 .   ? -5.721  -21.185 6.382   1.00 14.98 ? 210 HOH A O     1 
HETATM 1382 O  O     . HOH D 4 .   ? -8.007  -11.108 -0.046  1.00 10.96 ? 211 HOH A O     1 
HETATM 1383 O  O     . HOH D 4 .   ? -3.405  -3.967  7.732   1.00 10.65 ? 212 HOH A O     1 
HETATM 1384 O  O     . HOH D 4 .   ? -20.289 -6.743  3.808   1.00 71.36 ? 213 HOH A O     1 
HETATM 1385 O  O     . HOH D 4 .   ? -15.529 -7.753  5.343   1.00 13.93 ? 214 HOH A O     1 
HETATM 1386 O  O     . HOH D 4 .   ? -10.983 -17.846 7.615   1.00 28.48 ? 215 HOH A O     1 
HETATM 1387 O  O     . HOH D 4 .   ? -15.367 -7.474  2.423   1.00 15.20 ? 216 HOH A O     1 
HETATM 1388 O  O     . HOH D 4 .   ? -0.061  -9.242  9.873   1.00 16.57 ? 217 HOH A O     1 
HETATM 1389 O  O     . HOH D 4 .   ? 0.973   -12.612 12.274  1.00 39.88 ? 218 HOH A O     1 
HETATM 1390 O  O     . HOH D 4 .   ? -16.974 -3.551  4.594   1.00 26.78 ? 219 HOH A O     1 
HETATM 1391 O  O     . HOH D 4 .   ? -16.073 -10.008 -4.086  1.00 16.50 ? 220 HOH A O     1 
HETATM 1392 O  O     . HOH D 4 .   ? 10.988  16.711  -7.015  1.00 51.02 ? 221 HOH A O     1 
HETATM 1393 O  O     . HOH D 4 .   ? -17.071 -9.587  1.961   1.00 21.05 ? 222 HOH A O     1 
HETATM 1394 O  O     . HOH D 4 .   ? -12.368 -14.350 6.652   1.00 22.25 ? 223 HOH A O     1 
HETATM 1395 O  O     . HOH D 4 .   ? -1.049  -2.868  -12.170 1.00 24.07 ? 224 HOH A O     1 
HETATM 1396 O  O     . HOH D 4 .   ? -12.639 -9.698  13.845  1.00 38.17 ? 225 HOH A O     1 
HETATM 1397 O  O     . HOH D 4 .   ? -9.491  -16.615 -2.278  1.00 21.04 ? 226 HOH A O     1 
HETATM 1398 O  O     . HOH D 4 .   ? -12.779 -3.272  11.554  1.00 12.45 ? 227 HOH A O     1 
HETATM 1399 O  O     . HOH D 4 .   ? -3.352  -17.107 -3.322  1.00 34.26 ? 228 HOH A O     1 
HETATM 1400 O  O     . HOH D 4 .   ? -0.467  -18.305 10.073  1.00 16.04 ? 229 HOH A O     1 
HETATM 1401 O  O     . HOH D 4 .   ? -16.132 -5.643  10.214  1.00 27.22 ? 230 HOH A O     1 
HETATM 1402 O  O     . HOH D 4 .   ? -17.361 0.750   -6.027  1.00 16.29 ? 231 HOH A O     1 
HETATM 1403 O  O     . HOH D 4 .   ? -17.018 -11.282 0.198   1.00 26.38 ? 232 HOH A O     1 
HETATM 1404 O  O     . HOH D 4 .   ? -6.466  -3.989  -9.743  1.00 46.65 ? 233 HOH A O     1 
HETATM 1405 O  O     . HOH D 4 .   ? -18.887 -5.365  -3.562  1.00 25.52 ? 234 HOH A O     1 
HETATM 1406 O  O     . HOH D 4 .   ? -17.129 -4.527  7.559   1.00 24.60 ? 235 HOH A O     1 
HETATM 1407 O  O     . HOH D 4 .   ? -13.917 0.110   5.732   1.00 27.99 ? 236 HOH A O     1 
HETATM 1408 O  O     . HOH D 4 .   ? -9.405  -3.009  -8.717  1.00 16.65 ? 237 HOH A O     1 
HETATM 1409 O  O     . HOH D 4 .   ? 16.235  5.670   6.907   1.00 37.74 ? 238 HOH A O     1 
HETATM 1410 O  O     . HOH D 4 .   ? -15.162 -0.351  -7.652  1.00 38.96 ? 239 HOH A O     1 
HETATM 1411 O  O     . HOH D 4 .   ? 14.328  9.889   -0.171  1.00 28.06 ? 240 HOH A O     1 
HETATM 1412 O  O     . HOH D 4 .   ? -3.341  -17.542 9.086   1.00 18.07 ? 241 HOH A O     1 
HETATM 1413 O  O     . HOH D 4 .   ? -11.587 5.012   -7.839  1.00 28.28 ? 242 HOH A O     1 
HETATM 1414 O  O     . HOH D 4 .   ? -9.085  5.363   -5.050  1.00 24.33 ? 243 HOH A O     1 
HETATM 1415 O  O     . HOH D 4 .   ? -8.351  -11.926 -9.956  1.00 40.22 ? 244 HOH A O     1 
HETATM 1416 O  O     . HOH D 4 .   ? 16.663  4.326   -5.490  1.00 41.17 ? 245 HOH A O     1 
HETATM 1417 O  O     . HOH D 4 .   ? -3.668  13.171  1.411   1.00 29.90 ? 246 HOH A O     1 
HETATM 1418 O  O     . HOH D 4 .   ? 5.034   -5.093  -15.674 1.00 36.53 ? 247 HOH A O     1 
HETATM 1419 O  O     . HOH D 4 .   ? -10.184 9.029   13.082  1.00 37.57 ? 248 HOH A O     1 
HETATM 1420 O  O     . HOH D 4 .   ? -1.725  15.010  0.965   1.00 36.77 ? 249 HOH A O     1 
HETATM 1421 O  O     . HOH D 4 .   ? 19.438  -1.507  1.081   1.00 49.89 ? 250 HOH A O     1 
HETATM 1422 O  O     . HOH D 4 .   ? -12.595 10.992  -10.916 1.00 34.94 ? 251 HOH A O     1 
HETATM 1423 O  O     . HOH D 4 .   ? -13.263 -9.894  9.148   1.00 31.93 ? 252 HOH A O     1 
HETATM 1424 O  O     . HOH D 4 .   ? 10.827  -5.760  -12.466 1.00 37.19 ? 253 HOH A O     1 
HETATM 1425 O  O     . HOH D 4 .   ? 13.904  1.808   -12.567 1.00 47.99 ? 254 HOH A O     1 
HETATM 1426 O  O     . HOH D 4 .   ? -10.096 -17.485 2.839   1.00 29.95 ? 255 HOH A O     1 
HETATM 1427 O  O     . HOH D 4 .   ? -9.853  -5.680  -9.393  1.00 39.43 ? 256 HOH A O     1 
HETATM 1428 O  O     . HOH D 4 .   ? -12.711 4.477   -10.645 1.00 43.75 ? 257 HOH A O     1 
HETATM 1429 O  O     . HOH D 4 .   ? -9.947  -18.184 -0.208  1.00 24.58 ? 258 HOH A O     1 
HETATM 1430 O  O     . HOH D 4 .   ? 12.309  8.103   9.901   1.00 34.27 ? 259 HOH A O     1 
HETATM 1431 O  O     . HOH D 4 .   ? -14.148 -6.141  13.919  1.00 29.19 ? 260 HOH A O     1 
HETATM 1432 O  O     . HOH D 4 .   ? -19.615 -8.268  1.432   1.00 32.75 ? 261 HOH A O     1 
HETATM 1433 O  O     . HOH D 4 .   ? -0.324  -7.312  -7.661  1.00 25.52 ? 262 HOH A O     1 
HETATM 1434 O  O     . HOH D 4 .   ? -4.588  -9.641  -7.584  1.00 16.20 ? 263 HOH A O     1 
HETATM 1435 O  O     . HOH D 4 .   ? 1.679   -14.957 8.005   1.00 25.07 ? 264 HOH A O     1 
HETATM 1436 O  O     . HOH D 4 .   ? -3.176  -17.982 -0.849  1.00 39.68 ? 265 HOH A O     1 
HETATM 1437 O  O     . HOH D 4 .   ? -13.347 2.193   7.088   1.00 39.01 ? 266 HOH A O     1 
HETATM 1438 O  O     . HOH D 4 .   ? -14.852 -10.406 5.999   1.00 35.29 ? 267 HOH A O     1 
HETATM 1439 O  O     . HOH D 4 .   ? 11.652  -12.755 7.649   1.00 41.70 ? 268 HOH A O     1 
HETATM 1440 O  O     . HOH D 4 .   ? -18.697 -4.116  -1.520  1.00 32.04 ? 269 HOH A O     1 
HETATM 1441 O  O     . HOH D 4 .   ? -5.272  -12.878 -6.327  1.00 35.37 ? 270 HOH A O     1 
HETATM 1442 O  O     . HOH D 4 .   ? -13.222 -12.098 7.859   1.00 40.72 ? 271 HOH A O     1 
HETATM 1443 O  O     . HOH D 4 .   ? 14.529  -4.444  -9.556  1.00 48.39 ? 272 HOH A O     1 
HETATM 1444 O  O     . HOH D 4 .   ? -4.327  -3.848  18.112  1.00 35.35 ? 273 HOH A O     1 
HETATM 1445 O  O     . HOH D 4 .   ? 6.221   14.807  5.494   1.00 51.31 ? 274 HOH A O     1 
HETATM 1446 O  O     . HOH D 4 .   ? -17.749 -3.824  10.849  1.00 36.62 ? 275 HOH A O     1 
HETATM 1447 O  O     . HOH D 4 .   ? 16.763  8.227   5.171   1.00 52.20 ? 276 HOH A O     1 
HETATM 1448 O  O     . HOH D 4 .   ? -11.350 5.289   14.693  1.00 53.62 ? 277 HOH A O     1 
HETATM 1449 O  O     . HOH D 4 .   ? -15.890 7.343   -5.171  1.00 33.24 ? 278 HOH A O     1 
HETATM 1450 O  O     . HOH D 4 .   ? 15.140  -14.336 -0.616  1.00 41.74 ? 279 HOH A O     1 
HETATM 1451 O  O     . HOH D 4 .   ? 5.070   -12.271 9.658   1.00 25.08 ? 280 HOH A O     1 
HETATM 1452 O  O     . HOH D 4 .   ? -12.190 0.151   -12.520 1.00 45.78 ? 281 HOH A O     1 
HETATM 1453 O  O     . HOH D 4 .   ? 3.807   15.110  -4.089  1.00 35.51 ? 282 HOH A O     1 
HETATM 1454 O  O     . HOH D 4 .   ? 14.268  -3.001  16.272  1.00 42.70 ? 283 HOH A O     1 
HETATM 1455 O  O     . HOH D 4 .   ? -1.312  -10.375 12.061  1.00 35.61 ? 284 HOH A O     1 
HETATM 1456 O  O     . HOH D 4 .   ? 8.631   -3.191  18.141  1.00 35.95 ? 285 HOH A O     1 
HETATM 1457 O  O     . HOH D 4 .   ? -13.827 5.548   0.012   1.00 26.25 ? 286 HOH A O     1 
HETATM 1458 O  O     . HOH D 4 .   ? -18.006 -1.564  -9.295  1.00 41.05 ? 287 HOH A O     1 
HETATM 1459 O  O     . HOH D 4 .   ? -11.643 -17.153 -4.039  1.00 48.22 ? 288 HOH A O     1 
HETATM 1460 O  O     . HOH D 4 .   ? -14.068 -0.550  11.484  1.00 35.73 ? 289 HOH A O     1 
HETATM 1461 O  O     . HOH D 4 .   ? 11.546  -7.582  -0.333  1.00 27.59 ? 290 HOH A O     1 
HETATM 1462 O  O     . HOH D 4 .   ? 4.307   1.255   -19.458 1.00 35.13 ? 291 HOH A O     1 
HETATM 1463 O  O     . HOH D 4 .   ? -13.950 8.513   8.099   1.00 30.34 ? 292 HOH A O     1 
HETATM 1464 O  O     . HOH D 4 .   ? -2.935  15.007  -4.689  1.00 35.20 ? 293 HOH A O     1 
HETATM 1465 O  O     . HOH D 4 .   ? -10.840 12.529  -13.182 1.00 43.16 ? 294 HOH A O     1 
HETATM 1466 O  O     . HOH D 4 .   ? 16.494  -5.762  11.043  1.00 50.02 ? 295 HOH A O     1 
HETATM 1467 O  O     . HOH D 4 .   ? 2.910   17.520  -10.872 1.00 39.95 ? 296 HOH A O     1 
HETATM 1468 O  O     . HOH D 4 .   ? 11.173  1.606   6.352   1.00 39.73 ? 297 HOH A O     1 
HETATM 1469 O  O     . HOH D 4 .   ? -10.168 3.333   16.143  1.00 44.99 ? 298 HOH A O     1 
HETATM 1470 O  O     . HOH D 4 .   ? 0.451   -2.240  13.699  1.00 24.35 ? 299 HOH A O     1 
HETATM 1471 O  O     . HOH D 4 .   ? -3.373  11.702  8.394   1.00 36.70 ? 300 HOH A O     1 
HETATM 1472 O  O     . HOH D 4 .   ? 0.888   -17.440 -5.647  1.00 46.44 ? 301 HOH A O     1 
HETATM 1473 O  O     . HOH D 4 .   ? -19.237 -2.555  3.164   1.00 32.63 ? 302 HOH A O     1 
HETATM 1474 O  O     . HOH D 4 .   ? -5.541  -8.841  -11.798 1.00 32.33 ? 303 HOH A O     1 
HETATM 1475 O  O     . HOH D 4 .   ? 4.441   13.633  4.129   1.00 33.28 ? 304 HOH A O     1 
HETATM 1476 O  O     . HOH D 4 .   ? 16.641  10.442  -1.313  1.00 40.15 ? 305 HOH A O     1 
HETATM 1477 O  O     . HOH D 4 .   ? -1.021  2.101   18.572  1.00 36.14 ? 306 HOH A O     1 
HETATM 1478 O  O     . HOH D 4 .   ? -5.057  12.403  -8.011  1.00 41.51 ? 307 HOH A O     1 
HETATM 1479 O  O     . HOH D 4 .   ? 19.168  3.132   -6.935  1.00 37.08 ? 308 HOH A O     1 
HETATM 1480 O  O     . HOH D 4 .   ? 15.362  4.743   -8.952  1.00 33.25 ? 309 HOH A O     1 
HETATM 1481 O  O     . HOH D 4 .   ? -18.565 -10.795 -1.924  1.00 33.36 ? 310 HOH A O     1 
HETATM 1482 O  O     . HOH D 4 .   ? 9.453   -5.161  -14.562 1.00 38.22 ? 311 HOH A O     1 
HETATM 1483 O  O     . HOH D 4 .   ? 11.259  -4.052  -9.000  1.00 32.90 ? 312 HOH A O     1 
HETATM 1484 O  O     . HOH D 4 .   ? -3.852  12.116  -1.806  1.00 25.17 ? 313 HOH A O     1 
HETATM 1485 O  O     . HOH D 4 .   ? 18.425  5.196   -1.527  1.00 51.53 ? 314 HOH A O     1 
HETATM 1486 O  O     . HOH D 4 .   ? -6.755  -15.266 -4.843  1.00 29.90 ? 315 HOH A O     1 
HETATM 1487 O  O     . HOH D 4 .   ? 3.245   -20.163 -2.987  1.00 35.52 ? 316 HOH A O     1 
HETATM 1488 O  O     . HOH D 4 .   ? -0.890  5.683   19.066  1.00 45.68 ? 317 HOH A O     1 
HETATM 1489 O  O     . HOH D 4 .   ? 1.764   -21.492 4.629   1.00 45.33 ? 318 HOH A O     1 
HETATM 1490 O  O     . HOH D 4 .   ? -10.362 -6.614  14.908  1.00 52.88 ? 319 HOH A O     1 
HETATM 1491 O  O     . HOH D 4 .   ? 12.121  14.757  -9.291  1.00 33.25 ? 320 HOH A O     1 
HETATM 1492 O  O     . HOH D 4 .   ? -4.765  -4.283  -12.020 1.00 40.93 ? 321 HOH A O     1 
HETATM 1493 O  O     . HOH D 4 .   ? 15.696  4.296   -1.940  1.00 35.84 ? 322 HOH A O     1 
HETATM 1494 O  O     . HOH D 4 .   ? 9.180   -8.889  -12.429 1.00 54.66 ? 323 HOH A O     1 
HETATM 1495 O  O     . HOH D 4 .   ? -15.574 -11.462 -6.117  1.00 36.46 ? 324 HOH A O     1 
HETATM 1496 O  O     . HOH D 4 .   ? 6.723   -16.461 5.108   1.00 53.27 ? 325 HOH A O     1 
HETATM 1497 O  O     . HOH D 4 .   ? 13.973  8.239   4.655   1.00 32.61 ? 326 HOH A O     1 
HETATM 1498 O  O     . HOH D 4 .   ? 0.973   3.388   15.747  1.00 40.83 ? 327 HOH A O     1 
HETATM 1499 O  O     . HOH D 4 .   ? -17.983 -7.580  5.938   1.00 31.34 ? 328 HOH A O     1 
HETATM 1500 O  O     . HOH D 4 .   ? -15.499 -15.198 0.239   1.00 33.10 ? 329 HOH A O     1 
HETATM 1501 O  O     . HOH D 4 .   ? -11.359 5.817   -0.239  1.00 29.67 ? 330 HOH A O     1 
HETATM 1502 O  O     . HOH D 4 .   ? 7.058   -6.269  10.908  1.00 32.12 ? 331 HOH A O     1 
HETATM 1503 O  O     . HOH D 4 .   ? 10.724  9.023   6.091   1.00 38.19 ? 332 HOH A O     1 
HETATM 1504 O  O     . HOH D 4 .   ? -11.396 2.685   -12.207 1.00 35.02 ? 333 HOH A O     1 
HETATM 1505 O  O     . HOH D 4 .   ? 6.461   11.371  -22.215 1.00 39.24 ? 334 HOH A O     1 
HETATM 1506 O  O     . HOH D 4 .   ? 1.632   16.893  -5.171  1.00 38.90 ? 335 HOH A O     1 
HETATM 1507 O  O     . HOH D 4 .   ? -10.840 2.144   -9.197  1.00 48.91 ? 336 HOH A O     1 
HETATM 1508 O  O     . HOH D 4 .   ? -12.045 -4.768  -11.471 1.00 42.66 ? 337 HOH A O     1 
HETATM 1509 O  O     . HOH D 4 .   ? -14.279 -13.434 -7.321  1.00 44.74 ? 338 HOH A O     1 
HETATM 1510 O  O     . HOH D 4 .   ? -5.066  -2.853  -14.158 1.00 34.21 ? 339 HOH A O     1 
HETATM 1511 O  O     . HOH D 4 .   ? 9.189   11.260  2.846   1.00 39.18 ? 340 HOH A O     1 
HETATM 1512 O  O     . HOH D 4 .   ? -3.905  16.616  3.674   1.00 35.95 ? 341 HOH A O     1 
HETATM 1513 O  O     . HOH D 4 .   ? -9.185  -19.661 4.213   1.00 30.40 ? 342 HOH A O     1 
HETATM 1514 O  O     . HOH D 4 .   ? 10.814  -7.866  8.412   1.00 49.05 ? 343 HOH A O     1 
HETATM 1515 O  O     . HOH D 4 .   ? 4.715   -13.872 6.910   1.00 37.19 ? 344 HOH A O     1 
HETATM 1516 O  O     . HOH D 4 .   ? -0.954  -9.026  -10.013 1.00 50.52 ? 345 HOH A O     1 
HETATM 1517 O  O     . HOH D 4 .   ? 13.765  -0.982  13.673  1.00 51.30 ? 346 HOH A O     1 
HETATM 1518 O  O     . HOH D 4 .   ? 16.336  1.741   -6.979  1.00 37.20 ? 347 HOH A O     1 
HETATM 1519 O  O     . HOH D 4 .   ? 7.595   -1.117  -14.568 1.00 47.76 ? 348 HOH A O     1 
HETATM 1520 O  O     . HOH D 4 .   ? 15.306  -11.996 -3.409  1.00 44.61 ? 349 HOH A O     1 
HETATM 1521 O  O     . HOH D 4 .   ? -14.804 -6.161  -10.993 1.00 39.33 ? 350 HOH A O     1 
HETATM 1522 O  O     . HOH D 4 .   ? -8.193  -4.202  23.413  1.00 38.05 ? 351 HOH A O     1 
HETATM 1523 O  O     . HOH D 4 .   ? 17.942  0.744   -4.948  1.00 54.14 ? 352 HOH A O     1 
HETATM 1524 O  O     . HOH D 4 .   ? -10.910 4.840   -2.718  1.00 21.89 ? 353 HOH A O     1 
HETATM 1525 O  O     . HOH D 4 .   ? -14.855 -16.850 -1.843  1.00 36.88 ? 354 HOH A O     1 
HETATM 1526 O  O     . HOH D 4 .   ? 11.145  -9.785  4.597   1.00 28.11 ? 355 HOH A O     1 
HETATM 1527 O  O     . HOH D 4 .   ? -1.969  -2.910  18.015  1.00 49.39 ? 356 HOH A O     1 
HETATM 1528 O  O     . HOH D 4 .   ? -2.459  -5.465  18.027  1.00 33.37 ? 357 HOH A O     1 
HETATM 1529 O  O     . HOH D 4 .   ? -3.265  -25.580 2.337   1.00 55.15 ? 358 HOH A O     1 
HETATM 1530 O  O     . HOH D 4 .   ? -6.187  2.153   -9.703  1.00 34.95 ? 359 HOH A O     1 
HETATM 1531 O  O     . HOH D 4 .   ? 4.531   -8.805  14.496  1.00 52.24 ? 360 HOH A O     1 
HETATM 1532 O  O     . HOH D 4 .   ? -10.144 -9.105  13.795  1.00 21.89 ? 361 HOH A O     1 
HETATM 1533 O  O     . HOH D 4 .   ? -13.166 -1.786  -6.792  1.00 34.65 ? 362 HOH A O     1 
HETATM 1534 O  O     . HOH D 4 .   ? -2.285  -26.385 5.209   1.00 26.64 ? 363 HOH A O     1 
HETATM 1535 O  O     . HOH D 4 .   ? -16.624 -5.101  2.331   1.00 16.73 ? 364 HOH A O     1 
HETATM 1536 O  O     . HOH D 4 .   ? -7.834  -7.042  -8.723  1.00 33.64 ? 365 HOH A O     1 
HETATM 1537 O  O     . HOH D 4 .   ? -6.560  -6.443  -12.646 1.00 45.68 ? 366 HOH A O     1 
# 
loop_
_pdbx_poly_seq_scheme.asym_id 
_pdbx_poly_seq_scheme.entity_id 
_pdbx_poly_seq_scheme.seq_id 
_pdbx_poly_seq_scheme.mon_id 
_pdbx_poly_seq_scheme.ndb_seq_num 
_pdbx_poly_seq_scheme.pdb_seq_num 
_pdbx_poly_seq_scheme.auth_seq_num 
_pdbx_poly_seq_scheme.pdb_mon_id 
_pdbx_poly_seq_scheme.auth_mon_id 
_pdbx_poly_seq_scheme.pdb_strand_id 
_pdbx_poly_seq_scheme.pdb_ins_code 
_pdbx_poly_seq_scheme.hetero 
A 1 1   MET 1   1   ?   ?   ?   A . n 
A 1 2   PRO 2   2   ?   ?   ?   A . n 
A 1 3   GLN 3   3   3   GLN GLN A . n 
A 1 4   SER 4   4   4   SER SER A . n 
A 1 5   LYS 5   5   5   LYS LYS A . n 
A 1 6   SER 6   6   6   SER SER A . n 
A 1 7   ARG 7   7   7   ARG ARG A . n 
A 1 8   LYS 8   8   8   LYS LYS A . n 
A 1 9   ILE 9   9   9   ILE ILE A . n 
A 1 10  ALA 10  10  10  ALA ALA A . n 
A 1 11  ILE 11  11  11  ILE ILE A . n 
A 1 12  LEU 12  12  12  LEU LEU A . n 
A 1 13  GLY 13  13  13  GLY GLY A . n 
A 1 14  TYR 14  14  14  TYR TYR A . n 
A 1 15  ARG 15  15  15  ARG ARG A . n 
A 1 16  SER 16  16  16  SER SER A . n 
A 1 17  VAL 17  17  17  VAL VAL A . n 
A 1 18  GLY 18  18  18  GLY GLY A . n 
A 1 19  LYS 19  19  19  LYS LYS A . n 
A 1 20  SER 20  20  20  SER SER A . n 
A 1 21  SER 21  21  21  SER SER A . n 
A 1 22  LEU 22  22  22  LEU LEU A . n 
A 1 23  THR 23  23  23  THR THR A . n 
A 1 24  ILE 24  24  24  ILE ILE A . n 
A 1 25  GLN 25  25  25  GLN GLN A . n 
A 1 26  PHE 26  26  26  PHE PHE A . n 
A 1 27  VAL 27  27  27  VAL VAL A . n 
A 1 28  GLU 28  28  28  GLU GLU A . n 
A 1 29  GLY 29  29  29  GLY GLY A . n 
A 1 30  GLN 30  30  30  GLN GLN A . n 
A 1 31  PHE 31  31  31  PHE PHE A . n 
A 1 32  VAL 32  32  32  VAL VAL A . n 
A 1 33  ASP 33  33  33  ASP ASP A . n 
A 1 34  SER 34  34  34  SER SER A . n 
A 1 35  TYR 35  35  35  TYR TYR A . n 
A 1 36  ASP 36  36  36  ASP ASP A . n 
A 1 37  PRO 37  37  37  PRO PRO A . n 
A 1 38  THR 38  38  38  THR THR A . n 
A 1 39  ILE 39  39  39  ILE ILE A . n 
A 1 40  GLU 40  40  40  GLU GLU A . n 
A 1 41  ASN 41  41  41  ASN ASN A . n 
A 1 42  THR 42  42  42  THR THR A . n 
A 1 43  PHE 43  43  43  PHE PHE A . n 
A 1 44  THR 44  44  44  THR THR A . n 
A 1 45  LYS 45  45  45  LYS LYS A . n 
A 1 46  LEU 46  46  46  LEU LEU A . n 
A 1 47  ILE 47  47  47  ILE ILE A . n 
A 1 48  THR 48  48  48  THR THR A . n 
A 1 49  VAL 49  49  49  VAL VAL A . n 
A 1 50  ASN 50  50  50  ASN ASN A . n 
A 1 51  GLY 51  51  51  GLY GLY A . n 
A 1 52  GLN 52  52  52  GLN GLN A . n 
A 1 53  GLU 53  53  53  GLU GLU A . n 
A 1 54  TYR 54  54  54  TYR TYR A . n 
A 1 55  HIS 55  55  55  HIS HIS A . n 
A 1 56  LEU 56  56  56  LEU LEU A . n 
A 1 57  GLN 57  57  57  GLN GLN A . n 
A 1 58  LEU 58  58  58  LEU LEU A . n 
A 1 59  VAL 59  59  59  VAL VAL A . n 
A 1 60  ASP 60  60  60  ASP ASP A . n 
A 1 61  THR 61  61  61  THR THR A . n 
A 1 62  ALA 62  62  62  ALA ALA A . n 
A 1 63  GLY 63  63  63  GLY GLY A . n 
A 1 64  GLN 64  64  64  GLN GLN A . n 
A 1 65  ASP 65  65  65  ASP ASP A . n 
A 1 66  GLU 66  66  66  GLU GLU A . n 
A 1 67  TYR 67  67  67  TYR TYR A . n 
A 1 68  SER 68  68  68  SER SER A . n 
A 1 69  ILE 69  69  69  ILE ILE A . n 
A 1 70  PHE 70  70  70  PHE PHE A . n 
A 1 71  PRO 71  71  71  PRO PRO A . n 
A 1 72  GLN 72  72  72  GLN GLN A . n 
A 1 73  THR 73  73  73  THR THR A . n 
A 1 74  TYR 74  74  74  TYR TYR A . n 
A 1 75  SER 75  75  75  SER SER A . n 
A 1 76  ILE 76  76  76  ILE ILE A . n 
A 1 77  ASP 77  77  77  ASP ASP A . n 
A 1 78  ILE 78  78  78  ILE ILE A . n 
A 1 79  ASN 79  79  79  ASN ASN A . n 
A 1 80  GLY 80  80  80  GLY GLY A . n 
A 1 81  TYR 81  81  81  TYR TYR A . n 
A 1 82  ILE 82  82  82  ILE ILE A . n 
A 1 83  LEU 83  83  83  LEU LEU A . n 
A 1 84  VAL 84  84  84  VAL VAL A . n 
A 1 85  TYR 85  85  85  TYR TYR A . n 
A 1 86  SER 86  86  86  SER SER A . n 
A 1 87  VAL 87  87  87  VAL VAL A . n 
A 1 88  THR 88  88  88  THR THR A . n 
A 1 89  SER 89  89  89  SER SER A . n 
A 1 90  ILE 90  90  90  ILE ILE A . n 
A 1 91  LYS 91  91  91  LYS LYS A . n 
A 1 92  SER 92  92  92  SER SER A . n 
A 1 93  PHE 93  93  93  PHE PHE A . n 
A 1 94  GLU 94  94  94  GLU GLU A . n 
A 1 95  VAL 95  95  95  VAL VAL A . n 
A 1 96  ILE 96  96  96  ILE ILE A . n 
A 1 97  LYS 97  97  97  LYS LYS A . n 
A 1 98  VAL 98  98  98  VAL VAL A . n 
A 1 99  ILE 99  99  99  ILE ILE A . n 
A 1 100 HIS 100 100 100 HIS HIS A . n 
A 1 101 GLY 101 101 101 GLY GLY A . n 
A 1 102 LYS 102 102 102 LYS LYS A . n 
A 1 103 LEU 103 103 103 LEU LEU A . n 
A 1 104 LEU 104 104 104 LEU LEU A . n 
A 1 105 ASP 105 105 105 ASP ASP A . n 
A 1 106 MET 106 106 106 MET MET A . n 
A 1 107 VAL 107 107 107 VAL VAL A . n 
A 1 108 GLY 108 108 108 GLY GLY A . n 
A 1 109 LYS 109 109 109 LYS LYS A . n 
A 1 110 VAL 110 110 110 VAL VAL A . n 
A 1 111 GLN 111 111 111 GLN GLN A . n 
A 1 112 ILE 112 112 112 ILE ILE A . n 
A 1 113 PRO 113 113 113 PRO PRO A . n 
A 1 114 ILE 114 114 114 ILE ILE A . n 
A 1 115 MET 115 115 115 MET MET A . n 
A 1 116 LEU 116 116 116 LEU LEU A . n 
A 1 117 VAL 117 117 117 VAL VAL A . n 
A 1 118 GLY 118 118 118 GLY GLY A . n 
A 1 119 ASN 119 119 119 ASN ASN A . n 
A 1 120 LYS 120 120 120 LYS LYS A . n 
A 1 121 LYS 121 121 121 LYS LYS A . n 
A 1 122 ASP 122 122 122 ASP ASP A . n 
A 1 123 LEU 123 123 123 LEU LEU A . n 
A 1 124 HIS 124 124 124 HIS HIS A . n 
A 1 125 MET 125 125 125 MET MET A . n 
A 1 126 GLU 126 126 126 GLU GLU A . n 
A 1 127 ARG 127 127 127 ARG ARG A . n 
A 1 128 VAL 128 128 128 VAL VAL A . n 
A 1 129 ILE 129 129 129 ILE ILE A . n 
A 1 130 SER 130 130 130 SER SER A . n 
A 1 131 TYR 131 131 131 TYR TYR A . n 
A 1 132 GLU 132 132 132 GLU GLU A . n 
A 1 133 GLU 133 133 133 GLU GLU A . n 
A 1 134 GLY 134 134 134 GLY GLY A . n 
A 1 135 LYS 135 135 135 LYS LYS A . n 
A 1 136 ALA 136 136 136 ALA ALA A . n 
A 1 137 LEU 137 137 137 LEU LEU A . n 
A 1 138 ALA 138 138 138 ALA ALA A . n 
A 1 139 GLU 139 139 139 GLU GLU A . n 
A 1 140 SER 140 140 140 SER SER A . n 
A 1 141 TRP 141 141 141 TRP TRP A . n 
A 1 142 ASN 142 142 142 ASN ASN A . n 
A 1 143 ALA 143 143 143 ALA ALA A . n 
A 1 144 ALA 144 144 144 ALA ALA A . n 
A 1 145 PHE 145 145 145 PHE PHE A . n 
A 1 146 LEU 146 146 146 LEU LEU A . n 
A 1 147 GLU 147 147 147 GLU GLU A . n 
A 1 148 SER 148 148 148 SER SER A . n 
A 1 149 SER 149 149 149 SER SER A . n 
A 1 150 ALA 150 150 150 ALA ALA A . n 
A 1 151 LYS 151 151 151 LYS LYS A . n 
A 1 152 GLU 152 152 152 GLU GLU A . n 
A 1 153 ASN 153 153 153 ASN ASN A . n 
A 1 154 GLN 154 154 154 GLN GLN A . n 
A 1 155 THR 155 155 155 THR THR A . n 
A 1 156 ALA 156 156 156 ALA ALA A . n 
A 1 157 VAL 157 157 157 VAL VAL A . n 
A 1 158 ASP 158 158 158 ASP ASP A . n 
A 1 159 VAL 159 159 159 VAL VAL A . n 
A 1 160 PHE 160 160 160 PHE PHE A . n 
A 1 161 ARG 161 161 161 ARG ARG A . n 
A 1 162 ARG 162 162 162 ARG ARG A . n 
A 1 163 ILE 163 163 163 ILE ILE A . n 
A 1 164 ILE 164 164 164 ILE ILE A . n 
A 1 165 LEU 165 165 165 LEU LEU A . n 
A 1 166 GLU 166 166 166 GLU GLU A . n 
A 1 167 ALA 167 167 167 ALA ALA A . n 
A 1 168 GLU 168 168 168 GLU GLU A . n 
A 1 169 LYS 169 169 169 LYS LYS A . n 
A 1 170 LEU 170 170 170 LEU LEU A . n 
A 1 171 GLU 171 171 171 GLU GLU A . n 
A 1 172 HIS 172 172 ?   ?   ?   A . n 
A 1 173 HIS 173 173 ?   ?   ?   A . n 
A 1 174 HIS 174 174 ?   ?   ?   A . n 
A 1 175 HIS 175 175 ?   ?   ?   A . n 
A 1 176 HIS 176 176 ?   ?   ?   A . n 
A 1 177 HIS 177 177 ?   ?   ?   A . n 
# 
loop_
_pdbx_nonpoly_scheme.asym_id 
_pdbx_nonpoly_scheme.entity_id 
_pdbx_nonpoly_scheme.mon_id 
_pdbx_nonpoly_scheme.ndb_seq_num 
_pdbx_nonpoly_scheme.pdb_seq_num 
_pdbx_nonpoly_scheme.auth_seq_num 
_pdbx_nonpoly_scheme.pdb_mon_id 
_pdbx_nonpoly_scheme.auth_mon_id 
_pdbx_nonpoly_scheme.pdb_strand_id 
_pdbx_nonpoly_scheme.pdb_ins_code 
B 2 MG  1   202 2   MG  MG  A . 
C 3 GDP 1   201 1   GDP GDP A . 
D 4 HOH 1   203 1   HOH TIP A . 
D 4 HOH 2   204 2   HOH TIP A . 
D 4 HOH 3   205 3   HOH TIP A . 
D 4 HOH 4   206 4   HOH TIP A . 
D 4 HOH 5   207 5   HOH TIP A . 
D 4 HOH 6   208 6   HOH TIP A . 
D 4 HOH 7   209 7   HOH TIP A . 
D 4 HOH 8   210 8   HOH TIP A . 
D 4 HOH 9   211 9   HOH TIP A . 
D 4 HOH 10  212 10  HOH TIP A . 
D 4 HOH 11  213 11  HOH TIP A . 
D 4 HOH 12  214 12  HOH TIP A . 
D 4 HOH 13  215 13  HOH TIP A . 
D 4 HOH 14  216 14  HOH TIP A . 
D 4 HOH 15  217 15  HOH TIP A . 
D 4 HOH 16  218 16  HOH TIP A . 
D 4 HOH 17  219 17  HOH TIP A . 
D 4 HOH 18  220 18  HOH TIP A . 
D 4 HOH 19  221 19  HOH TIP A . 
D 4 HOH 20  222 20  HOH TIP A . 
D 4 HOH 21  223 21  HOH TIP A . 
D 4 HOH 22  224 22  HOH TIP A . 
D 4 HOH 23  225 23  HOH TIP A . 
D 4 HOH 24  226 24  HOH TIP A . 
D 4 HOH 25  227 25  HOH TIP A . 
D 4 HOH 26  228 26  HOH TIP A . 
D 4 HOH 27  229 27  HOH TIP A . 
D 4 HOH 28  230 28  HOH TIP A . 
D 4 HOH 29  231 29  HOH TIP A . 
D 4 HOH 30  232 30  HOH TIP A . 
D 4 HOH 31  233 31  HOH TIP A . 
D 4 HOH 32  234 32  HOH TIP A . 
D 4 HOH 33  235 33  HOH TIP A . 
D 4 HOH 34  236 34  HOH TIP A . 
D 4 HOH 35  237 35  HOH TIP A . 
D 4 HOH 36  238 36  HOH TIP A . 
D 4 HOH 37  239 37  HOH TIP A . 
D 4 HOH 38  240 38  HOH TIP A . 
D 4 HOH 39  241 39  HOH TIP A . 
D 4 HOH 40  242 40  HOH TIP A . 
D 4 HOH 41  243 41  HOH TIP A . 
D 4 HOH 42  244 42  HOH TIP A . 
D 4 HOH 43  245 43  HOH TIP A . 
D 4 HOH 44  246 44  HOH TIP A . 
D 4 HOH 45  247 45  HOH TIP A . 
D 4 HOH 46  248 46  HOH TIP A . 
D 4 HOH 47  249 47  HOH TIP A . 
D 4 HOH 48  250 48  HOH TIP A . 
D 4 HOH 49  251 49  HOH TIP A . 
D 4 HOH 50  252 50  HOH TIP A . 
D 4 HOH 51  253 51  HOH TIP A . 
D 4 HOH 52  254 52  HOH TIP A . 
D 4 HOH 53  255 53  HOH TIP A . 
D 4 HOH 54  256 54  HOH TIP A . 
D 4 HOH 55  257 55  HOH TIP A . 
D 4 HOH 56  258 56  HOH TIP A . 
D 4 HOH 57  259 57  HOH TIP A . 
D 4 HOH 58  260 58  HOH TIP A . 
D 4 HOH 59  261 59  HOH TIP A . 
D 4 HOH 60  262 60  HOH TIP A . 
D 4 HOH 61  263 61  HOH TIP A . 
D 4 HOH 62  264 62  HOH TIP A . 
D 4 HOH 63  265 63  HOH TIP A . 
D 4 HOH 64  266 64  HOH TIP A . 
D 4 HOH 65  267 65  HOH TIP A . 
D 4 HOH 66  268 66  HOH TIP A . 
D 4 HOH 67  269 67  HOH TIP A . 
D 4 HOH 68  270 68  HOH TIP A . 
D 4 HOH 69  271 69  HOH TIP A . 
D 4 HOH 70  272 70  HOH TIP A . 
D 4 HOH 71  273 71  HOH TIP A . 
D 4 HOH 72  274 72  HOH TIP A . 
D 4 HOH 73  275 73  HOH TIP A . 
D 4 HOH 74  276 74  HOH TIP A . 
D 4 HOH 75  277 75  HOH TIP A . 
D 4 HOH 76  278 76  HOH TIP A . 
D 4 HOH 77  279 77  HOH TIP A . 
D 4 HOH 78  280 78  HOH TIP A . 
D 4 HOH 79  281 79  HOH TIP A . 
D 4 HOH 80  282 80  HOH TIP A . 
D 4 HOH 81  283 81  HOH TIP A . 
D 4 HOH 82  284 82  HOH TIP A . 
D 4 HOH 83  285 83  HOH TIP A . 
D 4 HOH 84  286 84  HOH TIP A . 
D 4 HOH 85  287 85  HOH TIP A . 
D 4 HOH 86  288 86  HOH TIP A . 
D 4 HOH 87  289 87  HOH TIP A . 
D 4 HOH 88  290 88  HOH TIP A . 
D 4 HOH 89  291 89  HOH TIP A . 
D 4 HOH 90  292 90  HOH TIP A . 
D 4 HOH 91  293 91  HOH TIP A . 
D 4 HOH 92  294 92  HOH TIP A . 
D 4 HOH 93  295 93  HOH TIP A . 
D 4 HOH 94  296 94  HOH TIP A . 
D 4 HOH 95  297 95  HOH TIP A . 
D 4 HOH 96  298 96  HOH TIP A . 
D 4 HOH 97  299 97  HOH TIP A . 
D 4 HOH 98  300 98  HOH TIP A . 
D 4 HOH 99  301 99  HOH TIP A . 
D 4 HOH 100 302 100 HOH TIP A . 
D 4 HOH 101 303 101 HOH TIP A . 
D 4 HOH 102 304 102 HOH TIP A . 
D 4 HOH 103 305 103 HOH TIP A . 
D 4 HOH 104 306 104 HOH TIP A . 
D 4 HOH 105 307 105 HOH TIP A . 
D 4 HOH 106 308 106 HOH TIP A . 
D 4 HOH 107 309 107 HOH TIP A . 
D 4 HOH 108 310 108 HOH TIP A . 
D 4 HOH 109 311 109 HOH TIP A . 
D 4 HOH 110 312 110 HOH TIP A . 
D 4 HOH 111 313 111 HOH TIP A . 
D 4 HOH 112 314 112 HOH TIP A . 
D 4 HOH 113 315 113 HOH TIP A . 
D 4 HOH 114 316 114 HOH TIP A . 
D 4 HOH 115 317 115 HOH TIP A . 
D 4 HOH 116 318 116 HOH TIP A . 
D 4 HOH 117 319 117 HOH TIP A . 
D 4 HOH 118 320 118 HOH TIP A . 
D 4 HOH 119 321 119 HOH TIP A . 
D 4 HOH 120 322 120 HOH TIP A . 
D 4 HOH 121 323 121 HOH TIP A . 
D 4 HOH 122 324 122 HOH TIP A . 
D 4 HOH 123 325 123 HOH TIP A . 
D 4 HOH 124 326 124 HOH TIP A . 
D 4 HOH 125 327 125 HOH TIP A . 
D 4 HOH 126 328 126 HOH TIP A . 
D 4 HOH 127 329 127 HOH TIP A . 
D 4 HOH 128 330 128 HOH TIP A . 
D 4 HOH 129 331 129 HOH TIP A . 
D 4 HOH 130 332 130 HOH TIP A . 
D 4 HOH 131 333 131 HOH TIP A . 
D 4 HOH 132 334 132 HOH TIP A . 
D 4 HOH 133 335 133 HOH TIP A . 
D 4 HOH 134 336 134 HOH TIP A . 
D 4 HOH 135 337 135 HOH TIP A . 
D 4 HOH 136 338 136 HOH TIP A . 
D 4 HOH 137 339 137 HOH TIP A . 
D 4 HOH 138 340 138 HOH TIP A . 
D 4 HOH 139 341 139 HOH TIP A . 
D 4 HOH 140 342 140 HOH TIP A . 
D 4 HOH 141 343 141 HOH TIP A . 
D 4 HOH 142 344 142 HOH TIP A . 
D 4 HOH 143 345 143 HOH TIP A . 
D 4 HOH 144 346 144 HOH TIP A . 
D 4 HOH 145 347 145 HOH TIP A . 
D 4 HOH 146 348 146 HOH TIP A . 
D 4 HOH 147 349 147 HOH TIP A . 
D 4 HOH 148 350 148 HOH TIP A . 
D 4 HOH 149 351 149 HOH TIP A . 
D 4 HOH 150 352 150 HOH TIP A . 
D 4 HOH 151 353 151 HOH TIP A . 
D 4 HOH 152 354 152 HOH TIP A . 
D 4 HOH 153 355 153 HOH TIP A . 
D 4 HOH 154 356 154 HOH TIP A . 
D 4 HOH 155 357 155 HOH TIP A . 
D 4 HOH 156 358 156 HOH TIP A . 
D 4 HOH 157 359 157 HOH TIP A . 
D 4 HOH 158 360 158 HOH TIP A . 
D 4 HOH 159 361 159 HOH TIP A . 
D 4 HOH 160 362 160 HOH TIP A . 
D 4 HOH 161 363 161 HOH TIP A . 
D 4 HOH 162 364 162 HOH TIP A . 
D 4 HOH 163 365 163 HOH TIP A . 
D 4 HOH 164 366 164 HOH TIP A . 
# 
_pdbx_struct_assembly.id                   1 
_pdbx_struct_assembly.details              author_defined_assembly 
_pdbx_struct_assembly.method_details       ? 
_pdbx_struct_assembly.oligomeric_details   monomeric 
_pdbx_struct_assembly.oligomeric_count     1 
# 
_pdbx_struct_assembly_gen.assembly_id       1 
_pdbx_struct_assembly_gen.oper_expression   1 
_pdbx_struct_assembly_gen.asym_id_list      A,B,C,D 
# 
_pdbx_struct_oper_list.id                   1 
_pdbx_struct_oper_list.type                 'identity operation' 
_pdbx_struct_oper_list.name                 1_555 
_pdbx_struct_oper_list.symmetry_operation   x,y,z 
_pdbx_struct_oper_list.matrix[1][1]         1.0000000000 
_pdbx_struct_oper_list.matrix[1][2]         0.0000000000 
_pdbx_struct_oper_list.matrix[1][3]         0.0000000000 
_pdbx_struct_oper_list.vector[1]            0.0000000000 
_pdbx_struct_oper_list.matrix[2][1]         0.0000000000 
_pdbx_struct_oper_list.matrix[2][2]         1.0000000000 
_pdbx_struct_oper_list.matrix[2][3]         0.0000000000 
_pdbx_struct_oper_list.vector[2]            0.0000000000 
_pdbx_struct_oper_list.matrix[3][1]         0.0000000000 
_pdbx_struct_oper_list.matrix[3][2]         0.0000000000 
_pdbx_struct_oper_list.matrix[3][3]         1.0000000000 
_pdbx_struct_oper_list.vector[3]            0.0000000000 
# 
loop_
_pdbx_struct_conn_angle.id 
_pdbx_struct_conn_angle.ptnr1_label_atom_id 
_pdbx_struct_conn_angle.ptnr1_label_alt_id 
_pdbx_struct_conn_angle.ptnr1_label_asym_id 
_pdbx_struct_conn_angle.ptnr1_label_comp_id 
_pdbx_struct_conn_angle.ptnr1_label_seq_id 
_pdbx_struct_conn_angle.ptnr1_auth_atom_id 
_pdbx_struct_conn_angle.ptnr1_auth_asym_id 
_pdbx_struct_conn_angle.ptnr1_auth_comp_id 
_pdbx_struct_conn_angle.ptnr1_auth_seq_id 
_pdbx_struct_conn_angle.ptnr1_PDB_ins_code 
_pdbx_struct_conn_angle.ptnr1_symmetry 
_pdbx_struct_conn_angle.ptnr2_label_atom_id 
_pdbx_struct_conn_angle.ptnr2_label_alt_id 
_pdbx_struct_conn_angle.ptnr2_label_asym_id 
_pdbx_struct_conn_angle.ptnr2_label_comp_id 
_pdbx_struct_conn_angle.ptnr2_label_seq_id 
_pdbx_struct_conn_angle.ptnr2_auth_atom_id 
_pdbx_struct_conn_angle.ptnr2_auth_asym_id 
_pdbx_struct_conn_angle.ptnr2_auth_comp_id 
_pdbx_struct_conn_angle.ptnr2_auth_seq_id 
_pdbx_struct_conn_angle.ptnr2_PDB_ins_code 
_pdbx_struct_conn_angle.ptnr2_symmetry 
_pdbx_struct_conn_angle.ptnr3_label_atom_id 
_pdbx_struct_conn_angle.ptnr3_label_alt_id 
_pdbx_struct_conn_angle.ptnr3_label_asym_id 
_pdbx_struct_conn_angle.ptnr3_label_comp_id 
_pdbx_struct_conn_angle.ptnr3_label_seq_id 
_pdbx_struct_conn_angle.ptnr3_auth_atom_id 
_pdbx_struct_conn_angle.ptnr3_auth_asym_id 
_pdbx_struct_conn_angle.ptnr3_auth_comp_id 
_pdbx_struct_conn_angle.ptnr3_auth_seq_id 
_pdbx_struct_conn_angle.ptnr3_PDB_ins_code 
_pdbx_struct_conn_angle.ptnr3_symmetry 
_pdbx_struct_conn_angle.value 
_pdbx_struct_conn_angle.value_esd 
1  OG  ? A SER 20 ? A SER 20  ? 1_555 MG ? B MG . ? A MG 202 ? 1_555 O3B ? C GDP . ? A GDP 201 ? 1_555 84.9  ? 
2  OG  ? A SER 20 ? A SER 20  ? 1_555 MG ? B MG . ? A MG 202 ? 1_555 O   ? D HOH . ? A HOH 203 ? 1_555 83.4  ? 
3  O3B ? C GDP .  ? A GDP 201 ? 1_555 MG ? B MG . ? A MG 202 ? 1_555 O   ? D HOH . ? A HOH 203 ? 1_555 93.8  ? 
4  OG  ? A SER 20 ? A SER 20  ? 1_555 MG ? B MG . ? A MG 202 ? 1_555 O   ? D HOH . ? A HOH 204 ? 1_555 163.2 ? 
5  O3B ? C GDP .  ? A GDP 201 ? 1_555 MG ? B MG . ? A MG 202 ? 1_555 O   ? D HOH . ? A HOH 204 ? 1_555 100.4 ? 
6  O   ? D HOH .  ? A HOH 203 ? 1_555 MG ? B MG . ? A MG 202 ? 1_555 O   ? D HOH . ? A HOH 204 ? 1_555 111.8 ? 
7  OG  ? A SER 20 ? A SER 20  ? 1_555 MG ? B MG . ? A MG 202 ? 1_555 O   ? D HOH . ? A HOH 205 ? 1_555 83.3  ? 
8  O3B ? C GDP .  ? A GDP 201 ? 1_555 MG ? B MG . ? A MG 202 ? 1_555 O   ? D HOH . ? A HOH 205 ? 1_555 82.8  ? 
9  O   ? D HOH .  ? A HOH 203 ? 1_555 MG ? B MG . ? A MG 202 ? 1_555 O   ? D HOH . ? A HOH 205 ? 1_555 166.5 ? 
10 O   ? D HOH .  ? A HOH 204 ? 1_555 MG ? B MG . ? A MG 202 ? 1_555 O   ? D HOH . ? A HOH 205 ? 1_555 81.7  ? 
11 OG  ? A SER 20 ? A SER 20  ? 1_555 MG ? B MG . ? A MG 202 ? 1_555 O   ? D HOH . ? A HOH 206 ? 1_555 85.0  ? 
12 O3B ? C GDP .  ? A GDP 201 ? 1_555 MG ? B MG . ? A MG 202 ? 1_555 O   ? D HOH . ? A HOH 206 ? 1_555 167.7 ? 
13 O   ? D HOH .  ? A HOH 203 ? 1_555 MG ? B MG . ? A MG 202 ? 1_555 O   ? D HOH . ? A HOH 206 ? 1_555 91.9  ? 
14 O   ? D HOH .  ? A HOH 204 ? 1_555 MG ? B MG . ? A MG 202 ? 1_555 O   ? D HOH . ? A HOH 206 ? 1_555 87.4  ? 
15 O   ? D HOH .  ? A HOH 205 ? 1_555 MG ? B MG . ? A MG 202 ? 1_555 O   ? D HOH . ? A HOH 206 ? 1_555 89.1  ? 
# 
loop_
_pdbx_audit_revision_history.ordinal 
_pdbx_audit_revision_history.data_content_type 
_pdbx_audit_revision_history.major_revision 
_pdbx_audit_revision_history.minor_revision 
_pdbx_audit_revision_history.revision_date 
1 'Structure model' 1 0 2005-03-08 
2 'Structure model' 1 1 2008-04-30 
3 'Structure model' 1 2 2011-07-13 
4 'Structure model' 1 3 2017-10-11 
5 'Structure model' 1 4 2023-10-25 
# 
_pdbx_audit_revision_details.ordinal             1 
_pdbx_audit_revision_details.revision_ordinal    1 
_pdbx_audit_revision_details.data_content_type   'Structure model' 
_pdbx_audit_revision_details.provider            repository 
_pdbx_audit_revision_details.type                'Initial release' 
_pdbx_audit_revision_details.description         ? 
_pdbx_audit_revision_details.details             ? 
# 
loop_
_pdbx_audit_revision_group.ordinal 
_pdbx_audit_revision_group.revision_ordinal 
_pdbx_audit_revision_group.data_content_type 
_pdbx_audit_revision_group.group 
1 2 'Structure model' 'Version format compliance' 
2 3 'Structure model' 'Version format compliance' 
3 4 'Structure model' 'Refinement description'    
4 5 'Structure model' 'Data collection'           
5 5 'Structure model' 'Database references'       
6 5 'Structure model' 'Derived calculations'      
7 5 'Structure model' 'Refinement description'    
# 
loop_
_pdbx_audit_revision_category.ordinal 
_pdbx_audit_revision_category.revision_ordinal 
_pdbx_audit_revision_category.data_content_type 
_pdbx_audit_revision_category.category 
1 4 'Structure model' software                      
2 5 'Structure model' chem_comp_atom                
3 5 'Structure model' chem_comp_bond                
4 5 'Structure model' database_2                    
5 5 'Structure model' pdbx_initial_refinement_model 
6 5 'Structure model' pdbx_struct_conn_angle        
7 5 'Structure model' struct_conn                   
8 5 'Structure model' struct_ref_seq_dif            
9 5 'Structure model' struct_site                   
# 
loop_
_pdbx_audit_revision_item.ordinal 
_pdbx_audit_revision_item.revision_ordinal 
_pdbx_audit_revision_item.data_content_type 
_pdbx_audit_revision_item.item 
1  5 'Structure model' '_database_2.pdbx_DOI'                        
2  5 'Structure model' '_database_2.pdbx_database_accession'         
3  5 'Structure model' '_pdbx_struct_conn_angle.ptnr1_auth_comp_id'  
4  5 'Structure model' '_pdbx_struct_conn_angle.ptnr1_auth_seq_id'   
5  5 'Structure model' '_pdbx_struct_conn_angle.ptnr1_label_asym_id' 
6  5 'Structure model' '_pdbx_struct_conn_angle.ptnr1_label_atom_id' 
7  5 'Structure model' '_pdbx_struct_conn_angle.ptnr1_label_comp_id' 
8  5 'Structure model' '_pdbx_struct_conn_angle.ptnr1_label_seq_id'  
9  5 'Structure model' '_pdbx_struct_conn_angle.ptnr3_auth_comp_id'  
10 5 'Structure model' '_pdbx_struct_conn_angle.ptnr3_auth_seq_id'   
11 5 'Structure model' '_pdbx_struct_conn_angle.ptnr3_label_asym_id' 
12 5 'Structure model' '_pdbx_struct_conn_angle.ptnr3_label_atom_id' 
13 5 'Structure model' '_pdbx_struct_conn_angle.ptnr3_label_comp_id' 
14 5 'Structure model' '_pdbx_struct_conn_angle.ptnr3_label_seq_id'  
15 5 'Structure model' '_pdbx_struct_conn_angle.value'               
16 5 'Structure model' '_struct_conn.pdbx_dist_value'                
17 5 'Structure model' '_struct_conn.ptnr1_auth_comp_id'             
18 5 'Structure model' '_struct_conn.ptnr1_auth_seq_id'              
19 5 'Structure model' '_struct_conn.ptnr1_label_asym_id'            
20 5 'Structure model' '_struct_conn.ptnr1_label_atom_id'            
21 5 'Structure model' '_struct_conn.ptnr1_label_comp_id'            
22 5 'Structure model' '_struct_conn.ptnr1_label_seq_id'             
23 5 'Structure model' '_struct_conn.ptnr2_auth_comp_id'             
24 5 'Structure model' '_struct_conn.ptnr2_auth_seq_id'              
25 5 'Structure model' '_struct_conn.ptnr2_label_asym_id'            
26 5 'Structure model' '_struct_conn.ptnr2_label_atom_id'            
27 5 'Structure model' '_struct_conn.ptnr2_label_comp_id'            
28 5 'Structure model' '_struct_conn.ptnr2_label_seq_id'             
29 5 'Structure model' '_struct_ref_seq_dif.details'                 
30 5 'Structure model' '_struct_site.pdbx_auth_asym_id'              
31 5 'Structure model' '_struct_site.pdbx_auth_comp_id'              
32 5 'Structure model' '_struct_site.pdbx_auth_seq_id'               
# 
loop_
_software.name 
_software.classification 
_software.version 
_software.citation_id 
_software.pdbx_ordinal 
TRUNCATE 'data reduction' .            ? 1 
CNS      refinement       .            ? 2 
CCP4     'data scaling'   '(TRUNCATE)' ? 3 
CNS      phasing          .            ? 4 
# 
loop_
_pdbx_validate_torsion.id 
_pdbx_validate_torsion.PDB_model_num 
_pdbx_validate_torsion.auth_comp_id 
_pdbx_validate_torsion.auth_asym_id 
_pdbx_validate_torsion.auth_seq_id 
_pdbx_validate_torsion.PDB_ins_code 
_pdbx_validate_torsion.label_alt_id 
_pdbx_validate_torsion.phi 
_pdbx_validate_torsion.psi 
1 1 PHE A 70  ? ? -39.58 119.72 
2 1 VAL A 110 ? ? -57.57 -8.35  
# 
loop_
_pdbx_unobs_or_zero_occ_residues.id 
_pdbx_unobs_or_zero_occ_residues.PDB_model_num 
_pdbx_unobs_or_zero_occ_residues.polymer_flag 
_pdbx_unobs_or_zero_occ_residues.occupancy_flag 
_pdbx_unobs_or_zero_occ_residues.auth_asym_id 
_pdbx_unobs_or_zero_occ_residues.auth_comp_id 
_pdbx_unobs_or_zero_occ_residues.auth_seq_id 
_pdbx_unobs_or_zero_occ_residues.PDB_ins_code 
_pdbx_unobs_or_zero_occ_residues.label_asym_id 
_pdbx_unobs_or_zero_occ_residues.label_comp_id 
_pdbx_unobs_or_zero_occ_residues.label_seq_id 
1 1 Y 1 A MET 1   ? A MET 1   
2 1 Y 1 A PRO 2   ? A PRO 2   
3 1 Y 1 A HIS 172 ? A HIS 172 
4 1 Y 1 A HIS 173 ? A HIS 173 
5 1 Y 1 A HIS 174 ? A HIS 174 
6 1 Y 1 A HIS 175 ? A HIS 175 
7 1 Y 1 A HIS 176 ? A HIS 176 
8 1 Y 1 A HIS 177 ? A HIS 177 
# 
loop_
_chem_comp_atom.comp_id 
_chem_comp_atom.atom_id 
_chem_comp_atom.type_symbol 
_chem_comp_atom.pdbx_aromatic_flag 
_chem_comp_atom.pdbx_stereo_config 
_chem_comp_atom.pdbx_ordinal 
ALA N      N  N N 1   
ALA CA     C  N S 2   
ALA C      C  N N 3   
ALA O      O  N N 4   
ALA CB     C  N N 5   
ALA OXT    O  N N 6   
ALA H      H  N N 7   
ALA H2     H  N N 8   
ALA HA     H  N N 9   
ALA HB1    H  N N 10  
ALA HB2    H  N N 11  
ALA HB3    H  N N 12  
ALA HXT    H  N N 13  
ARG N      N  N N 14  
ARG CA     C  N S 15  
ARG C      C  N N 16  
ARG O      O  N N 17  
ARG CB     C  N N 18  
ARG CG     C  N N 19  
ARG CD     C  N N 20  
ARG NE     N  N N 21  
ARG CZ     C  N N 22  
ARG NH1    N  N N 23  
ARG NH2    N  N N 24  
ARG OXT    O  N N 25  
ARG H      H  N N 26  
ARG H2     H  N N 27  
ARG HA     H  N N 28  
ARG HB2    H  N N 29  
ARG HB3    H  N N 30  
ARG HG2    H  N N 31  
ARG HG3    H  N N 32  
ARG HD2    H  N N 33  
ARG HD3    H  N N 34  
ARG HE     H  N N 35  
ARG HH11   H  N N 36  
ARG HH12   H  N N 37  
ARG HH21   H  N N 38  
ARG HH22   H  N N 39  
ARG HXT    H  N N 40  
ASN N      N  N N 41  
ASN CA     C  N S 42  
ASN C      C  N N 43  
ASN O      O  N N 44  
ASN CB     C  N N 45  
ASN CG     C  N N 46  
ASN OD1    O  N N 47  
ASN ND2    N  N N 48  
ASN OXT    O  N N 49  
ASN H      H  N N 50  
ASN H2     H  N N 51  
ASN HA     H  N N 52  
ASN HB2    H  N N 53  
ASN HB3    H  N N 54  
ASN HD21   H  N N 55  
ASN HD22   H  N N 56  
ASN HXT    H  N N 57  
ASP N      N  N N 58  
ASP CA     C  N S 59  
ASP C      C  N N 60  
ASP O      O  N N 61  
ASP CB     C  N N 62  
ASP CG     C  N N 63  
ASP OD1    O  N N 64  
ASP OD2    O  N N 65  
ASP OXT    O  N N 66  
ASP H      H  N N 67  
ASP H2     H  N N 68  
ASP HA     H  N N 69  
ASP HB2    H  N N 70  
ASP HB3    H  N N 71  
ASP HD2    H  N N 72  
ASP HXT    H  N N 73  
GDP PB     P  N N 74  
GDP O1B    O  N N 75  
GDP O2B    O  N N 76  
GDP O3B    O  N N 77  
GDP O3A    O  N N 78  
GDP PA     P  N N 79  
GDP O1A    O  N N 80  
GDP O2A    O  N N 81  
GDP "O5'"  O  N N 82  
GDP "C5'"  C  N N 83  
GDP "C4'"  C  N R 84  
GDP "O4'"  O  N N 85  
GDP "C3'"  C  N S 86  
GDP "O3'"  O  N N 87  
GDP "C2'"  C  N R 88  
GDP "O2'"  O  N N 89  
GDP "C1'"  C  N R 90  
GDP N9     N  Y N 91  
GDP C8     C  Y N 92  
GDP N7     N  Y N 93  
GDP C5     C  Y N 94  
GDP C6     C  N N 95  
GDP O6     O  N N 96  
GDP N1     N  N N 97  
GDP C2     C  N N 98  
GDP N2     N  N N 99  
GDP N3     N  N N 100 
GDP C4     C  Y N 101 
GDP HOB2   H  N N 102 
GDP HOB3   H  N N 103 
GDP HOA2   H  N N 104 
GDP "H5'"  H  N N 105 
GDP "H5''" H  N N 106 
GDP "H4'"  H  N N 107 
GDP "H3'"  H  N N 108 
GDP "HO3'" H  N N 109 
GDP "H2'"  H  N N 110 
GDP "HO2'" H  N N 111 
GDP "H1'"  H  N N 112 
GDP H8     H  N N 113 
GDP HN1    H  N N 114 
GDP HN21   H  N N 115 
GDP HN22   H  N N 116 
GLN N      N  N N 117 
GLN CA     C  N S 118 
GLN C      C  N N 119 
GLN O      O  N N 120 
GLN CB     C  N N 121 
GLN CG     C  N N 122 
GLN CD     C  N N 123 
GLN OE1    O  N N 124 
GLN NE2    N  N N 125 
GLN OXT    O  N N 126 
GLN H      H  N N 127 
GLN H2     H  N N 128 
GLN HA     H  N N 129 
GLN HB2    H  N N 130 
GLN HB3    H  N N 131 
GLN HG2    H  N N 132 
GLN HG3    H  N N 133 
GLN HE21   H  N N 134 
GLN HE22   H  N N 135 
GLN HXT    H  N N 136 
GLU N      N  N N 137 
GLU CA     C  N S 138 
GLU C      C  N N 139 
GLU O      O  N N 140 
GLU CB     C  N N 141 
GLU CG     C  N N 142 
GLU CD     C  N N 143 
GLU OE1    O  N N 144 
GLU OE2    O  N N 145 
GLU OXT    O  N N 146 
GLU H      H  N N 147 
GLU H2     H  N N 148 
GLU HA     H  N N 149 
GLU HB2    H  N N 150 
GLU HB3    H  N N 151 
GLU HG2    H  N N 152 
GLU HG3    H  N N 153 
GLU HE2    H  N N 154 
GLU HXT    H  N N 155 
GLY N      N  N N 156 
GLY CA     C  N N 157 
GLY C      C  N N 158 
GLY O      O  N N 159 
GLY OXT    O  N N 160 
GLY H      H  N N 161 
GLY H2     H  N N 162 
GLY HA2    H  N N 163 
GLY HA3    H  N N 164 
GLY HXT    H  N N 165 
HIS N      N  N N 166 
HIS CA     C  N S 167 
HIS C      C  N N 168 
HIS O      O  N N 169 
HIS CB     C  N N 170 
HIS CG     C  Y N 171 
HIS ND1    N  Y N 172 
HIS CD2    C  Y N 173 
HIS CE1    C  Y N 174 
HIS NE2    N  Y N 175 
HIS OXT    O  N N 176 
HIS H      H  N N 177 
HIS H2     H  N N 178 
HIS HA     H  N N 179 
HIS HB2    H  N N 180 
HIS HB3    H  N N 181 
HIS HD1    H  N N 182 
HIS HD2    H  N N 183 
HIS HE1    H  N N 184 
HIS HE2    H  N N 185 
HIS HXT    H  N N 186 
HOH O      O  N N 187 
HOH H1     H  N N 188 
HOH H2     H  N N 189 
ILE N      N  N N 190 
ILE CA     C  N S 191 
ILE C      C  N N 192 
ILE O      O  N N 193 
ILE CB     C  N S 194 
ILE CG1    C  N N 195 
ILE CG2    C  N N 196 
ILE CD1    C  N N 197 
ILE OXT    O  N N 198 
ILE H      H  N N 199 
ILE H2     H  N N 200 
ILE HA     H  N N 201 
ILE HB     H  N N 202 
ILE HG12   H  N N 203 
ILE HG13   H  N N 204 
ILE HG21   H  N N 205 
ILE HG22   H  N N 206 
ILE HG23   H  N N 207 
ILE HD11   H  N N 208 
ILE HD12   H  N N 209 
ILE HD13   H  N N 210 
ILE HXT    H  N N 211 
LEU N      N  N N 212 
LEU CA     C  N S 213 
LEU C      C  N N 214 
LEU O      O  N N 215 
LEU CB     C  N N 216 
LEU CG     C  N N 217 
LEU CD1    C  N N 218 
LEU CD2    C  N N 219 
LEU OXT    O  N N 220 
LEU H      H  N N 221 
LEU H2     H  N N 222 
LEU HA     H  N N 223 
LEU HB2    H  N N 224 
LEU HB3    H  N N 225 
LEU HG     H  N N 226 
LEU HD11   H  N N 227 
LEU HD12   H  N N 228 
LEU HD13   H  N N 229 
LEU HD21   H  N N 230 
LEU HD22   H  N N 231 
LEU HD23   H  N N 232 
LEU HXT    H  N N 233 
LYS N      N  N N 234 
LYS CA     C  N S 235 
LYS C      C  N N 236 
LYS O      O  N N 237 
LYS CB     C  N N 238 
LYS CG     C  N N 239 
LYS CD     C  N N 240 
LYS CE     C  N N 241 
LYS NZ     N  N N 242 
LYS OXT    O  N N 243 
LYS H      H  N N 244 
LYS H2     H  N N 245 
LYS HA     H  N N 246 
LYS HB2    H  N N 247 
LYS HB3    H  N N 248 
LYS HG2    H  N N 249 
LYS HG3    H  N N 250 
LYS HD2    H  N N 251 
LYS HD3    H  N N 252 
LYS HE2    H  N N 253 
LYS HE3    H  N N 254 
LYS HZ1    H  N N 255 
LYS HZ2    H  N N 256 
LYS HZ3    H  N N 257 
LYS HXT    H  N N 258 
MET N      N  N N 259 
MET CA     C  N S 260 
MET C      C  N N 261 
MET O      O  N N 262 
MET CB     C  N N 263 
MET CG     C  N N 264 
MET SD     S  N N 265 
MET CE     C  N N 266 
MET OXT    O  N N 267 
MET H      H  N N 268 
MET H2     H  N N 269 
MET HA     H  N N 270 
MET HB2    H  N N 271 
MET HB3    H  N N 272 
MET HG2    H  N N 273 
MET HG3    H  N N 274 
MET HE1    H  N N 275 
MET HE2    H  N N 276 
MET HE3    H  N N 277 
MET HXT    H  N N 278 
MG  MG     MG N N 279 
PHE N      N  N N 280 
PHE CA     C  N S 281 
PHE C      C  N N 282 
PHE O      O  N N 283 
PHE CB     C  N N 284 
PHE CG     C  Y N 285 
PHE CD1    C  Y N 286 
PHE CD2    C  Y N 287 
PHE CE1    C  Y N 288 
PHE CE2    C  Y N 289 
PHE CZ     C  Y N 290 
PHE OXT    O  N N 291 
PHE H      H  N N 292 
PHE H2     H  N N 293 
PHE HA     H  N N 294 
PHE HB2    H  N N 295 
PHE HB3    H  N N 296 
PHE HD1    H  N N 297 
PHE HD2    H  N N 298 
PHE HE1    H  N N 299 
PHE HE2    H  N N 300 
PHE HZ     H  N N 301 
PHE HXT    H  N N 302 
PRO N      N  N N 303 
PRO CA     C  N S 304 
PRO C      C  N N 305 
PRO O      O  N N 306 
PRO CB     C  N N 307 
PRO CG     C  N N 308 
PRO CD     C  N N 309 
PRO OXT    O  N N 310 
PRO H      H  N N 311 
PRO HA     H  N N 312 
PRO HB2    H  N N 313 
PRO HB3    H  N N 314 
PRO HG2    H  N N 315 
PRO HG3    H  N N 316 
PRO HD2    H  N N 317 
PRO HD3    H  N N 318 
PRO HXT    H  N N 319 
SER N      N  N N 320 
SER CA     C  N S 321 
SER C      C  N N 322 
SER O      O  N N 323 
SER CB     C  N N 324 
SER OG     O  N N 325 
SER OXT    O  N N 326 
SER H      H  N N 327 
SER H2     H  N N 328 
SER HA     H  N N 329 
SER HB2    H  N N 330 
SER HB3    H  N N 331 
SER HG     H  N N 332 
SER HXT    H  N N 333 
THR N      N  N N 334 
THR CA     C  N S 335 
THR C      C  N N 336 
THR O      O  N N 337 
THR CB     C  N R 338 
THR OG1    O  N N 339 
THR CG2    C  N N 340 
THR OXT    O  N N 341 
THR H      H  N N 342 
THR H2     H  N N 343 
THR HA     H  N N 344 
THR HB     H  N N 345 
THR HG1    H  N N 346 
THR HG21   H  N N 347 
THR HG22   H  N N 348 
THR HG23   H  N N 349 
THR HXT    H  N N 350 
TRP N      N  N N 351 
TRP CA     C  N S 352 
TRP C      C  N N 353 
TRP O      O  N N 354 
TRP CB     C  N N 355 
TRP CG     C  Y N 356 
TRP CD1    C  Y N 357 
TRP CD2    C  Y N 358 
TRP NE1    N  Y N 359 
TRP CE2    C  Y N 360 
TRP CE3    C  Y N 361 
TRP CZ2    C  Y N 362 
TRP CZ3    C  Y N 363 
TRP CH2    C  Y N 364 
TRP OXT    O  N N 365 
TRP H      H  N N 366 
TRP H2     H  N N 367 
TRP HA     H  N N 368 
TRP HB2    H  N N 369 
TRP HB3    H  N N 370 
TRP HD1    H  N N 371 
TRP HE1    H  N N 372 
TRP HE3    H  N N 373 
TRP HZ2    H  N N 374 
TRP HZ3    H  N N 375 
TRP HH2    H  N N 376 
TRP HXT    H  N N 377 
TYR N      N  N N 378 
TYR CA     C  N S 379 
TYR C      C  N N 380 
TYR O      O  N N 381 
TYR CB     C  N N 382 
TYR CG     C  Y N 383 
TYR CD1    C  Y N 384 
TYR CD2    C  Y N 385 
TYR CE1    C  Y N 386 
TYR CE2    C  Y N 387 
TYR CZ     C  Y N 388 
TYR OH     O  N N 389 
TYR OXT    O  N N 390 
TYR H      H  N N 391 
TYR H2     H  N N 392 
TYR HA     H  N N 393 
TYR HB2    H  N N 394 
TYR HB3    H  N N 395 
TYR HD1    H  N N 396 
TYR HD2    H  N N 397 
TYR HE1    H  N N 398 
TYR HE2    H  N N 399 
TYR HH     H  N N 400 
TYR HXT    H  N N 401 
VAL N      N  N N 402 
VAL CA     C  N S 403 
VAL C      C  N N 404 
VAL O      O  N N 405 
VAL CB     C  N N 406 
VAL CG1    C  N N 407 
VAL CG2    C  N N 408 
VAL OXT    O  N N 409 
VAL H      H  N N 410 
VAL H2     H  N N 411 
VAL HA     H  N N 412 
VAL HB     H  N N 413 
VAL HG11   H  N N 414 
VAL HG12   H  N N 415 
VAL HG13   H  N N 416 
VAL HG21   H  N N 417 
VAL HG22   H  N N 418 
VAL HG23   H  N N 419 
VAL HXT    H  N N 420 
# 
loop_
_chem_comp_bond.comp_id 
_chem_comp_bond.atom_id_1 
_chem_comp_bond.atom_id_2 
_chem_comp_bond.value_order 
_chem_comp_bond.pdbx_aromatic_flag 
_chem_comp_bond.pdbx_stereo_config 
_chem_comp_bond.pdbx_ordinal 
ALA N     CA     sing N N 1   
ALA N     H      sing N N 2   
ALA N     H2     sing N N 3   
ALA CA    C      sing N N 4   
ALA CA    CB     sing N N 5   
ALA CA    HA     sing N N 6   
ALA C     O      doub N N 7   
ALA C     OXT    sing N N 8   
ALA CB    HB1    sing N N 9   
ALA CB    HB2    sing N N 10  
ALA CB    HB3    sing N N 11  
ALA OXT   HXT    sing N N 12  
ARG N     CA     sing N N 13  
ARG N     H      sing N N 14  
ARG N     H2     sing N N 15  
ARG CA    C      sing N N 16  
ARG CA    CB     sing N N 17  
ARG CA    HA     sing N N 18  
ARG C     O      doub N N 19  
ARG C     OXT    sing N N 20  
ARG CB    CG     sing N N 21  
ARG CB    HB2    sing N N 22  
ARG CB    HB3    sing N N 23  
ARG CG    CD     sing N N 24  
ARG CG    HG2    sing N N 25  
ARG CG    HG3    sing N N 26  
ARG CD    NE     sing N N 27  
ARG CD    HD2    sing N N 28  
ARG CD    HD3    sing N N 29  
ARG NE    CZ     sing N N 30  
ARG NE    HE     sing N N 31  
ARG CZ    NH1    sing N N 32  
ARG CZ    NH2    doub N N 33  
ARG NH1   HH11   sing N N 34  
ARG NH1   HH12   sing N N 35  
ARG NH2   HH21   sing N N 36  
ARG NH2   HH22   sing N N 37  
ARG OXT   HXT    sing N N 38  
ASN N     CA     sing N N 39  
ASN N     H      sing N N 40  
ASN N     H2     sing N N 41  
ASN CA    C      sing N N 42  
ASN CA    CB     sing N N 43  
ASN CA    HA     sing N N 44  
ASN C     O      doub N N 45  
ASN C     OXT    sing N N 46  
ASN CB    CG     sing N N 47  
ASN CB    HB2    sing N N 48  
ASN CB    HB3    sing N N 49  
ASN CG    OD1    doub N N 50  
ASN CG    ND2    sing N N 51  
ASN ND2   HD21   sing N N 52  
ASN ND2   HD22   sing N N 53  
ASN OXT   HXT    sing N N 54  
ASP N     CA     sing N N 55  
ASP N     H      sing N N 56  
ASP N     H2     sing N N 57  
ASP CA    C      sing N N 58  
ASP CA    CB     sing N N 59  
ASP CA    HA     sing N N 60  
ASP C     O      doub N N 61  
ASP C     OXT    sing N N 62  
ASP CB    CG     sing N N 63  
ASP CB    HB2    sing N N 64  
ASP CB    HB3    sing N N 65  
ASP CG    OD1    doub N N 66  
ASP CG    OD2    sing N N 67  
ASP OD2   HD2    sing N N 68  
ASP OXT   HXT    sing N N 69  
GDP PB    O1B    doub N N 70  
GDP PB    O2B    sing N N 71  
GDP PB    O3B    sing N N 72  
GDP PB    O3A    sing N N 73  
GDP O2B   HOB2   sing N N 74  
GDP O3B   HOB3   sing N N 75  
GDP O3A   PA     sing N N 76  
GDP PA    O1A    doub N N 77  
GDP PA    O2A    sing N N 78  
GDP PA    "O5'"  sing N N 79  
GDP O2A   HOA2   sing N N 80  
GDP "O5'" "C5'"  sing N N 81  
GDP "C5'" "C4'"  sing N N 82  
GDP "C5'" "H5'"  sing N N 83  
GDP "C5'" "H5''" sing N N 84  
GDP "C4'" "O4'"  sing N N 85  
GDP "C4'" "C3'"  sing N N 86  
GDP "C4'" "H4'"  sing N N 87  
GDP "O4'" "C1'"  sing N N 88  
GDP "C3'" "O3'"  sing N N 89  
GDP "C3'" "C2'"  sing N N 90  
GDP "C3'" "H3'"  sing N N 91  
GDP "O3'" "HO3'" sing N N 92  
GDP "C2'" "O2'"  sing N N 93  
GDP "C2'" "C1'"  sing N N 94  
GDP "C2'" "H2'"  sing N N 95  
GDP "O2'" "HO2'" sing N N 96  
GDP "C1'" N9     sing N N 97  
GDP "C1'" "H1'"  sing N N 98  
GDP N9    C8     sing Y N 99  
GDP N9    C4     sing Y N 100 
GDP C8    N7     doub Y N 101 
GDP C8    H8     sing N N 102 
GDP N7    C5     sing Y N 103 
GDP C5    C6     sing N N 104 
GDP C5    C4     doub Y N 105 
GDP C6    O6     doub N N 106 
GDP C6    N1     sing N N 107 
GDP N1    C2     sing N N 108 
GDP N1    HN1    sing N N 109 
GDP C2    N2     sing N N 110 
GDP C2    N3     doub N N 111 
GDP N2    HN21   sing N N 112 
GDP N2    HN22   sing N N 113 
GDP N3    C4     sing N N 114 
GLN N     CA     sing N N 115 
GLN N     H      sing N N 116 
GLN N     H2     sing N N 117 
GLN CA    C      sing N N 118 
GLN CA    CB     sing N N 119 
GLN CA    HA     sing N N 120 
GLN C     O      doub N N 121 
GLN C     OXT    sing N N 122 
GLN CB    CG     sing N N 123 
GLN CB    HB2    sing N N 124 
GLN CB    HB3    sing N N 125 
GLN CG    CD     sing N N 126 
GLN CG    HG2    sing N N 127 
GLN CG    HG3    sing N N 128 
GLN CD    OE1    doub N N 129 
GLN CD    NE2    sing N N 130 
GLN NE2   HE21   sing N N 131 
GLN NE2   HE22   sing N N 132 
GLN OXT   HXT    sing N N 133 
GLU N     CA     sing N N 134 
GLU N     H      sing N N 135 
GLU N     H2     sing N N 136 
GLU CA    C      sing N N 137 
GLU CA    CB     sing N N 138 
GLU CA    HA     sing N N 139 
GLU C     O      doub N N 140 
GLU C     OXT    sing N N 141 
GLU CB    CG     sing N N 142 
GLU CB    HB2    sing N N 143 
GLU CB    HB3    sing N N 144 
GLU CG    CD     sing N N 145 
GLU CG    HG2    sing N N 146 
GLU CG    HG3    sing N N 147 
GLU CD    OE1    doub N N 148 
GLU CD    OE2    sing N N 149 
GLU OE2   HE2    sing N N 150 
GLU OXT   HXT    sing N N 151 
GLY N     CA     sing N N 152 
GLY N     H      sing N N 153 
GLY N     H2     sing N N 154 
GLY CA    C      sing N N 155 
GLY CA    HA2    sing N N 156 
GLY CA    HA3    sing N N 157 
GLY C     O      doub N N 158 
GLY C     OXT    sing N N 159 
GLY OXT   HXT    sing N N 160 
HIS N     CA     sing N N 161 
HIS N     H      sing N N 162 
HIS N     H2     sing N N 163 
HIS CA    C      sing N N 164 
HIS CA    CB     sing N N 165 
HIS CA    HA     sing N N 166 
HIS C     O      doub N N 167 
HIS C     OXT    sing N N 168 
HIS CB    CG     sing N N 169 
HIS CB    HB2    sing N N 170 
HIS CB    HB3    sing N N 171 
HIS CG    ND1    sing Y N 172 
HIS CG    CD2    doub Y N 173 
HIS ND1   CE1    doub Y N 174 
HIS ND1   HD1    sing N N 175 
HIS CD2   NE2    sing Y N 176 
HIS CD2   HD2    sing N N 177 
HIS CE1   NE2    sing Y N 178 
HIS CE1   HE1    sing N N 179 
HIS NE2   HE2    sing N N 180 
HIS OXT   HXT    sing N N 181 
HOH O     H1     sing N N 182 
HOH O     H2     sing N N 183 
ILE N     CA     sing N N 184 
ILE N     H      sing N N 185 
ILE N     H2     sing N N 186 
ILE CA    C      sing N N 187 
ILE CA    CB     sing N N 188 
ILE CA    HA     sing N N 189 
ILE C     O      doub N N 190 
ILE C     OXT    sing N N 191 
ILE CB    CG1    sing N N 192 
ILE CB    CG2    sing N N 193 
ILE CB    HB     sing N N 194 
ILE CG1   CD1    sing N N 195 
ILE CG1   HG12   sing N N 196 
ILE CG1   HG13   sing N N 197 
ILE CG2   HG21   sing N N 198 
ILE CG2   HG22   sing N N 199 
ILE CG2   HG23   sing N N 200 
ILE CD1   HD11   sing N N 201 
ILE CD1   HD12   sing N N 202 
ILE CD1   HD13   sing N N 203 
ILE OXT   HXT    sing N N 204 
LEU N     CA     sing N N 205 
LEU N     H      sing N N 206 
LEU N     H2     sing N N 207 
LEU CA    C      sing N N 208 
LEU CA    CB     sing N N 209 
LEU CA    HA     sing N N 210 
LEU C     O      doub N N 211 
LEU C     OXT    sing N N 212 
LEU CB    CG     sing N N 213 
LEU CB    HB2    sing N N 214 
LEU CB    HB3    sing N N 215 
LEU CG    CD1    sing N N 216 
LEU CG    CD2    sing N N 217 
LEU CG    HG     sing N N 218 
LEU CD1   HD11   sing N N 219 
LEU CD1   HD12   sing N N 220 
LEU CD1   HD13   sing N N 221 
LEU CD2   HD21   sing N N 222 
LEU CD2   HD22   sing N N 223 
LEU CD2   HD23   sing N N 224 
LEU OXT   HXT    sing N N 225 
LYS N     CA     sing N N 226 
LYS N     H      sing N N 227 
LYS N     H2     sing N N 228 
LYS CA    C      sing N N 229 
LYS CA    CB     sing N N 230 
LYS CA    HA     sing N N 231 
LYS C     O      doub N N 232 
LYS C     OXT    sing N N 233 
LYS CB    CG     sing N N 234 
LYS CB    HB2    sing N N 235 
LYS CB    HB3    sing N N 236 
LYS CG    CD     sing N N 237 
LYS CG    HG2    sing N N 238 
LYS CG    HG3    sing N N 239 
LYS CD    CE     sing N N 240 
LYS CD    HD2    sing N N 241 
LYS CD    HD3    sing N N 242 
LYS CE    NZ     sing N N 243 
LYS CE    HE2    sing N N 244 
LYS CE    HE3    sing N N 245 
LYS NZ    HZ1    sing N N 246 
LYS NZ    HZ2    sing N N 247 
LYS NZ    HZ3    sing N N 248 
LYS OXT   HXT    sing N N 249 
MET N     CA     sing N N 250 
MET N     H      sing N N 251 
MET N     H2     sing N N 252 
MET CA    C      sing N N 253 
MET CA    CB     sing N N 254 
MET CA    HA     sing N N 255 
MET C     O      doub N N 256 
MET C     OXT    sing N N 257 
MET CB    CG     sing N N 258 
MET CB    HB2    sing N N 259 
MET CB    HB3    sing N N 260 
MET CG    SD     sing N N 261 
MET CG    HG2    sing N N 262 
MET CG    HG3    sing N N 263 
MET SD    CE     sing N N 264 
MET CE    HE1    sing N N 265 
MET CE    HE2    sing N N 266 
MET CE    HE3    sing N N 267 
MET OXT   HXT    sing N N 268 
PHE N     CA     sing N N 269 
PHE N     H      sing N N 270 
PHE N     H2     sing N N 271 
PHE CA    C      sing N N 272 
PHE CA    CB     sing N N 273 
PHE CA    HA     sing N N 274 
PHE C     O      doub N N 275 
PHE C     OXT    sing N N 276 
PHE CB    CG     sing N N 277 
PHE CB    HB2    sing N N 278 
PHE CB    HB3    sing N N 279 
PHE CG    CD1    doub Y N 280 
PHE CG    CD2    sing Y N 281 
PHE CD1   CE1    sing Y N 282 
PHE CD1   HD1    sing N N 283 
PHE CD2   CE2    doub Y N 284 
PHE CD2   HD2    sing N N 285 
PHE CE1   CZ     doub Y N 286 
PHE CE1   HE1    sing N N 287 
PHE CE2   CZ     sing Y N 288 
PHE CE2   HE2    sing N N 289 
PHE CZ    HZ     sing N N 290 
PHE OXT   HXT    sing N N 291 
PRO N     CA     sing N N 292 
PRO N     CD     sing N N 293 
PRO N     H      sing N N 294 
PRO CA    C      sing N N 295 
PRO CA    CB     sing N N 296 
PRO CA    HA     sing N N 297 
PRO C     O      doub N N 298 
PRO C     OXT    sing N N 299 
PRO CB    CG     sing N N 300 
PRO CB    HB2    sing N N 301 
PRO CB    HB3    sing N N 302 
PRO CG    CD     sing N N 303 
PRO CG    HG2    sing N N 304 
PRO CG    HG3    sing N N 305 
PRO CD    HD2    sing N N 306 
PRO CD    HD3    sing N N 307 
PRO OXT   HXT    sing N N 308 
SER N     CA     sing N N 309 
SER N     H      sing N N 310 
SER N     H2     sing N N 311 
SER CA    C      sing N N 312 
SER CA    CB     sing N N 313 
SER CA    HA     sing N N 314 
SER C     O      doub N N 315 
SER C     OXT    sing N N 316 
SER CB    OG     sing N N 317 
SER CB    HB2    sing N N 318 
SER CB    HB3    sing N N 319 
SER OG    HG     sing N N 320 
SER OXT   HXT    sing N N 321 
THR N     CA     sing N N 322 
THR N     H      sing N N 323 
THR N     H2     sing N N 324 
THR CA    C      sing N N 325 
THR CA    CB     sing N N 326 
THR CA    HA     sing N N 327 
THR C     O      doub N N 328 
THR C     OXT    sing N N 329 
THR CB    OG1    sing N N 330 
THR CB    CG2    sing N N 331 
THR CB    HB     sing N N 332 
THR OG1   HG1    sing N N 333 
THR CG2   HG21   sing N N 334 
THR CG2   HG22   sing N N 335 
THR CG2   HG23   sing N N 336 
THR OXT   HXT    sing N N 337 
TRP N     CA     sing N N 338 
TRP N     H      sing N N 339 
TRP N     H2     sing N N 340 
TRP CA    C      sing N N 341 
TRP CA    CB     sing N N 342 
TRP CA    HA     sing N N 343 
TRP C     O      doub N N 344 
TRP C     OXT    sing N N 345 
TRP CB    CG     sing N N 346 
TRP CB    HB2    sing N N 347 
TRP CB    HB3    sing N N 348 
TRP CG    CD1    doub Y N 349 
TRP CG    CD2    sing Y N 350 
TRP CD1   NE1    sing Y N 351 
TRP CD1   HD1    sing N N 352 
TRP CD2   CE2    doub Y N 353 
TRP CD2   CE3    sing Y N 354 
TRP NE1   CE2    sing Y N 355 
TRP NE1   HE1    sing N N 356 
TRP CE2   CZ2    sing Y N 357 
TRP CE3   CZ3    doub Y N 358 
TRP CE3   HE3    sing N N 359 
TRP CZ2   CH2    doub Y N 360 
TRP CZ2   HZ2    sing N N 361 
TRP CZ3   CH2    sing Y N 362 
TRP CZ3   HZ3    sing N N 363 
TRP CH2   HH2    sing N N 364 
TRP OXT   HXT    sing N N 365 
TYR N     CA     sing N N 366 
TYR N     H      sing N N 367 
TYR N     H2     sing N N 368 
TYR CA    C      sing N N 369 
TYR CA    CB     sing N N 370 
TYR CA    HA     sing N N 371 
TYR C     O      doub N N 372 
TYR C     OXT    sing N N 373 
TYR CB    CG     sing N N 374 
TYR CB    HB2    sing N N 375 
TYR CB    HB3    sing N N 376 
TYR CG    CD1    doub Y N 377 
TYR CG    CD2    sing Y N 378 
TYR CD1   CE1    sing Y N 379 
TYR CD1   HD1    sing N N 380 
TYR CD2   CE2    doub Y N 381 
TYR CD2   HD2    sing N N 382 
TYR CE1   CZ     doub Y N 383 
TYR CE1   HE1    sing N N 384 
TYR CE2   CZ     sing Y N 385 
TYR CE2   HE2    sing N N 386 
TYR CZ    OH     sing N N 387 
TYR OH    HH     sing N N 388 
TYR OXT   HXT    sing N N 389 
VAL N     CA     sing N N 390 
VAL N     H      sing N N 391 
VAL N     H2     sing N N 392 
VAL CA    C      sing N N 393 
VAL CA    CB     sing N N 394 
VAL CA    HA     sing N N 395 
VAL C     O      doub N N 396 
VAL C     OXT    sing N N 397 
VAL CB    CG1    sing N N 398 
VAL CB    CG2    sing N N 399 
VAL CB    HB     sing N N 400 
VAL CG1   HG11   sing N N 401 
VAL CG1   HG12   sing N N 402 
VAL CG1   HG13   sing N N 403 
VAL CG2   HG21   sing N N 404 
VAL CG2   HG22   sing N N 405 
VAL CG2   HG23   sing N N 406 
VAL OXT   HXT    sing N N 407 
# 
loop_
_pdbx_entity_nonpoly.entity_id 
_pdbx_entity_nonpoly.name 
_pdbx_entity_nonpoly.comp_id 
2 'MAGNESIUM ION'            MG  
3 "GUANOSINE-5'-DIPHOSPHATE" GDP 
4 water                      HOH 
# 
loop_
_pdbx_initial_refinement_model.id 
_pdbx_initial_refinement_model.entity_id_list 
_pdbx_initial_refinement_model.type 
_pdbx_initial_refinement_model.source_name 
_pdbx_initial_refinement_model.accession_code 
_pdbx_initial_refinement_model.details 
1 ? 'experimental model' PDB 1KAO 'PDB entries 1KAO, 1GUA' 
2 ? 'experimental model' PDB 1GUA 'PDB entries 1KAO, 1GUA' 
# 
